data_5F6X
# 
_entry.id   5F6X 
# 
_audit_conform.dict_name       mmcif_pdbx.dic 
_audit_conform.dict_version    5.379 
_audit_conform.dict_location   http://mmcif.pdb.org/dictionaries/ascii/mmcif_pdbx.dic 
# 
loop_
_database_2.database_id 
_database_2.database_code 
_database_2.pdbx_database_accession 
_database_2.pdbx_DOI 
PDB   5F6X         pdb_00005f6x 10.2210/pdb5f6x/pdb 
WWPDB D_1000216115 ?            ?                   
# 
loop_
_pdbx_database_related.content_type 
_pdbx_database_related.db_id 
_pdbx_database_related.db_name 
_pdbx_database_related.details 
unspecified 5F6D PDB . 
unspecified 5F6E PDB . 
unspecified 5F6U PDB . 
unspecified 5F6V PDB . 
unspecified 5F6W PDB . 
unspecified 5F6Y PDB . 
# 
_pdbx_database_status.status_code                     REL 
_pdbx_database_status.status_code_sf                  REL 
_pdbx_database_status.status_code_mr                  ? 
_pdbx_database_status.entry_id                        5F6X 
_pdbx_database_status.recvd_initial_deposition_date   2015-12-07 
_pdbx_database_status.SG_entry                        N 
_pdbx_database_status.deposit_site                    RCSB 
_pdbx_database_status.process_site                    RCSB 
_pdbx_database_status.status_code_cs                  ? 
_pdbx_database_status.methods_development_category    ? 
_pdbx_database_status.pdb_format_compatible           Y 
_pdbx_database_status.status_code_nmr_data            ? 
# 
loop_
_audit_author.name 
_audit_author.pdbx_ordinal 
'Lountos, G.T.'        1  
'Hewitt, W.M.'         2  
'Zlotkowski, K.'       3  
'Dahlhauser, S.'       4  
'Saunders, L.B.'       5  
'Needle, D.'           6  
'Tropea, J.E.'         7  
'Zhan, C.'             8  
'Wei, G.'              9  
'Ma, B.'               10 
'Nussinov, R.'         11 
'Schneekloth, J.S.Jr.' 12 
'Waugh, D.S.'          13 
# 
_citation.abstract                  ? 
_citation.abstract_id_CAS           ? 
_citation.book_id_ISBN              ? 
_citation.book_publisher            ? 
_citation.book_publisher_city       ? 
_citation.book_title                ? 
_citation.coordinate_linkage        ? 
_citation.country                   GE 
_citation.database_id_Medline       ? 
_citation.details                   ? 
_citation.id                        primary 
_citation.journal_abbrev            Angew.Chem.Int.Ed.Engl. 
_citation.journal_id_ASTM           ACIEAY 
_citation.journal_id_CSD            0179 
_citation.journal_id_ISSN           1521-3773 
_citation.journal_full              ? 
_citation.journal_issue             ? 
_citation.journal_volume            55 
_citation.language                  ? 
_citation.page_first                5703 
_citation.page_last                 5707 
_citation.title                     'Insights Into the Allosteric Inhibition of the SUMO E2 Enzyme Ubc9.' 
_citation.year                      2016 
_citation.database_id_CSD           ? 
_citation.pdbx_database_id_DOI      10.1002/anie.201511351 
_citation.pdbx_database_id_PubMed   27038327 
_citation.unpublished_flag          ? 
# 
loop_
_citation_author.citation_id 
_citation_author.name 
_citation_author.ordinal 
_citation_author.identifier_ORCID 
primary 'Hewitt, W.M.'      1  ? 
primary 'Lountos, G.T.'     2  ? 
primary 'Zlotkowski, K.'    3  ? 
primary 'Dahlhauser, S.D.'  4  ? 
primary 'Saunders, L.B.'    5  ? 
primary 'Needle, D.'        6  ? 
primary 'Tropea, J.E.'      7  ? 
primary 'Zhan, C.'          8  ? 
primary 'Wei, G.'           9  ? 
primary 'Ma, B.'            10 ? 
primary 'Nussinov, R.'      11 ? 
primary 'Waugh, D.S.'       12 ? 
primary 'Schneekloth, J.S.' 13 ? 
# 
_cell.angle_alpha                  90.00 
_cell.angle_alpha_esd              ? 
_cell.angle_beta                   111.64 
_cell.angle_beta_esd               ? 
_cell.angle_gamma                  90.00 
_cell.angle_gamma_esd              ? 
_cell.entry_id                     5F6X 
_cell.details                      ? 
_cell.formula_units_Z              ? 
_cell.length_a                     50.480 
_cell.length_a_esd                 ? 
_cell.length_b                     35.558 
_cell.length_b_esd                 ? 
_cell.length_c                     58.110 
_cell.length_c_esd                 ? 
_cell.volume                       ? 
_cell.volume_esd                   ? 
_cell.Z_PDB                        2 
_cell.reciprocal_angle_alpha       ? 
_cell.reciprocal_angle_beta        ? 
_cell.reciprocal_angle_gamma       ? 
_cell.reciprocal_angle_alpha_esd   ? 
_cell.reciprocal_angle_beta_esd    ? 
_cell.reciprocal_angle_gamma_esd   ? 
_cell.reciprocal_length_a          ? 
_cell.reciprocal_length_b          ? 
_cell.reciprocal_length_c          ? 
_cell.reciprocal_length_a_esd      ? 
_cell.reciprocal_length_b_esd      ? 
_cell.reciprocal_length_c_esd      ? 
_cell.pdbx_unique_axis             ? 
# 
_symmetry.entry_id                         5F6X 
_symmetry.cell_setting                     ? 
_symmetry.Int_Tables_number                4 
_symmetry.space_group_name_Hall            ? 
_symmetry.space_group_name_H-M             'P 1 21 1' 
_symmetry.pdbx_full_space_group_name_H-M   ? 
# 
loop_
_entity.id 
_entity.type 
_entity.src_method 
_entity.pdbx_description 
_entity.formula_weight 
_entity.pdbx_number_of_molecules 
_entity.pdbx_ec 
_entity.pdbx_mutation 
_entity.pdbx_fragment 
_entity.details 
1 polymer     man 'SUMO-conjugating enzyme UBC9'               17725.375 1   6.3.2.- K48A,K49A,E54A ? ? 
2 non-polymer syn '5-chloranyl-3~{H}-1,3-benzoxazole-2-thione' 185.631   1   ?       ?              ? ? 
3 water       nat water                                        18.015    273 ?       ?              ? ? 
# 
_entity_name_com.entity_id   1 
_entity_name_com.name        
;SUMO-protein ligase,Ubiquitin carrier protein 9,Ubiquitin carrier protein I,Ubiquitin-conjugating enzyme E2 I,Ubiquitin-protein ligase I,p18
;
# 
_entity_poly.entity_id                      1 
_entity_poly.type                           'polypeptide(L)' 
_entity_poly.nstd_linkage                   no 
_entity_poly.nstd_monomer                   no 
_entity_poly.pdbx_seq_one_letter_code       
;SGIALSRLAQERKAWRKDHPFGFVAVPTKNPDGTMNLMNWECAIPGAAGTPWAGGLFKLRMLFKDDYPSSPPKCKFEPPL
FHPNVYPSGTVCLSILEEDKDWRPAITIKQILLGIQELLNEPNIQDPAQAEAYTIYCQNRVEYEKRVRAQAKKFAPS
;
_entity_poly.pdbx_seq_one_letter_code_can   
;SGIALSRLAQERKAWRKDHPFGFVAVPTKNPDGTMNLMNWECAIPGAAGTPWAGGLFKLRMLFKDDYPSSPPKCKFEPPL
FHPNVYPSGTVCLSILEEDKDWRPAITIKQILLGIQELLNEPNIQDPAQAEAYTIYCQNRVEYEKRVRAQAKKFAPS
;
_entity_poly.pdbx_strand_id                 A 
_entity_poly.pdbx_target_identifier         ? 
# 
loop_
_entity_poly_seq.entity_id 
_entity_poly_seq.num 
_entity_poly_seq.mon_id 
_entity_poly_seq.hetero 
1 1   SER n 
1 2   GLY n 
1 3   ILE n 
1 4   ALA n 
1 5   LEU n 
1 6   SER n 
1 7   ARG n 
1 8   LEU n 
1 9   ALA n 
1 10  GLN n 
1 11  GLU n 
1 12  ARG n 
1 13  LYS n 
1 14  ALA n 
1 15  TRP n 
1 16  ARG n 
1 17  LYS n 
1 18  ASP n 
1 19  HIS n 
1 20  PRO n 
1 21  PHE n 
1 22  GLY n 
1 23  PHE n 
1 24  VAL n 
1 25  ALA n 
1 26  VAL n 
1 27  PRO n 
1 28  THR n 
1 29  LYS n 
1 30  ASN n 
1 31  PRO n 
1 32  ASP n 
1 33  GLY n 
1 34  THR n 
1 35  MET n 
1 36  ASN n 
1 37  LEU n 
1 38  MET n 
1 39  ASN n 
1 40  TRP n 
1 41  GLU n 
1 42  CYS n 
1 43  ALA n 
1 44  ILE n 
1 45  PRO n 
1 46  GLY n 
1 47  ALA n 
1 48  ALA n 
1 49  GLY n 
1 50  THR n 
1 51  PRO n 
1 52  TRP n 
1 53  ALA n 
1 54  GLY n 
1 55  GLY n 
1 56  LEU n 
1 57  PHE n 
1 58  LYS n 
1 59  LEU n 
1 60  ARG n 
1 61  MET n 
1 62  LEU n 
1 63  PHE n 
1 64  LYS n 
1 65  ASP n 
1 66  ASP n 
1 67  TYR n 
1 68  PRO n 
1 69  SER n 
1 70  SER n 
1 71  PRO n 
1 72  PRO n 
1 73  LYS n 
1 74  CYS n 
1 75  LYS n 
1 76  PHE n 
1 77  GLU n 
1 78  PRO n 
1 79  PRO n 
1 80  LEU n 
1 81  PHE n 
1 82  HIS n 
1 83  PRO n 
1 84  ASN n 
1 85  VAL n 
1 86  TYR n 
1 87  PRO n 
1 88  SER n 
1 89  GLY n 
1 90  THR n 
1 91  VAL n 
1 92  CYS n 
1 93  LEU n 
1 94  SER n 
1 95  ILE n 
1 96  LEU n 
1 97  GLU n 
1 98  GLU n 
1 99  ASP n 
1 100 LYS n 
1 101 ASP n 
1 102 TRP n 
1 103 ARG n 
1 104 PRO n 
1 105 ALA n 
1 106 ILE n 
1 107 THR n 
1 108 ILE n 
1 109 LYS n 
1 110 GLN n 
1 111 ILE n 
1 112 LEU n 
1 113 LEU n 
1 114 GLY n 
1 115 ILE n 
1 116 GLN n 
1 117 GLU n 
1 118 LEU n 
1 119 LEU n 
1 120 ASN n 
1 121 GLU n 
1 122 PRO n 
1 123 ASN n 
1 124 ILE n 
1 125 GLN n 
1 126 ASP n 
1 127 PRO n 
1 128 ALA n 
1 129 GLN n 
1 130 ALA n 
1 131 GLU n 
1 132 ALA n 
1 133 TYR n 
1 134 THR n 
1 135 ILE n 
1 136 TYR n 
1 137 CYS n 
1 138 GLN n 
1 139 ASN n 
1 140 ARG n 
1 141 VAL n 
1 142 GLU n 
1 143 TYR n 
1 144 GLU n 
1 145 LYS n 
1 146 ARG n 
1 147 VAL n 
1 148 ARG n 
1 149 ALA n 
1 150 GLN n 
1 151 ALA n 
1 152 LYS n 
1 153 LYS n 
1 154 PHE n 
1 155 ALA n 
1 156 PRO n 
1 157 SER n 
# 
_entity_src_gen.entity_id                          1 
_entity_src_gen.pdbx_src_id                        1 
_entity_src_gen.pdbx_alt_source_flag               sample 
_entity_src_gen.pdbx_seq_type                      'Biological sequence' 
_entity_src_gen.pdbx_beg_seq_num                   1 
_entity_src_gen.pdbx_end_seq_num                   157 
_entity_src_gen.gene_src_common_name               Human 
_entity_src_gen.gene_src_genus                     ? 
_entity_src_gen.pdbx_gene_src_gene                 'UBE2I, UBC9, UBCE9' 
_entity_src_gen.gene_src_species                   ? 
_entity_src_gen.gene_src_strain                    ? 
_entity_src_gen.gene_src_tissue                    ? 
_entity_src_gen.gene_src_tissue_fraction           ? 
_entity_src_gen.gene_src_details                   ? 
_entity_src_gen.pdbx_gene_src_fragment             ? 
_entity_src_gen.pdbx_gene_src_scientific_name      'Homo sapiens' 
_entity_src_gen.pdbx_gene_src_ncbi_taxonomy_id     9606 
_entity_src_gen.pdbx_gene_src_variant              ? 
_entity_src_gen.pdbx_gene_src_cell_line            ? 
_entity_src_gen.pdbx_gene_src_atcc                 ? 
_entity_src_gen.pdbx_gene_src_organ                ? 
_entity_src_gen.pdbx_gene_src_organelle            ? 
_entity_src_gen.pdbx_gene_src_cell                 ? 
_entity_src_gen.pdbx_gene_src_cellular_location    ? 
_entity_src_gen.host_org_common_name               ? 
_entity_src_gen.pdbx_host_org_scientific_name      'Escherichia coli' 
_entity_src_gen.pdbx_host_org_ncbi_taxonomy_id     562 
_entity_src_gen.host_org_genus                     ? 
_entity_src_gen.pdbx_host_org_gene                 ? 
_entity_src_gen.pdbx_host_org_organ                ? 
_entity_src_gen.host_org_species                   ? 
_entity_src_gen.pdbx_host_org_tissue               ? 
_entity_src_gen.pdbx_host_org_tissue_fraction      ? 
_entity_src_gen.pdbx_host_org_strain               ? 
_entity_src_gen.pdbx_host_org_variant              ? 
_entity_src_gen.pdbx_host_org_cell_line            ? 
_entity_src_gen.pdbx_host_org_atcc                 ? 
_entity_src_gen.pdbx_host_org_culture_collection   ? 
_entity_src_gen.pdbx_host_org_cell                 ? 
_entity_src_gen.pdbx_host_org_organelle            ? 
_entity_src_gen.pdbx_host_org_cellular_location    ? 
_entity_src_gen.pdbx_host_org_vector_type          plasmid 
_entity_src_gen.pdbx_host_org_vector               ? 
_entity_src_gen.host_org_details                   ? 
_entity_src_gen.expression_system_id               ? 
_entity_src_gen.plasmid_name                       pDN2405 
_entity_src_gen.plasmid_details                    ? 
_entity_src_gen.pdbx_description                   ? 
# 
_struct_ref.id                         1 
_struct_ref.db_name                    UNP 
_struct_ref.db_code                    UBC9_HUMAN 
_struct_ref.pdbx_db_accession          P63279 
_struct_ref.pdbx_db_isoform            ? 
_struct_ref.entity_id                  1 
_struct_ref.pdbx_seq_one_letter_code   
;SGIALSRLAQERKAWRKDHPFGFVAVPTKNPDGTMNLMNWECAIPGKKGTPWEGGLFKLRMLFKDDYPSSPPKCKFEPPL
FHPNVYPSGTVCLSILEEDKDWRPAITIKQILLGIQELLNEPNIQDPAQAEAYTIYCQNRVEYEKRVRAQAKKFAPS
;
_struct_ref.pdbx_align_begin           2 
# 
_struct_ref_seq.align_id                      1 
_struct_ref_seq.ref_id                        1 
_struct_ref_seq.pdbx_PDB_id_code              5F6X 
_struct_ref_seq.pdbx_strand_id                A 
_struct_ref_seq.seq_align_beg                 1 
_struct_ref_seq.pdbx_seq_align_beg_ins_code   ? 
_struct_ref_seq.seq_align_end                 157 
_struct_ref_seq.pdbx_seq_align_end_ins_code   ? 
_struct_ref_seq.pdbx_db_accession             P63279 
_struct_ref_seq.db_align_beg                  2 
_struct_ref_seq.pdbx_db_align_beg_ins_code    ? 
_struct_ref_seq.db_align_end                  158 
_struct_ref_seq.pdbx_db_align_end_ins_code    ? 
_struct_ref_seq.pdbx_auth_seq_align_beg       2 
_struct_ref_seq.pdbx_auth_seq_align_end       158 
# 
loop_
_struct_ref_seq_dif.align_id 
_struct_ref_seq_dif.pdbx_pdb_id_code 
_struct_ref_seq_dif.mon_id 
_struct_ref_seq_dif.pdbx_pdb_strand_id 
_struct_ref_seq_dif.seq_num 
_struct_ref_seq_dif.pdbx_pdb_ins_code 
_struct_ref_seq_dif.pdbx_seq_db_name 
_struct_ref_seq_dif.pdbx_seq_db_accession_code 
_struct_ref_seq_dif.db_mon_id 
_struct_ref_seq_dif.pdbx_seq_db_seq_num 
_struct_ref_seq_dif.details 
_struct_ref_seq_dif.pdbx_auth_seq_num 
_struct_ref_seq_dif.pdbx_ordinal 
1 5F6X ALA A 47 ? UNP P63279 LYS 48 'engineered mutation' 48 1 
1 5F6X ALA A 48 ? UNP P63279 LYS 49 'engineered mutation' 49 2 
1 5F6X ALA A 53 ? UNP P63279 GLU 54 'engineered mutation' 54 3 
# 
loop_
_chem_comp.id 
_chem_comp.type 
_chem_comp.mon_nstd_flag 
_chem_comp.name 
_chem_comp.pdbx_synonyms 
_chem_comp.formula 
_chem_comp.formula_weight 
5VM non-polymer         . '5-chloranyl-3~{H}-1,3-benzoxazole-2-thione' ? 'C7 H4 Cl N O S' 185.631 
ALA 'L-peptide linking' y ALANINE                                      ? 'C3 H7 N O2'     89.093  
ARG 'L-peptide linking' y ARGININE                                     ? 'C6 H15 N4 O2 1' 175.209 
ASN 'L-peptide linking' y ASPARAGINE                                   ? 'C4 H8 N2 O3'    132.118 
ASP 'L-peptide linking' y 'ASPARTIC ACID'                              ? 'C4 H7 N O4'     133.103 
CYS 'L-peptide linking' y CYSTEINE                                     ? 'C3 H7 N O2 S'   121.158 
GLN 'L-peptide linking' y GLUTAMINE                                    ? 'C5 H10 N2 O3'   146.144 
GLU 'L-peptide linking' y 'GLUTAMIC ACID'                              ? 'C5 H9 N O4'     147.129 
GLY 'peptide linking'   y GLYCINE                                      ? 'C2 H5 N O2'     75.067  
HIS 'L-peptide linking' y HISTIDINE                                    ? 'C6 H10 N3 O2 1' 156.162 
HOH non-polymer         . WATER                                        ? 'H2 O'           18.015  
ILE 'L-peptide linking' y ISOLEUCINE                                   ? 'C6 H13 N O2'    131.173 
LEU 'L-peptide linking' y LEUCINE                                      ? 'C6 H13 N O2'    131.173 
LYS 'L-peptide linking' y LYSINE                                       ? 'C6 H15 N2 O2 1' 147.195 
MET 'L-peptide linking' y METHIONINE                                   ? 'C5 H11 N O2 S'  149.211 
PHE 'L-peptide linking' y PHENYLALANINE                                ? 'C9 H11 N O2'    165.189 
PRO 'L-peptide linking' y PROLINE                                      ? 'C5 H9 N O2'     115.130 
SER 'L-peptide linking' y SERINE                                       ? 'C3 H7 N O3'     105.093 
THR 'L-peptide linking' y THREONINE                                    ? 'C4 H9 N O3'     119.119 
TRP 'L-peptide linking' y TRYPTOPHAN                                   ? 'C11 H12 N2 O2'  204.225 
TYR 'L-peptide linking' y TYROSINE                                     ? 'C9 H11 N O3'    181.189 
VAL 'L-peptide linking' y VALINE                                       ? 'C5 H11 N O2'    117.146 
# 
_exptl.absorpt_coefficient_mu     ? 
_exptl.absorpt_correction_T_max   ? 
_exptl.absorpt_correction_T_min   ? 
_exptl.absorpt_correction_type    ? 
_exptl.absorpt_process_details    ? 
_exptl.entry_id                   5F6X 
_exptl.crystals_number            1 
_exptl.details                    ? 
_exptl.method                     'X-RAY DIFFRACTION' 
_exptl.method_details             ? 
# 
_exptl_crystal.colour                      ? 
_exptl_crystal.density_diffrn              ? 
_exptl_crystal.density_Matthews            2.73 
_exptl_crystal.density_method              ? 
_exptl_crystal.density_percent_sol         55.03 
_exptl_crystal.description                 ? 
_exptl_crystal.F_000                       ? 
_exptl_crystal.id                          1 
_exptl_crystal.preparation                 ? 
_exptl_crystal.size_max                    ? 
_exptl_crystal.size_mid                    ? 
_exptl_crystal.size_min                    ? 
_exptl_crystal.size_rad                    ? 
_exptl_crystal.colour_lustre               ? 
_exptl_crystal.colour_modifier             ? 
_exptl_crystal.colour_primary              ? 
_exptl_crystal.density_meas                ? 
_exptl_crystal.density_meas_esd            ? 
_exptl_crystal.density_meas_gt             ? 
_exptl_crystal.density_meas_lt             ? 
_exptl_crystal.density_meas_temp           ? 
_exptl_crystal.density_meas_temp_esd       ? 
_exptl_crystal.density_meas_temp_gt        ? 
_exptl_crystal.density_meas_temp_lt        ? 
_exptl_crystal.pdbx_crystal_image_url      ? 
_exptl_crystal.pdbx_crystal_image_format   ? 
_exptl_crystal.pdbx_mosaicity              ? 
_exptl_crystal.pdbx_mosaicity_esd          ? 
# 
_exptl_crystal_grow.apparatus       ? 
_exptl_crystal_grow.atmosphere      ? 
_exptl_crystal_grow.crystal_id      1 
_exptl_crystal_grow.details         ? 
_exptl_crystal_grow.method          'VAPOR DIFFUSION, HANGING DROP' 
_exptl_crystal_grow.method_ref      ? 
_exptl_crystal_grow.pH              8.5 
_exptl_crystal_grow.pressure        ? 
_exptl_crystal_grow.pressure_esd    ? 
_exptl_crystal_grow.seeding         ? 
_exptl_crystal_grow.seeding_ref     ? 
_exptl_crystal_grow.temp            294 
_exptl_crystal_grow.temp_details    ? 
_exptl_crystal_grow.temp_esd        ? 
_exptl_crystal_grow.time            ? 
_exptl_crystal_grow.pdbx_details    '0.1M Tris pH 8.5, 8% (w/v) polyethylene glycol 8000' 
_exptl_crystal_grow.pdbx_pH_range   ? 
# 
_diffrn.ambient_environment    ? 
_diffrn.ambient_temp           93 
_diffrn.ambient_temp_details   ? 
_diffrn.ambient_temp_esd       ? 
_diffrn.crystal_id             1 
_diffrn.crystal_support        ? 
_diffrn.crystal_treatment      ? 
_diffrn.details                ? 
_diffrn.id                     1 
_diffrn.ambient_pressure       ? 
_diffrn.ambient_pressure_esd   ? 
_diffrn.ambient_pressure_gt    ? 
_diffrn.ambient_pressure_lt    ? 
_diffrn.ambient_temp_gt        ? 
_diffrn.ambient_temp_lt        ? 
# 
_diffrn_detector.details                      ? 
_diffrn_detector.detector                     CCD 
_diffrn_detector.diffrn_id                    1 
_diffrn_detector.type                         'MARMOSAIC 300 mm CCD' 
_diffrn_detector.area_resol_mean              ? 
_diffrn_detector.dtime                        ? 
_diffrn_detector.pdbx_frames_total            ? 
_diffrn_detector.pdbx_collection_time_total   ? 
_diffrn_detector.pdbx_collection_date         2013-03-28 
# 
_diffrn_radiation.collimation                      ? 
_diffrn_radiation.diffrn_id                        1 
_diffrn_radiation.filter_edge                      ? 
_diffrn_radiation.inhomogeneity                    ? 
_diffrn_radiation.monochromator                    ? 
_diffrn_radiation.polarisn_norm                    ? 
_diffrn_radiation.polarisn_ratio                   ? 
_diffrn_radiation.probe                            ? 
_diffrn_radiation.type                             ? 
_diffrn_radiation.xray_symbol                      ? 
_diffrn_radiation.wavelength_id                    1 
_diffrn_radiation.pdbx_monochromatic_or_laue_m_l   M 
_diffrn_radiation.pdbx_wavelength_list             ? 
_diffrn_radiation.pdbx_wavelength                  ? 
_diffrn_radiation.pdbx_diffrn_protocol             'SINGLE WAVELENGTH' 
_diffrn_radiation.pdbx_analyzer                    ? 
_diffrn_radiation.pdbx_scattering_type             x-ray 
# 
_diffrn_radiation_wavelength.id           1 
_diffrn_radiation_wavelength.wavelength   1.0 
_diffrn_radiation_wavelength.wt           1.0 
# 
_diffrn_source.current                     ? 
_diffrn_source.details                     ? 
_diffrn_source.diffrn_id                   1 
_diffrn_source.power                       ? 
_diffrn_source.size                        ? 
_diffrn_source.source                      SYNCHROTRON 
_diffrn_source.target                      ? 
_diffrn_source.type                        'APS BEAMLINE 22-ID' 
_diffrn_source.voltage                     ? 
_diffrn_source.take-off_angle              ? 
_diffrn_source.pdbx_wavelength_list        1.0 
_diffrn_source.pdbx_wavelength             ? 
_diffrn_source.pdbx_synchrotron_beamline   22-ID 
_diffrn_source.pdbx_synchrotron_site       APS 
# 
_reflns.B_iso_Wilson_estimate            ? 
_reflns.entry_id                         5F6X 
_reflns.data_reduction_details           ? 
_reflns.data_reduction_method            ? 
_reflns.d_resolution_high                1.56 
_reflns.d_resolution_low                 50 
_reflns.details                          ? 
_reflns.limit_h_max                      ? 
_reflns.limit_h_min                      ? 
_reflns.limit_k_max                      ? 
_reflns.limit_k_min                      ? 
_reflns.limit_l_max                      ? 
_reflns.limit_l_min                      ? 
_reflns.number_all                       ? 
_reflns.number_obs                       27496 
_reflns.observed_criterion               ? 
_reflns.observed_criterion_F_max         ? 
_reflns.observed_criterion_F_min         ? 
_reflns.observed_criterion_I_max         ? 
_reflns.observed_criterion_I_min         ? 
_reflns.observed_criterion_sigma_F       ? 
_reflns.observed_criterion_sigma_I       ? 
_reflns.percent_possible_obs             99.6 
_reflns.R_free_details                   ? 
_reflns.Rmerge_F_all                     ? 
_reflns.Rmerge_F_obs                     ? 
_reflns.Friedel_coverage                 ? 
_reflns.number_gt                        ? 
_reflns.threshold_expression             ? 
_reflns.pdbx_redundancy                  3.6 
_reflns.pdbx_Rmerge_I_obs                0.040 
_reflns.pdbx_Rmerge_I_all                ? 
_reflns.pdbx_Rsym_value                  ? 
_reflns.pdbx_netI_over_av_sigmaI         ? 
_reflns.pdbx_netI_over_sigmaI            32.8 
_reflns.pdbx_res_netI_over_av_sigmaI_2   ? 
_reflns.pdbx_res_netI_over_sigmaI_2      ? 
_reflns.pdbx_chi_squared                 ? 
_reflns.pdbx_scaling_rejects             ? 
_reflns.pdbx_d_res_high_opt              ? 
_reflns.pdbx_d_res_low_opt               ? 
_reflns.pdbx_d_res_opt_method            ? 
_reflns.phase_calculation_details        ? 
_reflns.pdbx_Rrim_I_all                  ? 
_reflns.pdbx_Rpim_I_all                  ? 
_reflns.pdbx_d_opt                       ? 
_reflns.pdbx_number_measured_all         ? 
_reflns.pdbx_diffrn_id                   1 
_reflns.pdbx_ordinal                     1 
_reflns.pdbx_CC_half                     ? 
_reflns.pdbx_R_split                     ? 
# 
_reflns_shell.d_res_high                  1.56 
_reflns_shell.d_res_low                   1.59 
_reflns_shell.meanI_over_sigI_all         ? 
_reflns_shell.meanI_over_sigI_obs         5.1 
_reflns_shell.number_measured_all         ? 
_reflns_shell.number_measured_obs         ? 
_reflns_shell.number_possible             ? 
_reflns_shell.number_unique_all           ? 
_reflns_shell.number_unique_obs           ? 
_reflns_shell.percent_possible_all        94.3 
_reflns_shell.percent_possible_obs        ? 
_reflns_shell.Rmerge_F_all                ? 
_reflns_shell.Rmerge_F_obs                ? 
_reflns_shell.Rmerge_I_all                ? 
_reflns_shell.Rmerge_I_obs                0.193 
_reflns_shell.meanI_over_sigI_gt          ? 
_reflns_shell.meanI_over_uI_all           ? 
_reflns_shell.meanI_over_uI_gt            ? 
_reflns_shell.number_measured_gt          ? 
_reflns_shell.number_unique_gt            ? 
_reflns_shell.percent_possible_gt         ? 
_reflns_shell.Rmerge_F_gt                 ? 
_reflns_shell.Rmerge_I_gt                 ? 
_reflns_shell.pdbx_redundancy             2.9 
_reflns_shell.pdbx_Rsym_value             ? 
_reflns_shell.pdbx_chi_squared            ? 
_reflns_shell.pdbx_netI_over_sigmaI_all   ? 
_reflns_shell.pdbx_netI_over_sigmaI_obs   ? 
_reflns_shell.pdbx_Rrim_I_all             ? 
_reflns_shell.pdbx_Rpim_I_all             ? 
_reflns_shell.pdbx_rejects                ? 
_reflns_shell.pdbx_ordinal                1 
_reflns_shell.pdbx_diffrn_id              1 
_reflns_shell.pdbx_CC_half                ? 
_reflns_shell.pdbx_R_split                ? 
# 
_refine.aniso_B[1][1]                            0.92 
_refine.aniso_B[1][2]                            0.00 
_refine.aniso_B[1][3]                            0.36 
_refine.aniso_B[2][2]                            -0.13 
_refine.aniso_B[2][3]                            0.00 
_refine.aniso_B[3][3]                            -0.52 
_refine.B_iso_max                                ? 
_refine.B_iso_mean                               11.124 
_refine.B_iso_min                                ? 
_refine.correlation_coeff_Fo_to_Fc               0.959 
_refine.correlation_coeff_Fo_to_Fc_free          0.954 
_refine.details                                  'HYDROGENS HAVE BEEN ADDED IN THE RIDING POSITIONS' 
_refine.diff_density_max                         ? 
_refine.diff_density_max_esd                     ? 
_refine.diff_density_min                         ? 
_refine.diff_density_min_esd                     ? 
_refine.diff_density_rms                         ? 
_refine.diff_density_rms_esd                     ? 
_refine.entry_id                                 5F6X 
_refine.pdbx_refine_id                           'X-RAY DIFFRACTION' 
_refine.ls_abs_structure_details                 ? 
_refine.ls_abs_structure_Flack                   ? 
_refine.ls_abs_structure_Flack_esd               ? 
_refine.ls_abs_structure_Rogers                  ? 
_refine.ls_abs_structure_Rogers_esd              ? 
_refine.ls_d_res_high                            1.56 
_refine.ls_d_res_low                             50.00 
_refine.ls_extinction_coef                       ? 
_refine.ls_extinction_coef_esd                   ? 
_refine.ls_extinction_expression                 ? 
_refine.ls_extinction_method                     ? 
_refine.ls_goodness_of_fit_all                   ? 
_refine.ls_goodness_of_fit_all_esd               ? 
_refine.ls_goodness_of_fit_obs                   ? 
_refine.ls_goodness_of_fit_obs_esd               ? 
_refine.ls_hydrogen_treatment                    ? 
_refine.ls_matrix_type                           ? 
_refine.ls_number_constraints                    ? 
_refine.ls_number_parameters                     ? 
_refine.ls_number_reflns_all                     ? 
_refine.ls_number_reflns_obs                     26103 
_refine.ls_number_reflns_R_free                  1382 
_refine.ls_number_reflns_R_work                  ? 
_refine.ls_number_restraints                     ? 
_refine.ls_percent_reflns_obs                    99.49 
_refine.ls_percent_reflns_R_free                 5.0 
_refine.ls_R_factor_all                          ? 
_refine.ls_R_factor_obs                          0.17523 
_refine.ls_R_factor_R_free                       0.19314 
_refine.ls_R_factor_R_free_error                 ? 
_refine.ls_R_factor_R_free_error_details         ? 
_refine.ls_R_factor_R_work                       0.17428 
_refine.ls_R_Fsqd_factor_obs                     ? 
_refine.ls_R_I_factor_obs                        ? 
_refine.ls_redundancy_reflns_all                 ? 
_refine.ls_redundancy_reflns_obs                 ? 
_refine.ls_restrained_S_all                      ? 
_refine.ls_restrained_S_obs                      ? 
_refine.ls_shift_over_esd_max                    ? 
_refine.ls_shift_over_esd_mean                   ? 
_refine.ls_structure_factor_coef                 ? 
_refine.ls_weighting_details                     ? 
_refine.ls_weighting_scheme                      ? 
_refine.ls_wR_factor_all                         ? 
_refine.ls_wR_factor_obs                         ? 
_refine.ls_wR_factor_R_free                      ? 
_refine.ls_wR_factor_R_work                      ? 
_refine.occupancy_max                            ? 
_refine.occupancy_min                            ? 
_refine.solvent_model_details                    MASK 
_refine.solvent_model_param_bsol                 ? 
_refine.solvent_model_param_ksol                 ? 
_refine.ls_R_factor_gt                           ? 
_refine.ls_goodness_of_fit_gt                    ? 
_refine.ls_goodness_of_fit_ref                   ? 
_refine.ls_shift_over_su_max                     ? 
_refine.ls_shift_over_su_max_lt                  ? 
_refine.ls_shift_over_su_mean                    ? 
_refine.ls_shift_over_su_mean_lt                 ? 
_refine.pdbx_ls_sigma_I                          ? 
_refine.pdbx_ls_sigma_F                          ? 
_refine.pdbx_ls_sigma_Fsqd                       ? 
_refine.pdbx_data_cutoff_high_absF               ? 
_refine.pdbx_data_cutoff_high_rms_absF           ? 
_refine.pdbx_data_cutoff_low_absF                ? 
_refine.pdbx_isotropic_thermal_model             ? 
_refine.pdbx_ls_cross_valid_method               THROUGHOUT 
_refine.pdbx_method_to_determine_struct          'MOLECULAR REPLACEMENT' 
_refine.pdbx_starting_model                      1U9B 
_refine.pdbx_stereochemistry_target_values       'MAXIMUM LIKELIHOOD' 
_refine.pdbx_R_Free_selection_details            RANDOM 
_refine.pdbx_stereochem_target_val_spec_case     ? 
_refine.pdbx_overall_ESU_R                       0.079 
_refine.pdbx_overall_ESU_R_Free                  0.076 
_refine.pdbx_solvent_vdw_probe_radii             1.20 
_refine.pdbx_solvent_ion_probe_radii             0.80 
_refine.pdbx_solvent_shrinkage_radii             0.80 
_refine.pdbx_real_space_R                        ? 
_refine.pdbx_density_correlation                 ? 
_refine.pdbx_pd_number_of_powder_patterns        ? 
_refine.pdbx_pd_number_of_points                 ? 
_refine.pdbx_pd_meas_number_of_points            ? 
_refine.pdbx_pd_proc_ls_prof_R_factor            ? 
_refine.pdbx_pd_proc_ls_prof_wR_factor           ? 
_refine.pdbx_pd_Marquardt_correlation_coeff      ? 
_refine.pdbx_pd_Fsqrd_R_factor                   ? 
_refine.pdbx_pd_ls_matrix_band_width             ? 
_refine.pdbx_overall_phase_error                 ? 
_refine.pdbx_overall_SU_R_free_Cruickshank_DPI   ? 
_refine.pdbx_overall_SU_R_free_Blow_DPI          ? 
_refine.pdbx_overall_SU_R_Blow_DPI               ? 
_refine.pdbx_TLS_residual_ADP_flag               ? 
_refine.pdbx_diffrn_id                           1 
_refine.overall_SU_B                             1.224 
_refine.overall_SU_ML                            0.045 
_refine.overall_SU_R_Cruickshank_DPI             ? 
_refine.overall_SU_R_free                        ? 
_refine.overall_FOM_free_R_set                   ? 
_refine.overall_FOM_work_R_set                   ? 
_refine.pdbx_average_fsc_overall                 ? 
_refine.pdbx_average_fsc_work                    ? 
_refine.pdbx_average_fsc_free                    ? 
# 
_refine_hist.pdbx_refine_id                   'X-RAY DIFFRACTION' 
_refine_hist.cycle_id                         1 
_refine_hist.pdbx_number_atoms_protein        1241 
_refine_hist.pdbx_number_atoms_nucleic_acid   0 
_refine_hist.pdbx_number_atoms_ligand         11 
_refine_hist.number_atoms_solvent             273 
_refine_hist.number_atoms_total               1525 
_refine_hist.d_res_high                       1.56 
_refine_hist.d_res_low                        50.00 
# 
loop_
_refine_ls_restr.pdbx_refine_id 
_refine_ls_restr.criterion 
_refine_ls_restr.dev_ideal 
_refine_ls_restr.dev_ideal_target 
_refine_ls_restr.number 
_refine_ls_restr.rejects 
_refine_ls_restr.type 
_refine_ls_restr.weight 
_refine_ls_restr.pdbx_restraint_function 
'X-RAY DIFFRACTION' ? 0.010  0.022  1370 ? r_bond_refined_d             ? ? 
'X-RAY DIFFRACTION' ? 0.002  0.020  987  ? r_bond_other_d               ? ? 
'X-RAY DIFFRACTION' ? 1.308  1.984  1877 ? r_angle_refined_deg          ? ? 
'X-RAY DIFFRACTION' ? 0.833  3.001  2411 ? r_angle_other_deg            ? ? 
'X-RAY DIFFRACTION' ? 5.483  5.000  177  ? r_dihedral_angle_1_deg       ? ? 
'X-RAY DIFFRACTION' ? 29.747 23.651 63   ? r_dihedral_angle_2_deg       ? ? 
'X-RAY DIFFRACTION' ? 10.920 15.000 238  ? r_dihedral_angle_3_deg       ? ? 
'X-RAY DIFFRACTION' ? 14.761 15.000 11   ? r_dihedral_angle_4_deg       ? ? 
'X-RAY DIFFRACTION' ? 0.081  0.200  193  ? r_chiral_restr               ? ? 
'X-RAY DIFFRACTION' ? 0.007  0.021  1536 ? r_gen_planes_refined         ? ? 
'X-RAY DIFFRACTION' ? 0.001  0.020  277  ? r_gen_planes_other           ? ? 
'X-RAY DIFFRACTION' ? ?      ?      ?    ? r_nbd_refined                ? ? 
'X-RAY DIFFRACTION' ? ?      ?      ?    ? r_nbd_other                  ? ? 
'X-RAY DIFFRACTION' ? ?      ?      ?    ? r_nbtor_refined              ? ? 
'X-RAY DIFFRACTION' ? ?      ?      ?    ? r_nbtor_other                ? ? 
'X-RAY DIFFRACTION' ? ?      ?      ?    ? r_xyhbond_nbd_refined        ? ? 
'X-RAY DIFFRACTION' ? ?      ?      ?    ? r_xyhbond_nbd_other          ? ? 
'X-RAY DIFFRACTION' ? ?      ?      ?    ? r_metal_ion_refined          ? ? 
'X-RAY DIFFRACTION' ? ?      ?      ?    ? r_metal_ion_other            ? ? 
'X-RAY DIFFRACTION' ? ?      ?      ?    ? r_symmetry_vdw_refined       ? ? 
'X-RAY DIFFRACTION' ? ?      ?      ?    ? r_symmetry_vdw_other         ? ? 
'X-RAY DIFFRACTION' ? ?      ?      ?    ? r_symmetry_hbond_refined     ? ? 
'X-RAY DIFFRACTION' ? ?      ?      ?    ? r_symmetry_hbond_other       ? ? 
'X-RAY DIFFRACTION' ? ?      ?      ?    ? r_symmetry_metal_ion_refined ? ? 
'X-RAY DIFFRACTION' ? ?      ?      ?    ? r_symmetry_metal_ion_other   ? ? 
'X-RAY DIFFRACTION' ? 0.715  1.500  825  ? r_mcbond_it                  ? ? 
'X-RAY DIFFRACTION' ? 0.159  1.500  317  ? r_mcbond_other               ? ? 
'X-RAY DIFFRACTION' ? 1.333  2.000  1349 ? r_mcangle_it                 ? ? 
'X-RAY DIFFRACTION' ? ?      ?      ?    ? r_mcangle_other              ? ? 
'X-RAY DIFFRACTION' ? 2.156  3.000  545  ? r_scbond_it                  ? ? 
'X-RAY DIFFRACTION' ? ?      ?      ?    ? r_scbond_other               ? ? 
'X-RAY DIFFRACTION' ? 3.585  4.500  519  ? r_scangle_it                 ? ? 
'X-RAY DIFFRACTION' ? ?      ?      ?    ? r_scangle_other              ? ? 
'X-RAY DIFFRACTION' ? ?      ?      ?    ? r_long_range_B_refined       ? ? 
'X-RAY DIFFRACTION' ? ?      ?      ?    ? r_long_range_B_other         ? ? 
'X-RAY DIFFRACTION' ? ?      ?      ?    ? r_rigid_bond_restr           ? ? 
'X-RAY DIFFRACTION' ? ?      ?      ?    ? r_sphericity_free            ? ? 
'X-RAY DIFFRACTION' ? ?      ?      ?    ? r_sphericity_bonded          ? ? 
# 
_refine_ls_shell.pdbx_refine_id                   'X-RAY DIFFRACTION' 
_refine_ls_shell.d_res_high                       1.560 
_refine_ls_shell.d_res_low                        1.601 
_refine_ls_shell.number_reflns_all                ? 
_refine_ls_shell.number_reflns_obs                ? 
_refine_ls_shell.number_reflns_R_free             98 
_refine_ls_shell.number_reflns_R_work             1818 
_refine_ls_shell.percent_reflns_obs               94.71 
_refine_ls_shell.percent_reflns_R_free            ? 
_refine_ls_shell.R_factor_all                     ? 
_refine_ls_shell.R_factor_obs                     ? 
_refine_ls_shell.R_factor_R_free                  0.291 
_refine_ls_shell.R_factor_R_free_error            ? 
_refine_ls_shell.R_factor_R_work                  0.229 
_refine_ls_shell.redundancy_reflns_all            ? 
_refine_ls_shell.redundancy_reflns_obs            ? 
_refine_ls_shell.wR_factor_all                    ? 
_refine_ls_shell.wR_factor_obs                    ? 
_refine_ls_shell.wR_factor_R_free                 ? 
_refine_ls_shell.wR_factor_R_work                 ? 
_refine_ls_shell.pdbx_total_number_of_bins_used   20 
_refine_ls_shell.pdbx_phase_error                 ? 
_refine_ls_shell.pdbx_fsc_work                    ? 
_refine_ls_shell.pdbx_fsc_free                    ? 
# 
_struct.entry_id                     5F6X 
_struct.title                        
'Crystal structure of Ubc9 (K48/K49A/E54A) complexed with Fragment 2 (mercaptobenzoxazole from cocktail screen)' 
_struct.pdbx_model_details           ? 
_struct.pdbx_formula_weight          ? 
_struct.pdbx_formula_weight_method   ? 
_struct.pdbx_model_type_details      ? 
_struct.pdbx_CASP_flag               ? 
# 
_struct_keywords.entry_id        5F6X 
_struct_keywords.text            'Ubc9, Fragment drug design, sumoylation, LIGASE-LIGASE inhibitor complex' 
_struct_keywords.pdbx_keywords   'LIGASE/LIGASE inhibitor' 
# 
loop_
_struct_asym.id 
_struct_asym.pdbx_blank_PDB_chainid_flag 
_struct_asym.pdbx_modified 
_struct_asym.entity_id 
_struct_asym.details 
A N N 1 ? 
B N N 2 ? 
C N N 3 ? 
# 
loop_
_struct_conf.conf_type_id 
_struct_conf.id 
_struct_conf.pdbx_PDB_helix_id 
_struct_conf.beg_label_comp_id 
_struct_conf.beg_label_asym_id 
_struct_conf.beg_label_seq_id 
_struct_conf.pdbx_beg_PDB_ins_code 
_struct_conf.end_label_comp_id 
_struct_conf.end_label_asym_id 
_struct_conf.end_label_seq_id 
_struct_conf.pdbx_end_PDB_ins_code 
_struct_conf.beg_auth_comp_id 
_struct_conf.beg_auth_asym_id 
_struct_conf.beg_auth_seq_id 
_struct_conf.end_auth_comp_id 
_struct_conf.end_auth_asym_id 
_struct_conf.end_auth_seq_id 
_struct_conf.pdbx_PDB_helix_class 
_struct_conf.details 
_struct_conf.pdbx_PDB_helix_length 
HELX_P HELX_P1 AA1 SER A 1   ? ASP A 18  ? SER A 2   ASP A 19  1 ? 18 
HELX_P HELX_P2 AA2 LEU A 93  ? GLU A 97  ? LEU A 94  GLU A 98  5 ? 5  
HELX_P HELX_P3 AA3 THR A 107 ? GLU A 121 ? THR A 108 GLU A 122 1 ? 15 
HELX_P HELX_P4 AA4 GLN A 129 ? ASN A 139 ? GLN A 130 ASN A 140 1 ? 11 
HELX_P HELX_P5 AA5 ASN A 139 ? PHE A 154 ? ASN A 140 PHE A 155 1 ? 16 
# 
_struct_conf_type.id          HELX_P 
_struct_conf_type.criteria    ? 
_struct_conf_type.reference   ? 
# 
loop_
_struct_mon_prot_cis.pdbx_id 
_struct_mon_prot_cis.label_comp_id 
_struct_mon_prot_cis.label_seq_id 
_struct_mon_prot_cis.label_asym_id 
_struct_mon_prot_cis.label_alt_id 
_struct_mon_prot_cis.pdbx_PDB_ins_code 
_struct_mon_prot_cis.auth_comp_id 
_struct_mon_prot_cis.auth_seq_id 
_struct_mon_prot_cis.auth_asym_id 
_struct_mon_prot_cis.pdbx_label_comp_id_2 
_struct_mon_prot_cis.pdbx_label_seq_id_2 
_struct_mon_prot_cis.pdbx_label_asym_id_2 
_struct_mon_prot_cis.pdbx_PDB_ins_code_2 
_struct_mon_prot_cis.pdbx_auth_comp_id_2 
_struct_mon_prot_cis.pdbx_auth_seq_id_2 
_struct_mon_prot_cis.pdbx_auth_asym_id_2 
_struct_mon_prot_cis.pdbx_PDB_model_num 
_struct_mon_prot_cis.pdbx_omega_angle 
1 TYR 67 A . ? TYR 68 A PRO 68 A ? PRO 69 A 1 7.10  
2 GLU 77 A . ? GLU 78 A PRO 78 A ? PRO 79 A 1 9.57  
3 GLU 77 A . ? GLU 78 A PRO 78 A ? PRO 79 A 1 -1.53 
# 
_struct_sheet.id               AA1 
_struct_sheet.type             ? 
_struct_sheet.number_strands   4 
_struct_sheet.details          ? 
# 
loop_
_struct_sheet_order.sheet_id 
_struct_sheet_order.range_id_1 
_struct_sheet_order.range_id_2 
_struct_sheet_order.offset 
_struct_sheet_order.sense 
AA1 1 2 ? anti-parallel 
AA1 2 3 ? anti-parallel 
AA1 3 4 ? anti-parallel 
# 
loop_
_struct_sheet_range.sheet_id 
_struct_sheet_range.id 
_struct_sheet_range.beg_label_comp_id 
_struct_sheet_range.beg_label_asym_id 
_struct_sheet_range.beg_label_seq_id 
_struct_sheet_range.pdbx_beg_PDB_ins_code 
_struct_sheet_range.end_label_comp_id 
_struct_sheet_range.end_label_asym_id 
_struct_sheet_range.end_label_seq_id 
_struct_sheet_range.pdbx_end_PDB_ins_code 
_struct_sheet_range.beg_auth_comp_id 
_struct_sheet_range.beg_auth_asym_id 
_struct_sheet_range.beg_auth_seq_id 
_struct_sheet_range.end_auth_comp_id 
_struct_sheet_range.end_auth_asym_id 
_struct_sheet_range.end_auth_seq_id 
AA1 1 VAL A 24 ? LYS A 29 ? VAL A 25 LYS A 30 
AA1 2 MET A 35 ? PRO A 45 ? MET A 36 PRO A 46 
AA1 3 LEU A 56 ? LEU A 62 ? LEU A 57 LEU A 63 
AA1 4 LYS A 73 ? PHE A 76 ? LYS A 74 PHE A 77 
# 
loop_
_pdbx_struct_sheet_hbond.sheet_id 
_pdbx_struct_sheet_hbond.range_id_1 
_pdbx_struct_sheet_hbond.range_id_2 
_pdbx_struct_sheet_hbond.range_1_label_atom_id 
_pdbx_struct_sheet_hbond.range_1_label_comp_id 
_pdbx_struct_sheet_hbond.range_1_label_asym_id 
_pdbx_struct_sheet_hbond.range_1_label_seq_id 
_pdbx_struct_sheet_hbond.range_1_PDB_ins_code 
_pdbx_struct_sheet_hbond.range_1_auth_atom_id 
_pdbx_struct_sheet_hbond.range_1_auth_comp_id 
_pdbx_struct_sheet_hbond.range_1_auth_asym_id 
_pdbx_struct_sheet_hbond.range_1_auth_seq_id 
_pdbx_struct_sheet_hbond.range_2_label_atom_id 
_pdbx_struct_sheet_hbond.range_2_label_comp_id 
_pdbx_struct_sheet_hbond.range_2_label_asym_id 
_pdbx_struct_sheet_hbond.range_2_label_seq_id 
_pdbx_struct_sheet_hbond.range_2_PDB_ins_code 
_pdbx_struct_sheet_hbond.range_2_auth_atom_id 
_pdbx_struct_sheet_hbond.range_2_auth_comp_id 
_pdbx_struct_sheet_hbond.range_2_auth_asym_id 
_pdbx_struct_sheet_hbond.range_2_auth_seq_id 
AA1 1 2 N VAL A 26 ? N VAL A 27 O GLU A 41 ? O GLU A 42 
AA1 2 3 N ILE A 44 ? N ILE A 45 O PHE A 57 ? O PHE A 58 
AA1 3 4 N LEU A 62 ? N LEU A 63 O LYS A 73 ? O LYS A 74 
# 
_struct_site.id                   AC1 
_struct_site.pdbx_evidence_code   Software 
_struct_site.pdbx_auth_asym_id    A 
_struct_site.pdbx_auth_comp_id    5VM 
_struct_site.pdbx_auth_seq_id     201 
_struct_site.pdbx_auth_ins_code   ? 
_struct_site.pdbx_num_residues    7 
_struct_site.details              'binding site for residue 5VM A 201' 
# 
loop_
_struct_site_gen.id 
_struct_site_gen.site_id 
_struct_site_gen.pdbx_num_res 
_struct_site_gen.label_comp_id 
_struct_site_gen.label_asym_id 
_struct_site_gen.label_seq_id 
_struct_site_gen.pdbx_auth_ins_code 
_struct_site_gen.auth_comp_id 
_struct_site_gen.auth_asym_id 
_struct_site_gen.auth_seq_id 
_struct_site_gen.label_atom_id 
_struct_site_gen.label_alt_id 
_struct_site_gen.symmetry 
_struct_site_gen.details 
1 AC1 7 GLU A 41 ? GLU A 42  . ? 1_555 ? 
2 AC1 7 CYS A 42 ? CYS A 43  . ? 1_555 ? 
3 AC1 7 LYS A 58 ? LYS A 59  . ? 1_555 ? 
4 AC1 7 LEU A 59 ? LEU A 60  . ? 1_555 ? 
5 AC1 7 ARG A 60 ? ARG A 61  . ? 1_555 ? 
6 AC1 7 GLU A 77 ? GLU A 78  . ? 1_555 ? 
7 AC1 7 HOH C .  ? HOH A 425 . ? 1_555 ? 
# 
_atom_sites.entry_id                    5F6X 
_atom_sites.fract_transf_matrix[1][1]   0.01930609 
_atom_sites.fract_transf_matrix[1][2]   -0.00867908 
_atom_sites.fract_transf_matrix[1][3]   0.00248592 
_atom_sites.fract_transf_matrix[2][1]   0.00490300 
_atom_sites.fract_transf_matrix[2][2]   0.00302198 
_atom_sites.fract_transf_matrix[2][3]   -0.02752692 
_atom_sites.fract_transf_matrix[3][1]   0.01282937 
_atom_sites.fract_transf_matrix[3][2]   0.01282712 
_atom_sites.fract_transf_matrix[3][3]   0.00369332 
_atom_sites.fract_transf_vector[1]      1.350761 
_atom_sites.fract_transf_vector[2]      0.154938 
_atom_sites.fract_transf_vector[3]      1.129525 
# 
loop_
_atom_type.symbol 
C  
CL 
N  
O  
S  
# 
loop_
_atom_site.group_PDB 
_atom_site.id 
_atom_site.type_symbol 
_atom_site.label_atom_id 
_atom_site.label_alt_id 
_atom_site.label_comp_id 
_atom_site.label_asym_id 
_atom_site.label_entity_id 
_atom_site.label_seq_id 
_atom_site.pdbx_PDB_ins_code 
_atom_site.Cartn_x 
_atom_site.Cartn_y 
_atom_site.Cartn_z 
_atom_site.occupancy 
_atom_site.B_iso_or_equiv 
_atom_site.pdbx_formal_charge 
_atom_site.auth_seq_id 
_atom_site.auth_comp_id 
_atom_site.auth_asym_id 
_atom_site.auth_atom_id 
_atom_site.pdbx_PDB_model_num 
ATOM   1    N  N   . SER A 1 1   ? -13.651 -19.898 -2.514  1.00 23.02  ? 2   SER A N   1 
ATOM   2    C  CA  . SER A 1 1   ? -13.837 -18.417 -2.421  1.00 21.51  ? 2   SER A CA  1 
ATOM   3    C  C   . SER A 1 1   ? -14.615 -17.948 -1.180  1.00 19.65  ? 2   SER A C   1 
ATOM   4    O  O   . SER A 1 1   ? -14.482 -16.790 -0.771  1.00 18.07  ? 2   SER A O   1 
ATOM   5    C  CB  . SER A 1 1   ? -14.482 -17.894 -3.702  1.00 22.19  ? 2   SER A CB  1 
ATOM   6    O  OG  . SER A 1 1   ? -15.129 -16.658 -3.479  1.00 26.67  ? 2   SER A OG  1 
ATOM   7    N  N   . GLY A 1 2   ? -15.406 -18.837 -0.575  1.00 17.82  ? 3   GLY A N   1 
ATOM   8    C  CA  . GLY A 1 2   ? -16.153 -18.509 0.635   1.00 16.40  ? 3   GLY A CA  1 
ATOM   9    C  C   . GLY A 1 2   ? -15.292 -18.021 1.788   1.00 14.78  ? 3   GLY A C   1 
ATOM   10   O  O   . GLY A 1 2   ? -15.667 -17.092 2.487   1.00 14.43  ? 3   GLY A O   1 
ATOM   11   N  N   . ILE A 1 3   ? -14.149 -18.666 1.996   1.00 13.31  ? 4   ILE A N   1 
ATOM   12   C  CA  . ILE A 1 3   ? -13.250 -18.287 3.073   1.00 12.28  ? 4   ILE A CA  1 
ATOM   13   C  C   . ILE A 1 3   ? -12.731 -16.855 2.865   1.00 11.33  ? 4   ILE A C   1 
ATOM   14   O  O   . ILE A 1 3   ? -12.788 -16.047 3.785   1.00 11.79  ? 4   ILE A O   1 
ATOM   15   C  CB  . ILE A 1 3   ? -12.095 -19.312 3.221   1.00 11.96  ? 4   ILE A CB  1 
ATOM   16   C  CG1 . ILE A 1 3   ? -12.666 -20.660 3.695   1.00 13.28  ? 4   ILE A CG1 1 
ATOM   17   C  CG2 . ILE A 1 3   ? -11.056 -18.810 4.209   1.00 12.70  ? 4   ILE A CG2 1 
ATOM   18   C  CD1 . ILE A 1 3   ? -11.697 -21.788 3.645   1.00 13.27  ? 4   ILE A CD1 1 
ATOM   19   N  N   . ALA A 1 4   ? -12.275 -16.540 1.660   1.00 11.47  ? 5   ALA A N   1 
ATOM   20   C  CA  . ALA A 1 4   ? -11.769 -15.198 1.391   1.00 10.28  ? 5   ALA A CA  1 
ATOM   21   C  C   . ALA A 1 4   ? -12.896 -14.176 1.502   1.00 10.85  ? 5   ALA A C   1 
ATOM   22   O  O   . ALA A 1 4   ? -12.743 -13.130 2.125   1.00 10.18  ? 5   ALA A O   1 
ATOM   23   C  CB  . ALA A 1 4   ? -11.139 -15.111 0.018   1.00 10.51  ? 5   ALA A CB  1 
ATOM   24   N  N   . LEU A 1 5   ? -14.031 -14.466 0.880   1.00 11.75  ? 6   LEU A N   1 
ATOM   25   C  CA  . LEU A 1 5   ? -15.125 -13.492 0.880   1.00 11.84  ? 6   LEU A CA  1 
ATOM   26   C  C   . LEU A 1 5   ? -15.669 -13.188 2.274   1.00 12.11  ? 6   LEU A C   1 
ATOM   27   O  O   . LEU A 1 5   ? -16.058 -12.053 2.579   1.00 11.52  ? 6   LEU A O   1 
ATOM   28   C  CB  . LEU A 1 5   ? -16.240 -13.961 -0.066  1.00 11.86  ? 6   LEU A CB  1 
ATOM   29   C  CG  . LEU A 1 5   ? -15.868 -13.928 -1.538  1.00 14.17  ? 6   LEU A CG  1 
ATOM   30   C  CD1 . LEU A 1 5   ? -16.971 -14.573 -2.397  1.00 15.00  ? 6   LEU A CD1 1 
ATOM   31   C  CD2 . LEU A 1 5   ? -15.599 -12.522 -2.001  1.00 14.94  ? 6   LEU A CD2 1 
ATOM   32   N  N   . SER A 1 6   ? -15.686 -14.200 3.133   1.00 11.69  ? 7   SER A N   1 
ATOM   33   C  CA  A SER A 1 6   ? -16.158 -14.021 4.499   0.50 12.07  ? 7   SER A CA  1 
ATOM   34   C  CA  B SER A 1 6   ? -16.146 -14.041 4.506   0.50 12.40  ? 7   SER A CA  1 
ATOM   35   C  C   . SER A 1 6   ? -15.206 -13.110 5.263   1.00 11.60  ? 7   SER A C   1 
ATOM   36   O  O   . SER A 1 6   ? -15.643 -12.175 5.937   1.00 12.58  ? 7   SER A O   1 
ATOM   37   C  CB  A SER A 1 6   ? -16.287 -15.361 5.221   0.50 12.50  ? 7   SER A CB  1 
ATOM   38   C  CB  B SER A 1 6   ? -16.212 -15.400 5.210   0.50 12.87  ? 7   SER A CB  1 
ATOM   39   O  OG  A SER A 1 6   ? -16.786 -15.165 6.536   0.50 13.52  ? 7   SER A OG  1 
ATOM   40   O  OG  B SER A 1 6   ? -17.285 -16.176 4.711   0.50 15.94  ? 7   SER A OG  1 
ATOM   41   N  N   . ARG A 1 7   ? -13.915 -13.374 5.134   1.00 10.41  ? 8   ARG A N   1 
ATOM   42   C  CA  . ARG A 1 7   ? -12.916 -12.526 5.764   1.00 9.57   ? 8   ARG A CA  1 
ATOM   43   C  C   . ARG A 1 7   ? -12.949 -11.100 5.197   1.00 9.45   ? 8   ARG A C   1 
ATOM   44   O  O   . ARG A 1 7   ? -12.870 -10.148 5.955   1.00 8.87   ? 8   ARG A O   1 
ATOM   45   C  CB  . ARG A 1 7   ? -11.517 -13.116 5.648   1.00 9.09   ? 8   ARG A CB  1 
ATOM   46   C  CG  . ARG A 1 7   ? -10.432 -12.189 6.199   1.00 8.90   ? 8   ARG A CG  1 
ATOM   47   C  CD  . ARG A 1 7   ? -10.562 -11.828 7.688   1.00 9.90   ? 8   ARG A CD  1 
ATOM   48   N  NE  . ARG A 1 7   ? -9.391  -11.033 8.000   1.00 9.91   ? 8   ARG A NE  1 
ATOM   49   C  CZ  . ARG A 1 7   ? -8.179  -11.513 8.253   1.00 9.16   ? 8   ARG A CZ  1 
ATOM   50   N  NH1 . ARG A 1 7   ? -7.963  -12.818 8.372   1.00 8.55   ? 8   ARG A NH1 1 
ATOM   51   N  NH2 . ARG A 1 7   ? -7.170  -10.667 8.394   1.00 11.01  ? 8   ARG A NH2 1 
ATOM   52   N  N   . LEU A 1 8   ? -13.107 -10.963 3.883   1.00 9.61   ? 9   LEU A N   1 
ATOM   53   C  CA  . LEU A 1 8   ? -13.104 -9.634  3.269   1.00 9.97   ? 9   LEU A CA  1 
ATOM   54   C  C   . LEU A 1 8   ? -14.336 -8.817  3.691   1.00 10.31  ? 9   LEU A C   1 
ATOM   55   O  O   . LEU A 1 8   ? -14.229 -7.609  3.914   1.00 10.71  ? 9   LEU A O   1 
ATOM   56   C  CB  . LEU A 1 8   ? -12.983 -9.744  1.750   1.00 9.92   ? 9   LEU A CB  1 
ATOM   57   C  CG  . LEU A 1 8   ? -11.567 -10.136 1.305   1.00 9.41   ? 9   LEU A CG  1 
ATOM   58   C  CD1 . LEU A 1 8   ? -11.542 -10.750 -0.077  1.00 10.61  ? 9   LEU A CD1 1 
ATOM   59   C  CD2 . LEU A 1 8   ? -10.603 -8.953  1.403   1.00 10.70  ? 9   LEU A CD2 1 
ATOM   60   N  N   . ALA A 1 9   ? -15.484 -9.479  3.860   1.00 10.44  ? 10  ALA A N   1 
ATOM   61   C  CA  . ALA A 1 9   ? -16.653 -8.802  4.435   1.00 11.06  ? 10  ALA A CA  1 
ATOM   62   C  C   . ALA A 1 9   ? -16.392 -8.308  5.869   1.00 11.07  ? 10  ALA A C   1 
ATOM   63   O  O   . ALA A 1 9   ? -16.801 -7.205  6.237   1.00 11.23  ? 10  ALA A O   1 
ATOM   64   C  CB  . ALA A 1 9   ? -17.881 -9.711  4.389   1.00 11.41  ? 10  ALA A CB  1 
ATOM   65   N  N   A GLN A 1 10  ? -15.705 -9.128  6.669   0.50 10.99  ? 11  GLN A N   1 
ATOM   66   N  N   B GLN A 1 10  ? -15.709 -9.114  6.677   0.50 11.24  ? 11  GLN A N   1 
ATOM   67   C  CA  A GLN A 1 10  ? -15.289 -8.746  8.029   0.50 11.26  ? 11  GLN A CA  1 
ATOM   68   C  CA  B GLN A 1 10  ? -15.338 -8.682  8.022   0.50 11.73  ? 11  GLN A CA  1 
ATOM   69   C  C   A GLN A 1 10  ? -14.366 -7.523  8.009   0.50 10.71  ? 11  GLN A C   1 
ATOM   70   C  C   B GLN A 1 10  ? -14.401 -7.475  7.972   0.50 10.93  ? 11  GLN A C   1 
ATOM   71   O  O   A GLN A 1 10  ? -14.508 -6.614  8.828   0.50 10.96  ? 11  GLN A O   1 
ATOM   72   O  O   B GLN A 1 10  ? -14.580 -6.518  8.722   0.50 11.12  ? 11  GLN A O   1 
ATOM   73   C  CB  A GLN A 1 10  ? -14.600 -9.934  8.727   0.50 11.47  ? 11  GLN A CB  1 
ATOM   74   C  CB  B GLN A 1 10  ? -14.697 -9.828  8.803   0.50 12.15  ? 11  GLN A CB  1 
ATOM   75   C  CG  A GLN A 1 10  ? -14.002 -9.640  10.110  0.50 12.80  ? 11  GLN A CG  1 
ATOM   76   C  CG  B GLN A 1 10  ? -15.640 -10.993 9.045   0.50 14.90  ? 11  GLN A CG  1 
ATOM   77   C  CD  A GLN A 1 10  ? -13.337 -10.864 10.736  0.50 13.77  ? 11  GLN A CD  1 
ATOM   78   C  CD  B GLN A 1 10  ? -14.967 -12.146 9.754   0.50 17.03  ? 11  GLN A CD  1 
ATOM   79   O  OE1 A GLN A 1 10  ? -14.008 -11.833 11.094  0.50 15.48  ? 11  GLN A OE1 1 
ATOM   80   O  OE1 B GLN A 1 10  ? -13.748 -12.315 9.673   0.50 18.81  ? 11  GLN A OE1 1 
ATOM   81   N  NE2 A GLN A 1 10  ? -12.016 -10.820 10.873  0.50 13.04  ? 11  GLN A NE2 1 
ATOM   82   N  NE2 B GLN A 1 10  ? -15.760 -12.953 10.461  0.50 20.20  ? 11  GLN A NE2 1 
ATOM   83   N  N   . GLU A 1 11  ? -13.419 -7.513  7.073   1.00 10.19  ? 12  GLU A N   1 
ATOM   84   C  CA  . GLU A 1 11  ? -12.493 -6.396  6.931   1.00 9.80   ? 12  GLU A CA  1 
ATOM   85   C  C   . GLU A 1 11  ? -13.232 -5.120  6.537   1.00 10.25  ? 12  GLU A C   1 
ATOM   86   O  O   . GLU A 1 11  ? -12.920 -4.046  7.045   1.00 10.49  ? 12  GLU A O   1 
ATOM   87   C  CB  . GLU A 1 11  ? -11.417 -6.709  5.891   1.00 9.97   ? 12  GLU A CB  1 
ATOM   88   C  CG  . GLU A 1 11  ? -10.472 -7.828  6.285   1.00 10.00  ? 12  GLU A CG  1 
ATOM   89   C  CD  . GLU A 1 11  ? -9.427  -7.399  7.286   1.00 10.91  ? 12  GLU A CD  1 
ATOM   90   O  OE1 . GLU A 1 11  ? -9.110  -6.187  7.353   1.00 10.75  ? 12  GLU A OE1 1 
ATOM   91   O  OE2 . GLU A 1 11  ? -8.922  -8.272  8.022   1.00 12.43  ? 12  GLU A OE2 1 
ATOM   92   N  N   . ARG A 1 12  ? -14.182 -5.244  5.619   1.00 10.90  ? 13  ARG A N   1 
ATOM   93   C  CA  . ARG A 1 12  ? -14.926 -4.072  5.149   1.00 11.65  ? 13  ARG A CA  1 
ATOM   94   C  C   . ARG A 1 12  ? -15.740 -3.467  6.286   1.00 12.09  ? 13  ARG A C   1 
ATOM   95   O  O   . ARG A 1 12  ? -15.803 -2.255  6.447   1.00 12.45  ? 13  ARG A O   1 
ATOM   96   C  CB  . ARG A 1 12  ? -15.856 -4.454  4.000   1.00 12.02  ? 13  ARG A CB  1 
ATOM   97   C  CG  . ARG A 1 12  ? -16.468 -3.267  3.273   1.00 15.43  ? 13  ARG A CG  1 
ATOM   98   C  CD  . ARG A 1 12  ? -17.597 -3.736  2.381   1.00 20.92  ? 13  ARG A CD  1 
ATOM   99   N  NE  . ARG A 1 12  ? -18.274 -2.623  1.726   1.00 26.89  ? 13  ARG A NE  1 
ATOM   100  C  CZ  . ARG A 1 12  ? -19.452 -2.702  1.116   1.00 31.01  ? 13  ARG A CZ  1 
ATOM   101  N  NH1 . ARG A 1 12  ? -20.121 -3.851  1.078   1.00 33.30  ? 13  ARG A NH1 1 
ATOM   102  N  NH2 . ARG A 1 12  ? -19.970 -1.615  0.542   1.00 32.66  ? 13  ARG A NH2 1 
ATOM   103  N  N   . LYS A 1 13  ? -16.368 -4.330  7.080   1.00 12.25  ? 14  LYS A N   1 
ATOM   104  C  CA  . LYS A 1 13  ? -17.204 -3.877  8.193   1.00 12.88  ? 14  LYS A CA  1 
ATOM   105  C  C   . LYS A 1 13  ? -16.350 -3.125  9.217   1.00 12.53  ? 14  LYS A C   1 
ATOM   106  O  O   . LYS A 1 13  ? -16.708 -2.029  9.662   1.00 12.24  ? 14  LYS A O   1 
ATOM   107  C  CB  . LYS A 1 13  ? -17.905 -5.080  8.832   1.00 13.90  ? 14  LYS A CB  1 
ATOM   108  C  CG  . LYS A 1 13  ? -18.824 -4.739  9.985   1.00 16.53  ? 14  LYS A CG  1 
ATOM   109  C  CD  . LYS A 1 13  ? -19.633 -5.964  10.399  1.00 20.24  ? 14  LYS A CD  1 
ATOM   110  C  CE  . LYS A 1 13  ? -20.561 -5.660  11.571  1.00 23.14  ? 14  LYS A CE  1 
ATOM   111  N  NZ  . LYS A 1 13  ? -21.647 -6.681  11.691  1.00 26.63  ? 14  LYS A NZ  1 
ATOM   112  N  N   . ALA A 1 14  ? -15.203 -3.714  9.567   1.00 11.73  ? 15  ALA A N   1 
ATOM   113  C  CA  . ALA A 1 14  ? -14.264 -3.114  10.514  1.00 12.64  ? 15  ALA A CA  1 
ATOM   114  C  C   . ALA A 1 14  ? -13.729 -1.789  9.998   1.00 12.59  ? 15  ALA A C   1 
ATOM   115  O  O   . ALA A 1 14  ? -13.655 -0.808  10.725  1.00 12.74  ? 15  ALA A O   1 
ATOM   116  C  CB  . ALA A 1 14  ? -13.108 -4.083  10.788  1.00 12.81  ? 15  ALA A CB  1 
ATOM   117  N  N   . TRP A 1 15  ? -13.354 -1.768  8.725   1.00 12.02  ? 16  TRP A N   1 
ATOM   118  C  CA  . TRP A 1 15  ? -12.791 -0.564  8.126   1.00 12.09  ? 16  TRP A CA  1 
ATOM   119  C  C   . TRP A 1 15  ? -13.806 0.577   8.195   1.00 12.87  ? 16  TRP A C   1 
ATOM   120  O  O   . TRP A 1 15  ? -13.475 1.691   8.590   1.00 13.36  ? 16  TRP A O   1 
ATOM   121  C  CB  . TRP A 1 15  ? -12.373 -0.821  6.676   1.00 12.02  ? 16  TRP A CB  1 
ATOM   122  C  CG  . TRP A 1 15  ? -11.854 0.406   6.018   1.00 10.42  ? 16  TRP A CG  1 
ATOM   123  C  CD1 . TRP A 1 15  ? -12.546 1.272   5.224   1.00 11.41  ? 16  TRP A CD1 1 
ATOM   124  C  CD2 . TRP A 1 15  ? -10.526 0.924   6.120   1.00 9.74   ? 16  TRP A CD2 1 
ATOM   125  N  NE1 . TRP A 1 15  ? -11.721 2.283   4.800   1.00 11.43  ? 16  TRP A NE1 1 
ATOM   126  C  CE2 . TRP A 1 15  ? -10.482 2.103   5.358   1.00 9.32   ? 16  TRP A CE2 1 
ATOM   127  C  CE3 . TRP A 1 15  ? -9.365  0.492   6.774   1.00 9.38   ? 16  TRP A CE3 1 
ATOM   128  C  CZ2 . TRP A 1 15  ? -9.313  2.858   5.230   1.00 9.11   ? 16  TRP A CZ2 1 
ATOM   129  C  CZ3 . TRP A 1 15  ? -8.205  1.242   6.645   1.00 9.24   ? 16  TRP A CZ3 1 
ATOM   130  C  CH2 . TRP A 1 15  ? -8.194  2.417   5.888   1.00 8.68   ? 16  TRP A CH2 1 
ATOM   131  N  N   . ARG A 1 16  ? -15.042 0.300   7.801   1.00 13.43  ? 17  ARG A N   1 
ATOM   132  C  CA  . ARG A 1 16  ? -16.065 1.352   7.763   1.00 14.57  ? 17  ARG A CA  1 
ATOM   133  C  C   . ARG A 1 16  ? -16.372 1.893   9.166   1.00 15.70  ? 17  ARG A C   1 
ATOM   134  O  O   . ARG A 1 16  ? -16.627 3.093   9.332   1.00 16.63  ? 17  ARG A O   1 
ATOM   135  C  CB  . ARG A 1 16  ? -17.316 0.832   7.067   1.00 14.30  ? 17  ARG A CB  1 
ATOM   136  C  CG  . ARG A 1 16  ? -17.076 0.565   5.586   1.00 16.49  ? 17  ARG A CG  1 
ATOM   137  C  CD  . ARG A 1 16  ? -18.234 -0.143  4.941   1.00 20.52  ? 17  ARG A CD  1 
ATOM   138  N  NE  . ARG A 1 16  ? -19.325 0.778   4.677   1.00 24.59  ? 17  ARG A NE  1 
ATOM   139  C  CZ  . ARG A 1 16  ? -20.456 0.446   4.065   1.00 28.70  ? 17  ARG A CZ  1 
ATOM   140  N  NH1 . ARG A 1 16  ? -20.662 -0.810  3.664   1.00 30.29  ? 17  ARG A NH1 1 
ATOM   141  N  NH2 . ARG A 1 16  ? -21.390 1.374   3.866   1.00 30.68  ? 17  ARG A NH2 1 
ATOM   142  N  N   . LYS A 1 17  ? -16.308 1.025   10.168  1.00 15.97  ? 18  LYS A N   1 
ATOM   143  C  CA  . LYS A 1 17  ? -16.535 1.425   11.564  1.00 16.94  ? 18  LYS A CA  1 
ATOM   144  C  C   . LYS A 1 17  ? -15.416 2.294   12.126  1.00 17.21  ? 18  LYS A C   1 
ATOM   145  O  O   . LYS A 1 17  ? -15.665 3.225   12.886  1.00 17.40  ? 18  LYS A O   1 
ATOM   146  C  CB  . LYS A 1 17  ? -16.713 0.185   12.442  1.00 17.41  ? 18  LYS A CB  1 
ATOM   147  C  CG  . LYS A 1 17  ? -17.063 0.506   13.890  1.00 20.05  ? 18  LYS A CG  1 
ATOM   148  C  CD  . LYS A 1 17  ? -17.242 -0.768  14.684  1.00 22.80  ? 18  LYS A CD  1 
ATOM   149  C  CE  . LYS A 1 17  ? -17.500 -0.469  16.157  1.00 25.02  ? 18  LYS A CE  1 
ATOM   150  N  NZ  . LYS A 1 17  ? -17.317 -1.705  16.981  1.00 27.26  ? 18  LYS A NZ  1 
ATOM   151  N  N   . ASP A 1 18  ? -14.176 1.988   11.769  1.00 16.83  ? 19  ASP A N   1 
ATOM   152  C  CA  . ASP A 1 18  ? -13.045 2.709   12.330  1.00 17.60  ? 19  ASP A CA  1 
ATOM   153  C  C   . ASP A 1 18  ? -11.847 2.573   11.422  1.00 16.51  ? 19  ASP A C   1 
ATOM   154  O  O   . ASP A 1 18  ? -11.329 1.478   11.265  1.00 16.55  ? 19  ASP A O   1 
ATOM   155  C  CB  . ASP A 1 18  ? -12.711 2.135   13.707  1.00 18.52  ? 19  ASP A CB  1 
ATOM   156  C  CG  . ASP A 1 18  ? -11.535 2.825   14.366  1.00 21.79  ? 19  ASP A CG  1 
ATOM   157  O  OD1 . ASP A 1 18  ? -11.331 4.031   14.124  1.00 28.15  ? 19  ASP A OD1 1 
ATOM   158  O  OD2 . ASP A 1 18  ? -10.825 2.160   15.147  1.00 27.99  ? 19  ASP A OD2 1 
ATOM   159  N  N   . HIS A 1 19  ? -11.427 3.676   10.812  1.00 15.47  ? 20  HIS A N   1 
ATOM   160  C  CA  . HIS A 1 19  ? -10.236 3.664   9.980   1.00 14.89  ? 20  HIS A CA  1 
ATOM   161  C  C   . HIS A 1 19  ? -9.454  4.932   10.238  1.00 14.13  ? 20  HIS A C   1 
ATOM   162  O  O   . HIS A 1 19  ? -10.000 5.920   10.748  1.00 13.63  ? 20  HIS A O   1 
ATOM   163  C  CB  . HIS A 1 19  ? -10.620 3.533   8.500   1.00 14.77  ? 20  HIS A CB  1 
ATOM   164  C  CG  . HIS A 1 19  ? -11.562 4.585   8.023   1.00 16.34  ? 20  HIS A CG  1 
ATOM   165  N  ND1 . HIS A 1 19  ? -11.130 5.796   7.534   1.00 20.61  ? 20  HIS A ND1 1 
ATOM   166  C  CD2 . HIS A 1 19  ? -12.916 4.616   7.973   1.00 18.14  ? 20  HIS A CD2 1 
ATOM   167  C  CE1 . HIS A 1 19  ? -12.176 6.532   7.202   1.00 21.26  ? 20  HIS A CE1 1 
ATOM   168  N  NE2 . HIS A 1 19  ? -13.273 5.840   7.459   1.00 22.17  ? 20  HIS A NE2 1 
ATOM   169  N  N   . PRO A 1 20  ? -8.154  4.908   9.924   1.00 12.86  ? 21  PRO A N   1 
ATOM   170  C  CA  . PRO A 1 20  ? -7.329  6.086   10.093  1.00 12.77  ? 21  PRO A CA  1 
ATOM   171  C  C   . PRO A 1 20  ? -7.748  7.211   9.150   1.00 12.07  ? 21  PRO A C   1 
ATOM   172  O  O   . PRO A 1 20  ? -8.067  6.985   7.986   1.00 11.30  ? 21  PRO A O   1 
ATOM   173  C  CB  . PRO A 1 20  ? -5.916  5.582   9.774   1.00 12.86  ? 21  PRO A CB  1 
ATOM   174  C  CG  . PRO A 1 20  ? -6.120  4.384   8.966   1.00 13.59  ? 21  PRO A CG  1 
ATOM   175  C  CD  . PRO A 1 20  ? -7.384  3.755   9.418   1.00 13.56  ? 21  PRO A CD  1 
ATOM   176  N  N   . PHE A 1 21  ? -7.733  8.429   9.678   1.00 12.06  ? 22  PHE A N   1 
ATOM   177  C  CA  . PHE A 1 21  ? -8.213  9.586   8.957   1.00 12.36  ? 22  PHE A CA  1 
ATOM   178  C  C   . PHE A 1 21  ? -7.412  9.830   7.681   1.00 11.71  ? 22  PHE A C   1 
ATOM   179  O  O   . PHE A 1 21  ? -6.182  9.763   7.685   1.00 12.30  ? 22  PHE A O   1 
ATOM   180  C  CB  . PHE A 1 21  ? -8.152  10.831  9.854   1.00 12.83  ? 22  PHE A CB  1 
ATOM   181  C  CG  . PHE A 1 21  ? -8.760  12.024  9.219   1.00 14.15  ? 22  PHE A CG  1 
ATOM   182  C  CD1 . PHE A 1 21  ? -10.137 12.124  9.114   1.00 15.50  ? 22  PHE A CD1 1 
ATOM   183  C  CD2 . PHE A 1 21  ? -7.965  13.027  8.673   1.00 14.52  ? 22  PHE A CD2 1 
ATOM   184  C  CE1 . PHE A 1 21  ? -10.716 13.202  8.508   1.00 16.74  ? 22  PHE A CE1 1 
ATOM   185  C  CE2 . PHE A 1 21  ? -8.542  14.116  8.050   1.00 16.62  ? 22  PHE A CE2 1 
ATOM   186  C  CZ  . PHE A 1 21  ? -9.924  14.205  7.975   1.00 16.80  ? 22  PHE A CZ  1 
ATOM   187  N  N   . GLY A 1 22  ? -8.127  10.091  6.599   1.00 11.45  ? 23  GLY A N   1 
ATOM   188  C  CA  . GLY A 1 22  ? -7.516  10.428  5.316   1.00 11.19  ? 23  GLY A CA  1 
ATOM   189  C  C   . GLY A 1 22  ? -7.206  9.223   4.455   1.00 11.18  ? 23  GLY A C   1 
ATOM   190  O  O   . GLY A 1 22  ? -6.875  9.382   3.281   1.00 12.23  ? 23  GLY A O   1 
ATOM   191  N  N   . PHE A 1 23  ? -7.333  8.026   5.023   1.00 10.48  ? 24  PHE A N   1 
ATOM   192  C  CA  . PHE A 1 23  ? -7.146  6.812   4.239   1.00 10.15  ? 24  PHE A CA  1 
ATOM   193  C  C   . PHE A 1 23  ? -8.446  6.433   3.561   1.00 10.38  ? 24  PHE A C   1 
ATOM   194  O  O   . PHE A 1 23  ? -9.536  6.711   4.070   1.00 12.57  ? 24  PHE A O   1 
ATOM   195  C  CB  . PHE A 1 23  ? -6.719  5.630   5.098   1.00 9.56   ? 24  PHE A CB  1 
ATOM   196  C  CG  . PHE A 1 23  ? -5.292  5.694   5.587   1.00 8.46   ? 24  PHE A CG  1 
ATOM   197  C  CD1 . PHE A 1 23  ? -4.885  6.618   6.540   1.00 8.29   ? 24  PHE A CD1 1 
ATOM   198  C  CD2 . PHE A 1 23  ? -4.354  4.774   5.132   1.00 8.18   ? 24  PHE A CD2 1 
ATOM   199  C  CE1 . PHE A 1 23  ? -3.594  6.616   7.021   1.00 9.43   ? 24  PHE A CE1 1 
ATOM   200  C  CE2 . PHE A 1 23  ? -3.055  4.779   5.607   1.00 10.27  ? 24  PHE A CE2 1 
ATOM   201  C  CZ  . PHE A 1 23  ? -2.669  5.706   6.550   1.00 10.47  ? 24  PHE A CZ  1 
ATOM   202  N  N   . VAL A 1 24  ? -8.315  5.762   2.425   1.00 10.13  ? 25  VAL A N   1 
ATOM   203  C  CA  . VAL A 1 24  ? -9.453  5.242   1.676   1.00 10.33  ? 25  VAL A CA  1 
ATOM   204  C  C   . VAL A 1 24  ? -9.214  3.756   1.410   1.00 9.69   ? 25  VAL A C   1 
ATOM   205  O  O   . VAL A 1 24  ? -8.085  3.325   1.132   1.00 9.48   ? 25  VAL A O   1 
ATOM   206  C  CB  . VAL A 1 24  ? -9.624  5.995   0.335   1.00 10.38  ? 25  VAL A CB  1 
ATOM   207  C  CG1 . VAL A 1 24  ? -10.796 5.438   -0.465  1.00 13.14  ? 25  VAL A CG1 1 
ATOM   208  C  CG2 . VAL A 1 24  ? -9.822  7.484   0.586   1.00 12.27  ? 25  VAL A CG2 1 
ATOM   209  N  N   . ALA A 1 25  ? -10.272 2.954   1.505   1.00 9.25   ? 26  ALA A N   1 
ATOM   210  C  CA  . ALA A 1 25  ? -10.213 1.528   1.106   1.00 8.76   ? 26  ALA A CA  1 
ATOM   211  C  C   . ALA A 1 25  ? -11.607 1.036   0.732   1.00 9.03   ? 26  ALA A C   1 
ATOM   212  O  O   . ALA A 1 25  ? -12.452 0.853   1.616   1.00 11.06  ? 26  ALA A O   1 
ATOM   213  C  CB  . ALA A 1 25  ? -9.623  0.661   2.231   1.00 8.85   ? 26  ALA A CB  1 
ATOM   214  N  N   . VAL A 1 26  ? -11.863 0.873   -0.571  1.00 9.76   ? 27  VAL A N   1 
ATOM   215  C  CA  . VAL A 1 26  ? -13.202 0.575   -1.065  1.00 10.87  ? 27  VAL A CA  1 
ATOM   216  C  C   . VAL A 1 26  ? -13.138 -0.516  -2.128  1.00 10.61  ? 27  VAL A C   1 
ATOM   217  O  O   . VAL A 1 26  ? -12.372 -0.414  -3.083  1.00 11.52  ? 27  VAL A O   1 
ATOM   218  C  CB  . VAL A 1 26  ? -13.886 1.849   -1.650  1.00 10.95  ? 27  VAL A CB  1 
ATOM   219  C  CG1 . VAL A 1 26  ? -15.329 1.542   -2.085  1.00 13.10  ? 27  VAL A CG1 1 
ATOM   220  C  CG2 . VAL A 1 26  ? -13.862 3.011   -0.629  1.00 12.16  ? 27  VAL A CG2 1 
ATOM   221  N  N   . PRO A 1 27  ? -13.947 -1.577  -1.966  1.00 10.83  ? 28  PRO A N   1 
ATOM   222  C  CA  . PRO A 1 27  ? -14.014 -2.606  -3.003  1.00 11.32  ? 28  PRO A CA  1 
ATOM   223  C  C   . PRO A 1 27  ? -14.498 -2.033  -4.322  1.00 11.48  ? 28  PRO A C   1 
ATOM   224  O  O   . PRO A 1 27  ? -15.164 -0.997  -4.347  1.00 12.92  ? 28  PRO A O   1 
ATOM   225  C  CB  . PRO A 1 27  ? -15.044 -3.608  -2.450  1.00 11.57  ? 28  PRO A CB  1 
ATOM   226  C  CG  . PRO A 1 27  ? -15.194 -3.303  -1.064  1.00 12.85  ? 28  PRO A CG  1 
ATOM   227  C  CD  . PRO A 1 27  ? -14.827 -1.877  -0.840  1.00 11.37  ? 28  PRO A CD  1 
ATOM   228  N  N   . THR A 1 28  ? -14.140 -2.702  -5.403  1.00 11.16  ? 29  THR A N   1 
ATOM   229  C  CA  . THR A 1 28  ? -14.537 -2.297  -6.750  1.00 11.40  ? 29  THR A CA  1 
ATOM   230  C  C   . THR A 1 28  ? -15.782 -3.072  -7.158  1.00 10.85  ? 29  THR A C   1 
ATOM   231  O  O   . THR A 1 28  ? -16.455 -3.662  -6.321  1.00 11.21  ? 29  THR A O   1 
ATOM   232  C  CB  . THR A 1 28  ? -13.394 -2.507  -7.717  1.00 11.17  ? 29  THR A CB  1 
ATOM   233  O  OG1 . THR A 1 28  ? -13.004 -3.889  -7.728  1.00 12.07  ? 29  THR A OG1 1 
ATOM   234  C  CG2 . THR A 1 28  ? -12.214 -1.620  -7.314  1.00 12.08  ? 29  THR A CG2 1 
ATOM   235  N  N   . LYS A 1 29  ? -16.114 -3.023  -8.451  1.00 11.17  ? 30  LYS A N   1 
ATOM   236  C  CA  . LYS A 1 29  ? -17.287 -3.693  -8.974  1.00 12.53  ? 30  LYS A CA  1 
ATOM   237  C  C   . LYS A 1 29  ? -16.917 -4.640  -10.103 1.00 13.25  ? 30  LYS A C   1 
ATOM   238  O  O   . LYS A 1 29  ? -15.965 -4.407  -10.848 1.00 14.07  ? 30  LYS A O   1 
ATOM   239  C  CB  . LYS A 1 29  ? -18.304 -2.655  -9.460  1.00 11.98  ? 30  LYS A CB  1 
ATOM   240  C  CG  . LYS A 1 29  ? -18.988 -1.913  -8.316  1.00 13.43  ? 30  LYS A CG  1 
ATOM   241  C  CD  . LYS A 1 29  ? -20.002 -0.847  -8.801  1.00 15.67  ? 30  LYS A CD  1 
ATOM   242  C  CE  . LYS A 1 29  ? -20.632 -0.123  -7.622  1.00 17.66  ? 30  LYS A CE  1 
ATOM   243  N  NZ  . LYS A 1 29  ? -21.713 0.825   -8.030  1.00 18.33  ? 30  LYS A NZ  1 
ATOM   244  N  N   . ASN A 1 30  ? -17.696 -5.711  -10.217 1.00 14.87  ? 31  ASN A N   1 
ATOM   245  C  CA  . ASN A 1 30  ? -17.610 -6.644  -11.332 1.00 16.58  ? 31  ASN A CA  1 
ATOM   246  C  C   . ASN A 1 30  ? -18.299 -6.048  -12.560 1.00 17.84  ? 31  ASN A C   1 
ATOM   247  O  O   . ASN A 1 30  ? -19.024 -5.066  -12.435 1.00 17.63  ? 31  ASN A O   1 
ATOM   248  C  CB  . ASN A 1 30  ? -18.294 -7.953  -10.937 1.00 16.96  ? 31  ASN A CB  1 
ATOM   249  C  CG  . ASN A 1 30  ? -17.592 -8.650  -9.794  1.00 17.30  ? 31  ASN A CG  1 
ATOM   250  O  OD1 . ASN A 1 30  ? -16.386 -8.880  -9.863  1.00 19.38  ? 31  ASN A OD1 1 
ATOM   251  N  ND2 . ASN A 1 30  ? -18.332 -8.988  -8.745  1.00 19.06  ? 31  ASN A ND2 1 
ATOM   252  N  N   . PRO A 1 31  ? -18.097 -6.647  -13.752 1.00 19.08  ? 32  PRO A N   1 
ATOM   253  C  CA  . PRO A 1 31  ? -18.768 -6.133  -14.953 1.00 19.83  ? 32  PRO A CA  1 
ATOM   254  C  C   . PRO A 1 31  ? -20.302 -6.085  -14.869 1.00 20.32  ? 32  PRO A C   1 
ATOM   255  O  O   . PRO A 1 31  ? -20.914 -5.276  -15.571 1.00 20.43  ? 32  PRO A O   1 
ATOM   256  C  CB  . PRO A 1 31  ? -18.298 -7.102  -16.045 1.00 20.17  ? 32  PRO A CB  1 
ATOM   257  C  CG  . PRO A 1 31  ? -16.958 -7.543  -15.582 1.00 20.27  ? 32  PRO A CG  1 
ATOM   258  C  CD  . PRO A 1 31  ? -17.107 -7.687  -14.091 1.00 19.23  ? 32  PRO A CD  1 
ATOM   259  N  N   . ASP A 1 32  ? -20.917 -6.919  -14.030 1.00 20.91  ? 33  ASP A N   1 
ATOM   260  C  CA  . ASP A 1 32  ? -22.374 -6.875  -13.826 1.00 21.14  ? 33  ASP A CA  1 
ATOM   261  C  C   . ASP A 1 32  ? -22.826 -5.880  -12.767 1.00 20.57  ? 33  ASP A C   1 
ATOM   262  O  O   . ASP A 1 32  ? -24.022 -5.777  -12.493 1.00 21.14  ? 33  ASP A O   1 
ATOM   263  C  CB  . ASP A 1 32  ? -22.938 -8.273  -13.522 1.00 21.65  ? 33  ASP A CB  1 
ATOM   264  C  CG  . ASP A 1 32  ? -22.496 -8.825  -12.172 1.00 23.68  ? 33  ASP A CG  1 
ATOM   265  O  OD1 . ASP A 1 32  ? -21.695 -8.173  -11.459 1.00 21.63  ? 33  ASP A OD1 1 
ATOM   266  O  OD2 . ASP A 1 32  ? -22.943 -9.945  -11.831 1.00 26.27  ? 33  ASP A OD2 1 
ATOM   267  N  N   . GLY A 1 33  ? -21.880 -5.152  -12.170 1.00 19.09  ? 34  GLY A N   1 
ATOM   268  C  CA  . GLY A 1 33  ? -22.199 -4.134  -11.175 1.00 18.60  ? 34  GLY A CA  1 
ATOM   269  C  C   . GLY A 1 33  ? -22.196 -4.599  -9.731  1.00 18.23  ? 34  GLY A C   1 
ATOM   270  O  O   . GLY A 1 33  ? -22.312 -3.782  -8.812  1.00 18.75  ? 34  GLY A O   1 
ATOM   271  N  N   . THR A 1 34  ? -22.057 -5.903  -9.505  1.00 18.14  ? 35  THR A N   1 
ATOM   272  C  CA  . THR A 1 34  ? -21.979 -6.392  -8.141  1.00 17.59  ? 35  THR A CA  1 
ATOM   273  C  C   . THR A 1 34  ? -20.619 -6.047  -7.544  1.00 16.72  ? 35  THR A C   1 
ATOM   274  O  O   . THR A 1 34  ? -19.668 -5.728  -8.267  1.00 16.41  ? 35  THR A O   1 
ATOM   275  C  CB  . THR A 1 34  ? -22.215 -7.913  -8.050  1.00 17.29  ? 35  THR A CB  1 
ATOM   276  O  OG1 . THR A 1 34  ? -21.246 -8.614  -8.832  1.00 19.03  ? 35  THR A OG1 1 
ATOM   277  C  CG2 . THR A 1 34  ? -23.637 -8.255  -8.536  1.00 18.18  ? 35  THR A CG2 1 
ATOM   278  N  N   . MET A 1 35  ? -20.553 -6.101  -6.221  1.00 16.78  ? 36  MET A N   1 
ATOM   279  C  CA  . MET A 1 35  ? -19.315 -5.778  -5.493  1.00 16.35  ? 36  MET A CA  1 
ATOM   280  C  C   . MET A 1 35  ? -18.253 -6.866  -5.698  1.00 15.70  ? 36  MET A C   1 
ATOM   281  O  O   . MET A 1 35  ? -18.542 -8.070  -5.627  1.00 16.39  ? 36  MET A O   1 
ATOM   282  C  CB  . MET A 1 35  ? -19.613 -5.613  -4.006  1.00 17.05  ? 36  MET A CB  1 
ATOM   283  C  CG  . MET A 1 35  ? -18.384 -5.410  -3.111  1.00 17.96  ? 36  MET A CG  1 
ATOM   284  S  SD  . MET A 1 35  ? -18.832 -5.067  -1.397  1.00 21.86  ? 36  MET A SD  1 
ATOM   285  C  CE  . MET A 1 35  ? -19.723 -6.568  -0.947  1.00 21.87  ? 36  MET A CE  1 
ATOM   286  N  N   . ASN A 1 36  ? -17.021 -6.419  -5.953  1.00 13.65  ? 37  ASN A N   1 
ATOM   287  C  CA  . ASN A 1 36  ? -15.862 -7.287  -6.075  1.00 12.57  ? 37  ASN A CA  1 
ATOM   288  C  C   . ASN A 1 36  ? -14.964 -7.068  -4.864  1.00 11.72  ? 37  ASN A C   1 
ATOM   289  O  O   . ASN A 1 36  ? -14.129 -6.161  -4.843  1.00 11.80  ? 37  ASN A O   1 
ATOM   290  C  CB  . ASN A 1 36  ? -15.089 -7.009  -7.370  1.00 12.59  ? 37  ASN A CB  1 
ATOM   291  C  CG  . ASN A 1 36  ? -13.906 -7.952  -7.567  1.00 12.27  ? 37  ASN A CG  1 
ATOM   292  O  OD1 . ASN A 1 36  ? -13.694 -8.873  -6.772  1.00 15.29  ? 37  ASN A OD1 1 
ATOM   293  N  ND2 . ASN A 1 36  ? -13.134 -7.724  -8.609  1.00 13.58  ? 37  ASN A ND2 1 
ATOM   294  N  N   . LEU A 1 37  ? -15.136 -7.904  -3.844  1.00 11.24  ? 38  LEU A N   1 
ATOM   295  C  CA  . LEU A 1 37  ? -14.289 -7.818  -2.662  1.00 11.16  ? 38  LEU A CA  1 
ATOM   296  C  C   . LEU A 1 37  ? -12.830 -8.237  -2.914  1.00 10.57  ? 38  LEU A C   1 
ATOM   297  O  O   . LEU A 1 37  ? -11.985 -8.064  -2.028  1.00 10.00  ? 38  LEU A O   1 
ATOM   298  C  CB  . LEU A 1 37  ? -14.870 -8.673  -1.540  1.00 11.02  ? 38  LEU A CB  1 
ATOM   299  C  CG  . LEU A 1 37  ? -16.090 -8.090  -0.844  1.00 11.65  ? 38  LEU A CG  1 
ATOM   300  C  CD1 . LEU A 1 37  ? -16.829 -9.177  -0.035  1.00 13.53  ? 38  LEU A CD1 1 
ATOM   301  C  CD2 . LEU A 1 37  ? -15.689 -6.945  0.076   1.00 14.63  ? 38  LEU A CD2 1 
ATOM   302  N  N   . MET A 1 38  ? -12.509 -8.771  -4.087  1.00 10.66  ? 39  MET A N   1 
ATOM   303  C  CA  . MET A 1 38  ? -11.147 -9.252  -4.337  1.00 10.80  ? 39  MET A CA  1 
ATOM   304  C  C   . MET A 1 38  ? -10.202 -8.171  -4.863  1.00 10.09  ? 39  MET A C   1 
ATOM   305  O  O   . MET A 1 38  ? -9.023  -8.439  -5.076  1.00 10.36  ? 39  MET A O   1 
ATOM   306  C  CB  . MET A 1 38  ? -11.134 -10.440 -5.318  1.00 11.18  ? 39  MET A CB  1 
ATOM   307  C  CG  . MET A 1 38  ? -12.097 -11.554 -4.975  1.00 11.63  ? 39  MET A CG  1 
ATOM   308  S  SD  . MET A 1 38  ? -11.866 -12.235 -3.334  1.00 13.03  ? 39  MET A SD  1 
ATOM   309  C  CE  . MET A 1 38  ? -10.416 -13.237 -3.604  1.00 13.75  ? 39  MET A CE  1 
ATOM   310  N  N   . ASN A 1 39  ? -10.738 -6.975  -5.121  1.00 10.16  ? 40  ASN A N   1 
ATOM   311  C  CA  . ASN A 1 39  ? -9.991  -5.893  -5.765  1.00 10.59  ? 40  ASN A CA  1 
ATOM   312  C  C   . ASN A 1 39  ? -10.443 -4.570  -5.156  1.00 10.01  ? 40  ASN A C   1 
ATOM   313  O  O   . ASN A 1 39  ? -11.562 -4.144  -5.394  1.00 11.23  ? 40  ASN A O   1 
ATOM   314  C  CB  . ASN A 1 39  ? -10.273 -5.936  -7.280  1.00 10.30  ? 40  ASN A CB  1 
ATOM   315  C  CG  . ASN A 1 39  ? -9.535  -4.874  -8.068  1.00 11.39  ? 40  ASN A CG  1 
ATOM   316  O  OD1 . ASN A 1 39  ? -9.173  -3.795  -7.556  1.00 10.66  ? 40  ASN A OD1 1 
ATOM   317  N  ND2 . ASN A 1 39  ? -9.343  -5.156  -9.361  1.00 14.51  ? 40  ASN A ND2 1 
ATOM   318  N  N   . TRP A 1 40  ? -9.600  -3.954  -4.325  1.00 8.82   ? 41  TRP A N   1 
ATOM   319  C  CA  . TRP A 1 40  ? -9.958  -2.727  -3.642  1.00 8.83   ? 41  TRP A CA  1 
ATOM   320  C  C   . TRP A 1 40  ? -9.116  -1.550  -4.116  1.00 8.90   ? 41  TRP A C   1 
ATOM   321  O  O   . TRP A 1 40  ? -7.917  -1.680  -4.376  1.00 8.89   ? 41  TRP A O   1 
ATOM   322  C  CB  . TRP A 1 40  ? -9.750  -2.835  -2.132  1.00 9.27   ? 41  TRP A CB  1 
ATOM   323  C  CG  . TRP A 1 40  ? -10.595 -3.803  -1.373  1.00 8.39   ? 41  TRP A CG  1 
ATOM   324  C  CD1 . TRP A 1 40  ? -10.931 -5.075  -1.731  1.00 7.75   ? 41  TRP A CD1 1 
ATOM   325  C  CD2 . TRP A 1 40  ? -11.145 -3.593  -0.069  1.00 8.89   ? 41  TRP A CD2 1 
ATOM   326  N  NE1 . TRP A 1 40  ? -11.668 -5.663  -0.735  1.00 9.19   ? 41  TRP A NE1 1 
ATOM   327  C  CE2 . TRP A 1 40  ? -11.831 -4.770  0.287   1.00 9.70   ? 41  TRP A CE2 1 
ATOM   328  C  CE3 . TRP A 1 40  ? -11.163 -2.507  0.815   1.00 10.30  ? 41  TRP A CE3 1 
ATOM   329  C  CZ2 . TRP A 1 40  ? -12.502 -4.903  1.499   1.00 11.12  ? 41  TRP A CZ2 1 
ATOM   330  C  CZ3 . TRP A 1 40  ? -11.837 -2.633  2.009   1.00 11.34  ? 41  TRP A CZ3 1 
ATOM   331  C  CH2 . TRP A 1 40  ? -12.499 -3.830  2.343   1.00 11.83  ? 41  TRP A CH2 1 
ATOM   332  N  N   . GLU A 1 41  ? -9.775  -0.396  -4.217  1.00 8.74   ? 42  GLU A N   1 
ATOM   333  C  CA  . GLU A 1 41  ? -9.106  0.858   -4.521  1.00 8.68   ? 42  GLU A CA  1 
ATOM   334  C  C   . GLU A 1 41  ? -8.876  1.617   -3.227  1.00 8.37   ? 42  GLU A C   1 
ATOM   335  O  O   . GLU A 1 41  ? -9.820  1.938   -2.507  1.00 9.02   ? 42  GLU A O   1 
ATOM   336  C  CB  . GLU A 1 41  ? -9.941  1.665   -5.521  1.00 9.18   ? 42  GLU A CB  1 
ATOM   337  C  CG  . GLU A 1 41  ? -9.871  1.062   -6.887  1.00 10.45  ? 42  GLU A CG  1 
ATOM   338  C  CD  . GLU A 1 41  ? -10.880 1.600   -7.903  1.00 13.69  ? 42  GLU A CD  1 
ATOM   339  O  OE1 . GLU A 1 41  ? -11.847 2.292   -7.522  1.00 15.82  ? 42  GLU A OE1 1 
ATOM   340  O  OE2 . GLU A 1 41  ? -10.682 1.264   -9.098  1.00 17.06  ? 42  GLU A OE2 1 
ATOM   341  N  N   . CYS A 1 42  ? -7.610  1.876   -2.931  1.00 8.13   ? 43  CYS A N   1 
ATOM   342  C  CA  . CYS A 1 42  ? -7.212  2.461   -1.661  1.00 8.47   ? 43  CYS A CA  1 
ATOM   343  C  C   . CYS A 1 42  ? -6.414  3.739   -1.885  1.00 9.10   ? 43  CYS A C   1 
ATOM   344  O  O   . CYS A 1 42  ? -5.917  4.013   -2.980  1.00 9.17   ? 43  CYS A O   1 
ATOM   345  C  CB  . CYS A 1 42  ? -6.371  1.463   -0.852  1.00 8.42   ? 43  CYS A CB  1 
ATOM   346  S  SG  . CYS A 1 42  ? -7.153  -0.166  -0.628  1.00 9.88   ? 43  CYS A SG  1 
ATOM   347  N  N   . ALA A 1 43  ? -6.292  4.531   -0.825  1.00 9.49   ? 44  ALA A N   1 
ATOM   348  C  CA  . ALA A 1 43  ? -5.399  5.677   -0.869  1.00 9.77   ? 44  ALA A CA  1 
ATOM   349  C  C   . ALA A 1 43  ? -4.780  5.909   0.483   1.00 9.89   ? 44  ALA A C   1 
ATOM   350  O  O   . ALA A 1 43  ? -5.433  5.721   1.524   1.00 10.51  ? 44  ALA A O   1 
ATOM   351  C  CB  . ALA A 1 43  ? -6.119  6.904   -1.350  1.00 10.38  ? 44  ALA A CB  1 
ATOM   352  N  N   . ILE A 1 44  ? -3.511  6.286   0.469   1.00 9.44   ? 45  ILE A N   1 
ATOM   353  C  CA  . ILE A 1 44  ? -2.748  6.527   1.683   1.00 9.41   ? 45  ILE A CA  1 
ATOM   354  C  C   . ILE A 1 44  ? -2.335  7.990   1.690   1.00 9.40   ? 45  ILE A C   1 
ATOM   355  O  O   . ILE A 1 44  ? -1.671  8.455   0.761   1.00 8.96   ? 45  ILE A O   1 
ATOM   356  C  CB  . ILE A 1 44  ? -1.479  5.635   1.747   1.00 9.32   ? 45  ILE A CB  1 
ATOM   357  C  CG1 . ILE A 1 44  ? -1.863  4.145   1.769   1.00 10.42  ? 45  ILE A CG1 1 
ATOM   358  C  CG2 . ILE A 1 44  ? -0.594  6.016   2.917   1.00 9.57   ? 45  ILE A CG2 1 
ATOM   359  C  CD1 . ILE A 1 44  ? -0.662  3.175   1.616   1.00 10.30  ? 45  ILE A CD1 1 
ATOM   360  N  N   . PRO A 1 45  ? -2.689  8.726   2.748   1.00 9.12   ? 46  PRO A N   1 
ATOM   361  C  CA  . PRO A 1 45  ? -2.206  10.095  2.862   1.00 10.03  ? 46  PRO A CA  1 
ATOM   362  C  C   . PRO A 1 45  ? -0.773  10.154  3.356   1.00 10.56  ? 46  PRO A C   1 
ATOM   363  O  O   . PRO A 1 45  ? -0.375  9.367   4.210   1.00 10.12  ? 46  PRO A O   1 
ATOM   364  C  CB  . PRO A 1 45  ? -3.146  10.700  3.902   1.00 9.84   ? 46  PRO A CB  1 
ATOM   365  C  CG  . PRO A 1 45  ? -3.448  9.538   4.820   1.00 9.92   ? 46  PRO A CG  1 
ATOM   366  C  CD  . PRO A 1 45  ? -3.576  8.360   3.869   1.00 9.46   ? 46  PRO A CD  1 
ATOM   367  N  N   . GLY A 1 46  ? 0.018   11.079  2.827   1.00 11.32  ? 47  GLY A N   1 
ATOM   368  C  CA  . GLY A 1 46  ? 1.322   11.324  3.408   1.00 12.24  ? 47  GLY A CA  1 
ATOM   369  C  C   . GLY A 1 46  ? 1.201   11.818  4.843   1.00 13.28  ? 47  GLY A C   1 
ATOM   370  O  O   . GLY A 1 46  ? 0.263   12.539  5.176   1.00 14.34  ? 47  GLY A O   1 
ATOM   371  N  N   . ALA A 1 47  ? 2.139   11.414  5.685   1.00 15.22  ? 48  ALA A N   1 
ATOM   372  C  CA  . ALA A 1 47  ? 2.163   11.876  7.079   1.00 16.44  ? 48  ALA A CA  1 
ATOM   373  C  C   . ALA A 1 47  ? 2.509   13.362  7.157   1.00 17.30  ? 48  ALA A C   1 
ATOM   374  O  O   . ALA A 1 47  ? 3.388   13.852  6.445   1.00 15.98  ? 48  ALA A O   1 
ATOM   375  C  CB  . ALA A 1 47  ? 3.151   11.054  7.889   1.00 17.17  ? 48  ALA A CB  1 
ATOM   376  N  N   . ALA A 1 48  ? 1.813   14.090  8.033   1.00 18.45  ? 49  ALA A N   1 
ATOM   377  C  CA  . ALA A 1 48  ? 2.118   15.490  8.261   1.00 18.87  ? 49  ALA A CA  1 
ATOM   378  C  C   . ALA A 1 48  ? 3.547   15.626  8.785   1.00 18.82  ? 49  ALA A C   1 
ATOM   379  O  O   . ALA A 1 48  ? 4.086   14.699  9.398   1.00 19.34  ? 49  ALA A O   1 
ATOM   380  C  CB  . ALA A 1 48  ? 1.129   16.106  9.257   1.00 19.55  ? 49  ALA A CB  1 
ATOM   381  N  N   . GLY A 1 49  ? 4.165   16.765  8.507   1.00 18.95  ? 50  GLY A N   1 
ATOM   382  C  CA  . GLY A 1 49  ? 5.517   17.041  8.986   1.00 18.50  ? 50  GLY A CA  1 
ATOM   383  C  C   . GLY A 1 49  ? 6.619   16.204  8.368   1.00 18.41  ? 50  GLY A C   1 
ATOM   384  O  O   . GLY A 1 49  ? 7.755   16.221  8.846   1.00 18.12  ? 50  GLY A O   1 
ATOM   385  N  N   . THR A 1 50  ? 6.283   15.469  7.302   1.00 18.12  ? 51  THR A N   1 
ATOM   386  C  CA  . THR A 1 50  ? 7.255   14.701  6.531   1.00 17.24  ? 51  THR A CA  1 
ATOM   387  C  C   . THR A 1 50  ? 7.253   15.192  5.088   1.00 17.21  ? 51  THR A C   1 
ATOM   388  O  O   . THR A 1 50  ? 6.338   15.903  4.660   1.00 16.32  ? 51  THR A O   1 
ATOM   389  C  CB  . THR A 1 50  ? 6.939   13.166  6.530   1.00 17.00  ? 51  THR A CB  1 
ATOM   390  O  OG1 . THR A 1 50  ? 5.885   12.892  5.583   1.00 15.06  ? 51  THR A OG1 1 
ATOM   391  C  CG2 . THR A 1 50  ? 6.577   12.673  7.921   1.00 16.49  ? 51  THR A CG2 1 
ATOM   392  N  N   . PRO A 1 51  ? 8.259   14.782  4.298   1.00 17.51  ? 52  PRO A N   1 
ATOM   393  C  CA  . PRO A 1 51  ? 8.287   15.117  2.881   1.00 17.19  ? 52  PRO A CA  1 
ATOM   394  C  C   . PRO A 1 51  ? 7.082   14.605  2.077   1.00 15.53  ? 52  PRO A C   1 
ATOM   395  O  O   . PRO A 1 51  ? 6.812   15.101  0.989   1.00 15.31  ? 52  PRO A O   1 
ATOM   396  C  CB  . PRO A 1 51  ? 9.587   14.450  2.395   1.00 17.84  ? 52  PRO A CB  1 
ATOM   397  C  CG  . PRO A 1 51  ? 10.413  14.352  3.579   1.00 18.59  ? 52  PRO A CG  1 
ATOM   398  C  CD  . PRO A 1 51  ? 9.527   14.180  4.747   1.00 18.83  ? 52  PRO A CD  1 
ATOM   399  N  N   . TRP A 1 52  ? 6.340   13.644  2.644   1.00 14.06  ? 53  TRP A N   1 
ATOM   400  C  CA  . TRP A 1 52  ? 5.171   13.058  1.988   1.00 12.96  ? 53  TRP A CA  1 
ATOM   401  C  C   . TRP A 1 52  ? 3.891   13.852  2.240   1.00 12.66  ? 53  TRP A C   1 
ATOM   402  O  O   . TRP A 1 52  ? 2.851   13.583  1.627   1.00 12.39  ? 53  TRP A O   1 
ATOM   403  C  CB  . TRP A 1 52  ? 4.970   11.589  2.448   1.00 12.19  ? 53  TRP A CB  1 
ATOM   404  C  CG  . TRP A 1 52  ? 6.173   10.760  2.100   1.00 9.95   ? 53  TRP A CG  1 
ATOM   405  C  CD1 . TRP A 1 52  ? 7.342   10.689  2.788   1.00 10.69  ? 53  TRP A CD1 1 
ATOM   406  C  CD2 . TRP A 1 52  ? 6.341   9.947   0.936   1.00 9.20   ? 53  TRP A CD2 1 
ATOM   407  N  NE1 . TRP A 1 52  ? 8.245   9.887   2.126   1.00 12.00  ? 53  TRP A NE1 1 
ATOM   408  C  CE2 . TRP A 1 52  ? 7.652   9.423   0.985   1.00 10.33  ? 53  TRP A CE2 1 
ATOM   409  C  CE3 . TRP A 1 52  ? 5.529   9.630   -0.155  1.00 10.60  ? 53  TRP A CE3 1 
ATOM   410  C  CZ2 . TRP A 1 52  ? 8.157   8.608   -0.008  1.00 9.96   ? 53  TRP A CZ2 1 
ATOM   411  C  CZ3 . TRP A 1 52  ? 6.043   8.787   -1.137  1.00 10.17  ? 53  TRP A CZ3 1 
ATOM   412  C  CH2 . TRP A 1 52  ? 7.338   8.309   -1.057  1.00 9.21   ? 53  TRP A CH2 1 
ATOM   413  N  N   . ALA A 1 53  ? 3.959   14.832  3.144   1.00 13.49  ? 54  ALA A N   1 
ATOM   414  C  CA  . ALA A 1 53  ? 2.767   15.552  3.551   1.00 14.04  ? 54  ALA A CA  1 
ATOM   415  C  C   . ALA A 1 53  ? 2.055   16.218  2.382   1.00 13.78  ? 54  ALA A C   1 
ATOM   416  O  O   . ALA A 1 53  ? 2.685   16.791  1.483   1.00 14.36  ? 54  ALA A O   1 
ATOM   417  C  CB  . ALA A 1 53  ? 3.102   16.595  4.637   1.00 14.72  ? 54  ALA A CB  1 
ATOM   418  N  N   . GLY A 1 54  ? 0.734   16.142  2.407   1.00 13.52  ? 55  GLY A N   1 
ATOM   419  C  CA  . GLY A 1 54  ? -0.096  16.788  1.410   1.00 14.21  ? 55  GLY A CA  1 
ATOM   420  C  C   . GLY A 1 54  ? -0.394  15.908  0.222   1.00 13.81  ? 55  GLY A C   1 
ATOM   421  O  O   . GLY A 1 54  ? -1.304  16.213  -0.549  1.00 15.33  ? 55  GLY A O   1 
ATOM   422  N  N   . GLY A 1 55  ? 0.343   14.807  0.072   1.00 12.54  ? 56  GLY A N   1 
ATOM   423  C  CA  . GLY A 1 55  ? 0.074   13.883  -1.027  1.00 12.18  ? 56  GLY A CA  1 
ATOM   424  C  C   . GLY A 1 55  ? -0.960  12.840  -0.628  1.00 11.46  ? 56  GLY A C   1 
ATOM   425  O  O   . GLY A 1 55  ? -1.119  12.540  0.556   1.00 11.41  ? 56  GLY A O   1 
ATOM   426  N  N   . LEU A 1 56  ? -1.684  12.331  -1.611  1.00 10.86  ? 57  LEU A N   1 
ATOM   427  C  CA  . LEU A 1 56  ? -2.634  11.231  -1.405  1.00 11.06  ? 57  LEU A CA  1 
ATOM   428  C  C   . LEU A 1 56  ? -2.317  10.195  -2.474  1.00 10.58  ? 57  LEU A C   1 
ATOM   429  O  O   . LEU A 1 56  ? -2.475  10.443  -3.687  1.00 11.58  ? 57  LEU A O   1 
ATOM   430  C  CB  . LEU A 1 56  ? -4.075  11.717  -1.504  1.00 11.10  ? 57  LEU A CB  1 
ATOM   431  C  CG  . LEU A 1 56  ? -5.169  10.679  -1.229  1.00 10.78  ? 57  LEU A CG  1 
ATOM   432  C  CD1 . LEU A 1 56  ? -5.014  10.113  0.180   1.00 11.01  ? 57  LEU A CD1 1 
ATOM   433  C  CD2 . LEU A 1 56  ? -6.595  11.232  -1.474  1.00 13.75  ? 57  LEU A CD2 1 
ATOM   434  N  N   . PHE A 1 57  ? -1.841  9.044   -2.019  1.00 9.74   ? 58  PHE A N   1 
ATOM   435  C  CA  . PHE A 1 57  ? -1.177  8.098   -2.894  1.00 9.66   ? 58  PHE A CA  1 
ATOM   436  C  C   . PHE A 1 57  ? -2.081  6.883   -3.104  1.00 9.07   ? 58  PHE A C   1 
ATOM   437  O  O   . PHE A 1 57  ? -2.331  6.121   -2.169  1.00 9.62   ? 58  PHE A O   1 
ATOM   438  C  CB  . PHE A 1 57  ? 0.181   7.714   -2.295  1.00 9.13   ? 58  PHE A CB  1 
ATOM   439  C  CG  . PHE A 1 57  ? 1.049   8.903   -1.982  1.00 9.09   ? 58  PHE A CG  1 
ATOM   440  C  CD1 . PHE A 1 57  ? 1.718   9.555   -3.005  1.00 10.15  ? 58  PHE A CD1 1 
ATOM   441  C  CD2 . PHE A 1 57  ? 1.144   9.410   -0.694  1.00 9.29   ? 58  PHE A CD2 1 
ATOM   442  C  CE1 . PHE A 1 57  ? 2.489   10.677  -2.753  1.00 11.12  ? 58  PHE A CE1 1 
ATOM   443  C  CE2 . PHE A 1 57  ? 1.917   10.525  -0.429  1.00 10.04  ? 58  PHE A CE2 1 
ATOM   444  C  CZ  . PHE A 1 57  ? 2.597   11.161  -1.472  1.00 10.39  ? 58  PHE A CZ  1 
ATOM   445  N  N   . LYS A 1 58  ? -2.581  6.739   -4.335  1.00 9.14   ? 59  LYS A N   1 
ATOM   446  C  CA  . LYS A 1 58  ? -3.536  5.710   -4.693  1.00 9.17   ? 59  LYS A CA  1 
ATOM   447  C  C   . LYS A 1 58  ? -2.862  4.361   -4.879  1.00 8.69   ? 59  LYS A C   1 
ATOM   448  O  O   . LYS A 1 58  ? -1.792  4.250   -5.479  1.00 8.07   ? 59  LYS A O   1 
ATOM   449  C  CB  . LYS A 1 58  ? -4.254  6.110   -5.978  1.00 10.18  ? 59  LYS A CB  1 
ATOM   450  C  CG  . LYS A 1 58  ? -5.097  7.374   -5.817  1.00 12.01  ? 59  LYS A CG  1 
ATOM   451  C  CD  . LYS A 1 58  ? -5.738  7.806   -7.129  1.00 17.60  ? 59  LYS A CD  1 
ATOM   452  C  CE  . LYS A 1 58  ? -6.537  9.105   -6.947  1.00 22.45  ? 59  LYS A CE  1 
ATOM   453  N  NZ  . LYS A 1 58  ? -7.180  9.600   -8.198  1.00 26.69  ? 59  LYS A NZ  1 
ATOM   454  N  N   . LEU A 1 59  ? -3.501  3.329   -4.343  1.00 8.74   ? 60  LEU A N   1 
ATOM   455  C  CA  A LEU A 1 59  ? -2.966  1.977   -4.352  0.50 8.43   ? 60  LEU A CA  1 
ATOM   456  C  CA  B LEU A 1 59  ? -2.991  1.986   -4.542  0.50 8.91   ? 60  LEU A CA  1 
ATOM   457  C  C   . LEU A 1 59  ? -4.091  0.961   -4.536  1.00 8.67   ? 60  LEU A C   1 
ATOM   458  O  O   . LEU A 1 59  ? -5.129  1.097   -3.879  1.00 9.27   ? 60  LEU A O   1 
ATOM   459  C  CB  A LEU A 1 59  ? -2.261  1.742   -3.005  0.50 7.88   ? 60  LEU A CB  1 
ATOM   460  C  CB  B LEU A 1 59  ? -1.911  1.624   -3.523  0.50 9.27   ? 60  LEU A CB  1 
ATOM   461  C  CG  A LEU A 1 59  ? -1.690  0.365   -2.689  0.50 7.14   ? 60  LEU A CG  1 
ATOM   462  C  CG  B LEU A 1 59  ? -2.331  1.204   -2.126  0.50 9.57   ? 60  LEU A CG  1 
ATOM   463  C  CD1 A LEU A 1 59  ? -0.320  0.513   -2.050  0.50 6.19   ? 60  LEU A CD1 1 
ATOM   464  C  CD1 B LEU A 1 59  ? -1.164  0.535   -1.447  0.50 10.69  ? 60  LEU A CD1 1 
ATOM   465  C  CD2 A LEU A 1 59  ? -2.654  -0.425  -1.801  0.50 6.93   ? 60  LEU A CD2 1 
ATOM   466  C  CD2 B LEU A 1 59  ? -2.814  2.377   -1.325  0.50 10.60  ? 60  LEU A CD2 1 
ATOM   467  N  N   . ARG A 1 60  ? -3.845  -0.073  -5.330  1.00 7.68   ? 61  ARG A N   1 
ATOM   468  C  CA  . ARG A 1 60  ? -4.810  -1.137  -5.526  1.00 7.19   ? 61  ARG A CA  1 
ATOM   469  C  C   . ARG A 1 60  ? -4.362  -2.329  -4.681  1.00 7.52   ? 61  ARG A C   1 
ATOM   470  O  O   . ARG A 1 60  ? -3.173  -2.671  -4.636  1.00 8.58   ? 61  ARG A O   1 
ATOM   471  C  CB  . ARG A 1 60  ? -4.892  -1.514  -7.015  1.00 7.57   ? 61  ARG A CB  1 
ATOM   472  C  CG  . ARG A 1 60  ? -6.067  -2.417  -7.342  1.00 8.01   ? 61  ARG A CG  1 
ATOM   473  C  CD  . ARG A 1 60  ? -6.269  -2.646  -8.854  1.00 10.13  ? 61  ARG A CD  1 
ATOM   474  N  NE  . ARG A 1 60  ? -6.561  -1.374  -9.508  1.00 10.62  ? 61  ARG A NE  1 
ATOM   475  C  CZ  . ARG A 1 60  ? -7.756  -0.780  -9.571  1.00 12.68  ? 61  ARG A CZ  1 
ATOM   476  N  NH1 . ARG A 1 60  ? -8.838  -1.354  -9.076  1.00 11.33  ? 61  ARG A NH1 1 
ATOM   477  N  NH2 . ARG A 1 60  ? -7.873  0.419   -10.160 1.00 15.16  ? 61  ARG A NH2 1 
ATOM   478  N  N   . MET A 1 61  ? -5.346  -2.958  -4.057  1.00 7.96   ? 62  MET A N   1 
ATOM   479  C  CA  A MET A 1 61  ? -5.109  -4.130  -3.231  0.50 7.64   ? 62  MET A CA  1 
ATOM   480  C  CA  B MET A 1 61  ? -5.115  -4.151  -3.227  0.50 8.71   ? 62  MET A CA  1 
ATOM   481  C  C   . MET A 1 61  ? -5.844  -5.311  -3.877  1.00 8.22   ? 62  MET A C   1 
ATOM   482  O  O   . MET A 1 61  ? -7.073  -5.288  -4.030  1.00 9.49   ? 62  MET A O   1 
ATOM   483  C  CB  A MET A 1 61  ? -5.575  -3.845  -1.800  0.50 7.78   ? 62  MET A CB  1 
ATOM   484  C  CB  B MET A 1 61  ? -5.604  -3.957  -1.783  0.50 9.73   ? 62  MET A CB  1 
ATOM   485  C  CG  A MET A 1 61  ? -4.990  -4.777  -0.780  0.50 6.14   ? 62  MET A CG  1 
ATOM   486  C  CG  B MET A 1 61  ? -4.827  -2.934  -0.994  0.50 12.29  ? 62  MET A CG  1 
ATOM   487  S  SD  A MET A 1 61  ? -5.408  -4.364  0.932   0.50 2.55   ? 62  MET A SD  1 
ATOM   488  S  SD  B MET A 1 61  ? -5.085  -2.969  0.809   0.50 17.00  ? 62  MET A SD  1 
ATOM   489  C  CE  A MET A 1 61  ? -4.285  -3.004  1.291   0.50 6.75   ? 62  MET A CE  1 
ATOM   490  C  CE  B MET A 1 61  ? -6.386  -4.168  0.946   0.50 14.14  ? 62  MET A CE  1 
ATOM   491  N  N   . LEU A 1 62  ? -5.070  -6.322  -4.281  1.00 8.33   ? 63  LEU A N   1 
ATOM   492  C  CA  . LEU A 1 62  ? -5.583  -7.473  -5.016  1.00 9.80   ? 63  LEU A CA  1 
ATOM   493  C  C   . LEU A 1 62  ? -5.434  -8.754  -4.194  1.00 9.12   ? 63  LEU A C   1 
ATOM   494  O  O   . LEU A 1 62  ? -4.320  -9.150  -3.822  1.00 9.42   ? 63  LEU A O   1 
ATOM   495  C  CB  . LEU A 1 62  ? -4.822  -7.617  -6.334  1.00 10.48  ? 63  LEU A CB  1 
ATOM   496  C  CG  . LEU A 1 62  ? -5.000  -6.370  -7.210  1.00 13.71  ? 63  LEU A CG  1 
ATOM   497  C  CD1 . LEU A 1 62  ? -3.864  -6.197  -8.237  1.00 16.69  ? 63  LEU A CD1 1 
ATOM   498  C  CD2 . LEU A 1 62  ? -6.352  -6.394  -7.842  1.00 16.10  ? 63  LEU A CD2 1 
ATOM   499  N  N   . PHE A 1 63  ? -6.564  -9.400  -3.930  1.00 8.80   ? 64  PHE A N   1 
ATOM   500  C  CA  . PHE A 1 63  ? -6.601  -10.605 -3.111  1.00 9.00   ? 64  PHE A CA  1 
ATOM   501  C  C   . PHE A 1 63  ? -6.740  -11.859 -3.969  1.00 10.02  ? 64  PHE A C   1 
ATOM   502  O  O   . PHE A 1 63  ? -7.552  -11.890 -4.902  1.00 11.36  ? 64  PHE A O   1 
ATOM   503  C  CB  . PHE A 1 63  ? -7.771  -10.533 -2.137  1.00 8.58   ? 64  PHE A CB  1 
ATOM   504  C  CG  . PHE A 1 63  ? -7.691  -9.367  -1.180  1.00 8.74   ? 64  PHE A CG  1 
ATOM   505  C  CD1 . PHE A 1 63  ? -8.220  -8.130  -1.517  1.00 8.93   ? 64  PHE A CD1 1 
ATOM   506  C  CD2 . PHE A 1 63  ? -7.047  -9.493  0.030   1.00 9.16   ? 64  PHE A CD2 1 
ATOM   507  C  CE1 . PHE A 1 63  ? -8.136  -7.060  -0.651  1.00 9.91   ? 64  PHE A CE1 1 
ATOM   508  C  CE2 . PHE A 1 63  ? -6.974  -8.428  0.905   1.00 9.38   ? 64  PHE A CE2 1 
ATOM   509  C  CZ  . PHE A 1 63  ? -7.507  -7.219  0.565   1.00 9.05   ? 64  PHE A CZ  1 
ATOM   510  N  N   . LYS A 1 64  ? -5.917  -12.866 -3.666  1.00 10.97  ? 65  LYS A N   1 
ATOM   511  C  CA  A LYS A 1 64  ? -6.049  -14.173 -4.296  0.50 11.45  ? 65  LYS A CA  1 
ATOM   512  C  CA  B LYS A 1 64  ? -6.019  -14.196 -4.262  0.50 11.57  ? 65  LYS A CA  1 
ATOM   513  C  C   . LYS A 1 64  ? -7.162  -14.974 -3.630  1.00 11.81  ? 65  LYS A C   1 
ATOM   514  O  O   . LYS A 1 64  ? -7.613  -14.658 -2.531  1.00 10.39  ? 65  LYS A O   1 
ATOM   515  C  CB  A LYS A 1 64  ? -4.729  -14.951 -4.247  0.50 11.84  ? 65  LYS A CB  1 
ATOM   516  C  CB  B LYS A 1 64  ? -4.725  -14.993 -4.046  0.50 12.09  ? 65  LYS A CB  1 
ATOM   517  C  CG  A LYS A 1 64  ? -3.622  -14.330 -5.089  0.50 12.60  ? 65  LYS A CG  1 
ATOM   518  C  CG  B LYS A 1 64  ? -3.493  -14.402 -4.701  0.50 13.27  ? 65  LYS A CG  1 
ATOM   519  C  CD  A LYS A 1 64  ? -2.402  -15.225 -5.219  0.50 13.47  ? 65  LYS A CD  1 
ATOM   520  C  CD  B LYS A 1 64  ? -2.248  -15.237 -4.448  0.50 15.51  ? 65  LYS A CD  1 
ATOM   521  C  CE  A LYS A 1 64  ? -1.659  -15.392 -3.904  0.50 13.88  ? 65  LYS A CE  1 
ATOM   522  C  CE  B LYS A 1 64  ? -2.352  -16.603 -5.080  0.50 17.02  ? 65  LYS A CE  1 
ATOM   523  N  NZ  A LYS A 1 64  ? -0.313  -16.020 -4.063  0.50 15.93  ? 65  LYS A NZ  1 
ATOM   524  N  NZ  B LYS A 1 64  ? -1.001  -17.189 -5.272  0.50 19.43  ? 65  LYS A NZ  1 
ATOM   525  N  N   . ASP A 1 65  ? -7.598  -16.025 -4.313  1.00 11.81  ? 66  ASP A N   1 
ATOM   526  C  CA  . ASP A 1 65  ? -8.695  -16.828 -3.805  1.00 12.49  ? 66  ASP A CA  1 
ATOM   527  C  C   . ASP A 1 65  ? -8.413  -17.516 -2.465  1.00 11.80  ? 66  ASP A C   1 
ATOM   528  O  O   . ASP A 1 65  ? -9.357  -17.786 -1.713  1.00 12.42  ? 66  ASP A O   1 
ATOM   529  C  CB  . ASP A 1 65  ? -9.146  -17.869 -4.843  1.00 13.36  ? 66  ASP A CB  1 
ATOM   530  C  CG  . ASP A 1 65  ? -9.935  -17.260 -5.984  1.00 18.35  ? 66  ASP A CG  1 
ATOM   531  O  OD1 . ASP A 1 65  ? -10.271 -16.051 -5.937  1.00 21.68  ? 66  ASP A OD1 1 
ATOM   532  O  OD2 . ASP A 1 65  ? -10.233 -18.014 -6.933  1.00 22.47  ? 66  ASP A OD2 1 
ATOM   533  N  N   . ASP A 1 66  ? -7.140  -17.759 -2.169  1.00 11.55  ? 67  ASP A N   1 
ATOM   534  C  CA  . ASP A 1 66  ? -6.746  -18.363 -0.895  1.00 11.45  ? 67  ASP A CA  1 
ATOM   535  C  C   . ASP A 1 66  ? -6.474  -17.355 0.221   1.00 10.47  ? 67  ASP A C   1 
ATOM   536  O  O   . ASP A 1 66  ? -6.034  -17.747 1.288   1.00 11.14  ? 67  ASP A O   1 
ATOM   537  C  CB  . ASP A 1 66  ? -5.556  -19.325 -1.058  1.00 11.85  ? 67  ASP A CB  1 
ATOM   538  C  CG  . ASP A 1 66  ? -4.261  -18.649 -1.487  1.00 13.66  ? 67  ASP A CG  1 
ATOM   539  O  OD1 . ASP A 1 66  ? -4.247  -17.443 -1.816  1.00 15.75  ? 67  ASP A OD1 1 
ATOM   540  O  OD2 . ASP A 1 66  ? -3.235  -19.353 -1.546  1.00 14.66  ? 67  ASP A OD2 1 
ATOM   541  N  N   . TYR A 1 67  ? -6.735  -16.073 0.003   1.00 9.64   ? 68  TYR A N   1 
ATOM   542  C  CA  . TYR A 1 67  ? -6.695  -15.123 1.111   1.00 8.82   ? 68  TYR A CA  1 
ATOM   543  C  C   . TYR A 1 67  ? -7.631  -15.587 2.260   1.00 8.56   ? 68  TYR A C   1 
ATOM   544  O  O   . TYR A 1 67  ? -8.766  -16.017 2.000   1.00 8.64   ? 68  TYR A O   1 
ATOM   545  C  CB  . TYR A 1 67  ? -7.126  -13.746 0.612   1.00 9.00   ? 68  TYR A CB  1 
ATOM   546  C  CG  . TYR A 1 67  ? -7.311  -12.721 1.705   1.00 7.13   ? 68  TYR A CG  1 
ATOM   547  C  CD1 . TYR A 1 67  ? -6.217  -12.049 2.269   1.00 8.03   ? 68  TYR A CD1 1 
ATOM   548  C  CD2 . TYR A 1 67  ? -8.578  -12.427 2.190   1.00 6.65   ? 68  TYR A CD2 1 
ATOM   549  C  CE1 . TYR A 1 67  ? -6.397  -11.102 3.278   1.00 6.89   ? 68  TYR A CE1 1 
ATOM   550  C  CE2 . TYR A 1 67  ? -8.766  -11.486 3.183   1.00 7.06   ? 68  TYR A CE2 1 
ATOM   551  C  CZ  . TYR A 1 67  ? -7.675  -10.819 3.734   1.00 7.40   ? 68  TYR A CZ  1 
ATOM   552  O  OH  . TYR A 1 67  ? -7.927  -9.886  4.727   1.00 8.51   ? 68  TYR A OH  1 
ATOM   553  N  N   . PRO A 1 68  ? -7.196  -15.470 3.531   1.00 7.84   ? 69  PRO A N   1 
ATOM   554  C  CA  . PRO A 1 68  ? -5.987  -14.829 4.059   1.00 7.43   ? 69  PRO A CA  1 
ATOM   555  C  C   . PRO A 1 68  ? -4.784  -15.749 4.302   1.00 7.85   ? 69  PRO A C   1 
ATOM   556  O  O   . PRO A 1 68  ? -3.862  -15.340 5.008   1.00 6.90   ? 69  PRO A O   1 
ATOM   557  C  CB  . PRO A 1 68  ? -6.484  -14.227 5.366   1.00 7.42   ? 69  PRO A CB  1 
ATOM   558  C  CG  . PRO A 1 68  ? -7.424  -15.273 5.875   1.00 7.78   ? 69  PRO A CG  1 
ATOM   559  C  CD  . PRO A 1 68  ? -8.131  -15.784 4.631   1.00 8.06   ? 69  PRO A CD  1 
ATOM   560  N  N   . SER A 1 69  ? -4.743  -16.918 3.662   1.00 7.80   ? 70  SER A N   1 
ATOM   561  C  CA  . SER A 1 69  ? -3.517  -17.709 3.622   1.00 8.03   ? 70  SER A CA  1 
ATOM   562  C  C   . SER A 1 69  ? -2.364  -16.871 3.050   1.00 8.60   ? 70  SER A C   1 
ATOM   563  O  O   . SER A 1 69  ? -1.240  -16.870 3.561   1.00 9.00   ? 70  SER A O   1 
ATOM   564  C  CB  . SER A 1 69  ? -3.701  -18.969 2.783   1.00 8.33   ? 70  SER A CB  1 
ATOM   565  O  OG  . SER A 1 69  ? -2.582  -19.837 2.856   1.00 8.61   ? 70  SER A OG  1 
ATOM   566  N  N   . SER A 1 70  ? -2.684  -16.171 1.964   1.00 8.74   ? 71  SER A N   1 
ATOM   567  C  CA  . SER A 1 70  ? -1.765  -15.286 1.253   1.00 8.79   ? 71  SER A CA  1 
ATOM   568  C  C   . SER A 1 70  ? -2.069  -13.830 1.557   1.00 8.06   ? 71  SER A C   1 
ATOM   569  O  O   . SER A 1 70  ? -3.211  -13.480 1.846   1.00 8.83   ? 71  SER A O   1 
ATOM   570  C  CB  . SER A 1 70  ? -1.952  -15.488 -0.252  1.00 8.51   ? 71  SER A CB  1 
ATOM   571  O  OG  . SER A 1 70  ? -3.315  -15.372 -0.589  1.00 10.49  ? 71  SER A OG  1 
ATOM   572  N  N   . PRO A 1 71  ? -1.044  -12.968 1.461   1.00 8.37   ? 72  PRO A N   1 
ATOM   573  C  CA  . PRO A 1 71  ? -1.244  -11.534 1.544   1.00 8.00   ? 72  PRO A CA  1 
ATOM   574  C  C   . PRO A 1 71  ? -1.799  -11.006 0.240   1.00 8.06   ? 72  PRO A C   1 
ATOM   575  O  O   . PRO A 1 71  ? -1.629  -11.643 -0.805  1.00 8.39   ? 72  PRO A O   1 
ATOM   576  C  CB  . PRO A 1 71  ? 0.182   -10.994 1.723   1.00 8.14   ? 72  PRO A CB  1 
ATOM   577  C  CG  . PRO A 1 71  ? 1.026   -11.969 1.003   1.00 7.97   ? 72  PRO A CG  1 
ATOM   578  C  CD  . PRO A 1 71  ? 0.364   -13.312 1.210   1.00 8.57   ? 72  PRO A CD  1 
ATOM   579  N  N   . PRO A 1 72  ? -2.426  -9.828  0.280   1.00 7.87   ? 73  PRO A N   1 
ATOM   580  C  CA  . PRO A 1 72  ? -2.774  -9.182  -0.986  1.00 8.30   ? 73  PRO A CA  1 
ATOM   581  C  C   . PRO A 1 72  ? -1.537  -8.649  -1.686  1.00 8.22   ? 73  PRO A C   1 
ATOM   582  O  O   . PRO A 1 72  ? -0.520  -8.384  -1.048  1.00 8.19   ? 73  PRO A O   1 
ATOM   583  C  CB  . PRO A 1 72  ? -3.665  -8.019  -0.549  1.00 9.22   ? 73  PRO A CB  1 
ATOM   584  C  CG  . PRO A 1 72  ? -3.209  -7.680  0.779   1.00 9.35   ? 73  PRO A CG  1 
ATOM   585  C  CD  . PRO A 1 72  ? -2.816  -9.004  1.439   1.00 8.58   ? 73  PRO A CD  1 
ATOM   586  N  N   . LYS A 1 73  ? -1.616  -8.532  -3.010  1.00 7.42   ? 74  LYS A N   1 
ATOM   587  C  CA  . LYS A 1 73  ? -0.672  -7.742  -3.777  1.00 7.81   ? 74  LYS A CA  1 
ATOM   588  C  C   . LYS A 1 73  ? -1.128  -6.288  -3.650  1.00 6.84   ? 74  LYS A C   1 
ATOM   589  O  O   . LYS A 1 73  ? -2.299  -5.984  -3.846  1.00 7.95   ? 74  LYS A O   1 
ATOM   590  C  CB  . LYS A 1 73  ? -0.652  -8.207  -5.247  1.00 7.87   ? 74  LYS A CB  1 
ATOM   591  C  CG  . LYS A 1 73  ? 0.113   -7.283  -6.204  1.00 10.67  ? 74  LYS A CG  1 
ATOM   592  C  CD  . LYS A 1 73  ? 0.426   -7.930  -7.565  1.00 14.39  ? 74  LYS A CD  1 
ATOM   593  C  CE  . LYS A 1 73  ? -0.779  -8.469  -8.249  1.00 18.61  ? 74  LYS A CE  1 
ATOM   594  N  NZ  . LYS A 1 73  ? -0.455  -8.835  -9.695  1.00 19.00  ? 74  LYS A NZ  1 
ATOM   595  N  N   . CYS A 1 74  ? -0.187  -5.418  -3.299  1.00 6.99   ? 75  CYS A N   1 
ATOM   596  C  CA  . CYS A 1 74  ? -0.465  -4.000  -3.118  1.00 6.75   ? 75  CYS A CA  1 
ATOM   597  C  C   . CYS A 1 74  ? 0.363   -3.229  -4.132  1.00 7.27   ? 75  CYS A C   1 
ATOM   598  O  O   . CYS A 1 74  ? 1.587   -3.353  -4.145  1.00 7.87   ? 75  CYS A O   1 
ATOM   599  C  CB  . CYS A 1 74  ? -0.079  -3.585  -1.698  1.00 6.76   ? 75  CYS A CB  1 
ATOM   600  S  SG  . CYS A 1 74  ? -1.060  -4.430  -0.418  1.00 8.15   ? 75  CYS A SG  1 
ATOM   601  N  N   . LYS A 1 75  ? -0.306  -2.441  -4.973  1.00 7.07   ? 76  LYS A N   1 
ATOM   602  C  CA  . LYS A 1 75  ? 0.343   -1.837  -6.147  1.00 7.75   ? 76  LYS A CA  1 
ATOM   603  C  C   . LYS A 1 75  ? -0.061  -0.373  -6.260  1.00 7.53   ? 76  LYS A C   1 
ATOM   604  O  O   . LYS A 1 75  ? -1.242  -0.055  -6.428  1.00 7.32   ? 76  LYS A O   1 
ATOM   605  C  CB  . LYS A 1 75  ? -0.066  -2.625  -7.388  1.00 9.15   ? 76  LYS A CB  1 
ATOM   606  C  CG  . LYS A 1 75  ? 0.773   -2.390  -8.628  1.00 11.94  ? 76  LYS A CG  1 
ATOM   607  C  CD  . LYS A 1 75  ? 0.458   -3.489  -9.650  1.00 15.33  ? 76  LYS A CD  1 
ATOM   608  C  CE  . LYS A 1 75  ? 1.417   -3.509  -10.825 1.00 18.10  ? 76  LYS A CE  1 
ATOM   609  N  NZ  . LYS A 1 75  ? 1.051   -2.486  -11.829 1.00 18.87  ? 76  LYS A NZ  1 
ATOM   610  N  N   . PHE A 1 76  ? 0.904   0.516   -6.093  1.00 7.26   ? 77  PHE A N   1 
ATOM   611  C  CA  . PHE A 1 76  ? 0.647   1.934   -6.300  1.00 7.82   ? 77  PHE A CA  1 
ATOM   612  C  C   . PHE A 1 76  ? 0.280   2.179   -7.763  1.00 8.12   ? 77  PHE A C   1 
ATOM   613  O  O   . PHE A 1 76  ? 0.962   1.684   -8.664  1.00 8.64   ? 77  PHE A O   1 
ATOM   614  C  CB  . PHE A 1 76  ? 1.842   2.773   -5.882  1.00 7.78   ? 77  PHE A CB  1 
ATOM   615  C  CG  . PHE A 1 76  ? 1.934   2.969   -4.408  1.00 7.25   ? 77  PHE A CG  1 
ATOM   616  C  CD1 . PHE A 1 76  ? 1.027   3.783   -3.750  1.00 7.38   ? 77  PHE A CD1 1 
ATOM   617  C  CD2 . PHE A 1 76  ? 2.937   2.361   -3.665  1.00 7.72   ? 77  PHE A CD2 1 
ATOM   618  C  CE1 . PHE A 1 76  ? 1.095   3.957   -2.371  1.00 7.03   ? 77  PHE A CE1 1 
ATOM   619  C  CE2 . PHE A 1 76  ? 3.014   2.553   -2.276  1.00 8.31   ? 77  PHE A CE2 1 
ATOM   620  C  CZ  . PHE A 1 76  ? 2.093   3.355   -1.643  1.00 8.20   ? 77  PHE A CZ  1 
ATOM   621  N  N   A GLU A 1 77  ? -0.818  2.891   -7.987  0.50 8.51   ? 78  GLU A N   1 
ATOM   622  N  N   B GLU A 1 77  ? -0.771  2.972   -7.940  0.50 8.54   ? 78  GLU A N   1 
ATOM   623  C  CA  A GLU A 1 77  ? -1.283  3.218   -9.337  0.50 9.33   ? 78  GLU A CA  1 
ATOM   624  C  CA  B GLU A 1 77  ? -1.379  3.282   -9.224  0.50 9.45   ? 78  GLU A CA  1 
ATOM   625  C  C   A GLU A 1 77  ? -1.639  4.706   -9.371  0.50 10.00  ? 78  GLU A C   1 
ATOM   626  C  C   B GLU A 1 77  ? -1.605  4.792   -9.239  0.50 9.98   ? 78  GLU A C   1 
ATOM   627  O  O   A GLU A 1 77  ? -2.722  5.085   -8.917  0.50 10.19  ? 78  GLU A O   1 
ATOM   628  O  O   B GLU A 1 77  ? -2.536  5.283   -8.602  0.50 10.17  ? 78  GLU A O   1 
ATOM   629  C  CB  A GLU A 1 77  ? -2.476  2.329   -9.731  0.50 9.84   ? 78  GLU A CB  1 
ATOM   630  C  CB  B GLU A 1 77  ? -2.712  2.540   -9.317  0.50 9.95   ? 78  GLU A CB  1 
ATOM   631  C  CG  A GLU A 1 77  ? -2.223  0.843   -9.452  0.50 10.58  ? 78  GLU A CG  1 
ATOM   632  C  CG  B GLU A 1 77  ? -3.438  2.598   -10.651 0.50 11.29  ? 78  GLU A CG  1 
ATOM   633  C  CD  A GLU A 1 77  ? -3.127  -0.123  -10.207 0.50 13.81  ? 78  GLU A CD  1 
ATOM   634  C  CD  B GLU A 1 77  ? -4.653  1.689   -10.652 0.50 13.00  ? 78  GLU A CD  1 
ATOM   635  O  OE1 A GLU A 1 77  ? -4.298  0.196   -10.434 0.50 13.45  ? 78  GLU A OE1 1 
ATOM   636  O  OE1 B GLU A 1 77  ? -4.524  0.561   -10.126 0.50 14.96  ? 78  GLU A OE1 1 
ATOM   637  O  OE2 A GLU A 1 77  ? -2.650  -1.230  -10.540 0.50 15.07  ? 78  GLU A OE2 1 
ATOM   638  O  OE2 B GLU A 1 77  ? -5.726  2.099   -11.166 0.50 13.13  ? 78  GLU A OE2 1 
ATOM   639  N  N   . PRO A 1 78  ? -0.747  5.550   -9.934  1.00 10.12  ? 79  PRO A N   1 
ATOM   640  C  CA  . PRO A 1 78  ? 0.441   5.146   -10.690 1.00 10.73  ? 79  PRO A CA  1 
ATOM   641  C  C   . PRO A 1 78  ? 1.645   4.779   -9.816  1.00 10.59  ? 79  PRO A C   1 
ATOM   642  O  O   . PRO A 1 78  ? 1.630   5.032   -8.621  1.00 10.79  ? 79  PRO A O   1 
ATOM   643  C  CB  . PRO A 1 78  ? 0.745   6.387   -11.531 1.00 11.56  ? 79  PRO A CB  1 
ATOM   644  C  CG  . PRO A 1 78  ? 0.270   7.492   -10.721 1.00 12.99  ? 79  PRO A CG  1 
ATOM   645  C  CD  . PRO A 1 78  ? -0.925  7.015   -9.971  1.00 10.88  ? 79  PRO A CD  1 
ATOM   646  N  N   . PRO A 1 79  ? 2.692   4.173   -10.407 1.00 11.32  ? 80  PRO A N   1 
ATOM   647  C  CA  . PRO A 1 79  ? 3.881   3.854   -9.633  1.00 11.56  ? 80  PRO A CA  1 
ATOM   648  C  C   . PRO A 1 79  ? 4.512   5.081   -8.968  1.00 11.74  ? 80  PRO A C   1 
ATOM   649  O  O   . PRO A 1 79  ? 4.404   6.205   -9.491  1.00 13.63  ? 80  PRO A O   1 
ATOM   650  C  CB  . PRO A 1 79  ? 4.836   3.251   -10.675 1.00 11.73  ? 80  PRO A CB  1 
ATOM   651  C  CG  . PRO A 1 79  ? 3.964   2.734   -11.738 1.00 12.68  ? 80  PRO A CG  1 
ATOM   652  C  CD  . PRO A 1 79  ? 2.772   3.636   -11.777 1.00 11.86  ? 80  PRO A CD  1 
ATOM   653  N  N   . LEU A 1 80  ? 5.149   4.852   -7.823  1.00 11.08  ? 81  LEU A N   1 
ATOM   654  C  CA  . LEU A 1 80  ? 5.766   5.911   -7.016  1.00 11.45  ? 81  LEU A CA  1 
ATOM   655  C  C   . LEU A 1 80  ? 7.275   5.793   -6.991  1.00 10.48  ? 81  LEU A C   1 
ATOM   656  O  O   . LEU A 1 80  ? 7.838   4.696   -7.063  1.00 9.94   ? 81  LEU A O   1 
ATOM   657  C  CB  . LEU A 1 80  ? 5.272   5.865   -5.550  1.00 12.52  ? 81  LEU A CB  1 
ATOM   658  C  CG  . LEU A 1 80  ? 3.819   6.200   -5.245  1.00 15.53  ? 81  LEU A CG  1 
ATOM   659  C  CD1 . LEU A 1 80  ? 3.596   6.195   -3.726  1.00 16.53  ? 81  LEU A CD1 1 
ATOM   660  C  CD2 . LEU A 1 80  ? 3.407   7.525   -5.862  1.00 17.76  ? 81  LEU A CD2 1 
ATOM   661  N  N   . PHE A 1 81  ? 7.932   6.940   -6.855  1.00 9.41   ? 82  PHE A N   1 
ATOM   662  C  CA  . PHE A 1 81  ? 9.339   7.023   -6.523  1.00 9.25   ? 82  PHE A CA  1 
ATOM   663  C  C   . PHE A 1 81  ? 9.511   6.690   -5.033  1.00 8.93   ? 82  PHE A C   1 
ATOM   664  O  O   . PHE A 1 81  ? 9.039   7.429   -4.169  1.00 9.19   ? 82  PHE A O   1 
ATOM   665  C  CB  . PHE A 1 81  ? 9.820   8.454   -6.834  1.00 9.87   ? 82  PHE A CB  1 
ATOM   666  C  CG  . PHE A 1 81  ? 11.224  8.766   -6.430  1.00 10.72  ? 82  PHE A CG  1 
ATOM   667  C  CD1 . PHE A 1 81  ? 11.495  9.327   -5.191  1.00 11.56  ? 82  PHE A CD1 1 
ATOM   668  C  CD2 . PHE A 1 81  ? 12.292  8.588   -7.312  1.00 10.33  ? 82  PHE A CD2 1 
ATOM   669  C  CE1 . PHE A 1 81  ? 12.793  9.660   -4.814  1.00 11.97  ? 82  PHE A CE1 1 
ATOM   670  C  CE2 . PHE A 1 81  ? 13.590  8.929   -6.932  1.00 11.82  ? 82  PHE A CE2 1 
ATOM   671  C  CZ  . PHE A 1 81  ? 13.832  9.456   -5.683  1.00 11.92  ? 82  PHE A CZ  1 
ATOM   672  N  N   . HIS A 1 82  ? 10.149  5.564   -4.739  1.00 8.34   ? 83  HIS A N   1 
ATOM   673  C  CA  . HIS A 1 82  ? 10.420  5.118   -3.363  1.00 7.83   ? 83  HIS A CA  1 
ATOM   674  C  C   . HIS A 1 82  ? 11.353  3.903   -3.482  1.00 8.33   ? 83  HIS A C   1 
ATOM   675  O  O   . HIS A 1 82  ? 11.160  3.101   -4.397  1.00 8.75   ? 83  HIS A O   1 
ATOM   676  C  CB  . HIS A 1 82  ? 9.135   4.724   -2.624  1.00 8.01   ? 83  HIS A CB  1 
ATOM   677  C  CG  . HIS A 1 82  ? 9.366   4.326   -1.206  1.00 8.04   ? 83  HIS A CG  1 
ATOM   678  N  ND1 . HIS A 1 82  ? 9.844   3.087   -0.846  1.00 7.07   ? 83  HIS A ND1 1 
ATOM   679  C  CD2 . HIS A 1 82  ? 9.202   5.018   -0.052  1.00 8.14   ? 83  HIS A CD2 1 
ATOM   680  C  CE1 . HIS A 1 82  ? 9.947   3.022   0.471   1.00 8.13   ? 83  HIS A CE1 1 
ATOM   681  N  NE2 . HIS A 1 82  ? 9.578   4.188   0.977   1.00 7.86   ? 83  HIS A NE2 1 
ATOM   682  N  N   . PRO A 1 83  ? 12.355  3.767   -2.597  1.00 8.05   ? 84  PRO A N   1 
ATOM   683  C  CA  . PRO A 1 83  ? 13.310  2.666   -2.793  1.00 8.46   ? 84  PRO A CA  1 
ATOM   684  C  C   . PRO A 1 83  ? 12.710  1.261   -2.768  1.00 8.30   ? 84  PRO A C   1 
ATOM   685  O  O   . PRO A 1 83  ? 13.315  0.347   -3.315  1.00 8.66   ? 84  PRO A O   1 
ATOM   686  C  CB  . PRO A 1 83  ? 14.312  2.834   -1.646  1.00 8.60   ? 84  PRO A CB  1 
ATOM   687  C  CG  . PRO A 1 83  ? 14.208  4.286   -1.274  1.00 8.22   ? 84  PRO A CG  1 
ATOM   688  C  CD  . PRO A 1 83  ? 12.767  4.635   -1.475  1.00 8.38   ? 84  PRO A CD  1 
ATOM   689  N  N   . ASN A 1 84  ? 11.567  1.081   -2.101  1.00 7.37   ? 85  ASN A N   1 
ATOM   690  C  CA  . ASN A 1 84  ? 10.974  -0.246  -1.895  1.00 7.43   ? 85  ASN A CA  1 
ATOM   691  C  C   . ASN A 1 84  ? 9.701   -0.445  -2.682  1.00 7.38   ? 85  ASN A C   1 
ATOM   692  O  O   . ASN A 1 84  ? 8.903   -1.339  -2.367  1.00 8.00   ? 85  ASN A O   1 
ATOM   693  C  CB  . ASN A 1 84  ? 10.709  -0.497  -0.405  1.00 7.55   ? 85  ASN A CB  1 
ATOM   694  C  CG  . ASN A 1 84  ? 11.940  -0.281  0.434   1.00 9.46   ? 85  ASN A CG  1 
ATOM   695  O  OD1 . ASN A 1 84  ? 11.996  0.672   1.215   1.00 11.53  ? 85  ASN A OD1 1 
ATOM   696  N  ND2 . ASN A 1 84  ? 12.955  -1.130  0.247   1.00 10.93  ? 85  ASN A ND2 1 
ATOM   697  N  N   . VAL A 1 85  ? 9.466   0.395   -3.688  1.00 7.05   ? 86  VAL A N   1 
ATOM   698  C  CA  . VAL A 1 85  ? 8.372   0.205   -4.624  1.00 6.86   ? 86  VAL A CA  1 
ATOM   699  C  C   . VAL A 1 85  ? 8.939   -0.138  -5.988  1.00 6.88   ? 86  VAL A C   1 
ATOM   700  O  O   . VAL A 1 85  ? 9.729   0.628   -6.535  1.00 7.65   ? 86  VAL A O   1 
ATOM   701  C  CB  . VAL A 1 85  ? 7.485   1.463   -4.707  1.00 7.46   ? 86  VAL A CB  1 
ATOM   702  C  CG1 . VAL A 1 85  ? 6.374   1.289   -5.742  1.00 8.49   ? 86  VAL A CG1 1 
ATOM   703  C  CG2 . VAL A 1 85  ? 6.884   1.747   -3.322  1.00 8.54   ? 86  VAL A CG2 1 
ATOM   704  N  N   . TYR A 1 86  ? 8.573   -1.303  -6.512  1.00 6.63   ? 87  TYR A N   1 
ATOM   705  C  CA  . TYR A 1 86  ? 9.029   -1.710  -7.840  1.00 7.59   ? 87  TYR A CA  1 
ATOM   706  C  C   . TYR A 1 86  ? 8.540   -0.737  -8.898  1.00 8.46   ? 87  TYR A C   1 
ATOM   707  O  O   . TYR A 1 86  ? 7.542   -0.027  -8.702  1.00 8.20   ? 87  TYR A O   1 
ATOM   708  C  CB  . TYR A 1 86  ? 8.543   -3.118  -8.191  1.00 7.20   ? 87  TYR A CB  1 
ATOM   709  C  CG  . TYR A 1 86  ? 9.213   -4.204  -7.388  1.00 7.61   ? 87  TYR A CG  1 
ATOM   710  C  CD1 . TYR A 1 86  ? 10.503  -4.604  -7.692  1.00 8.00   ? 87  TYR A CD1 1 
ATOM   711  C  CD2 . TYR A 1 86  ? 8.549   -4.830  -6.336  1.00 7.73   ? 87  TYR A CD2 1 
ATOM   712  C  CE1 . TYR A 1 86  ? 11.145  -5.581  -6.958  1.00 7.72   ? 87  TYR A CE1 1 
ATOM   713  C  CE2 . TYR A 1 86  ? 9.171   -5.833  -5.596  1.00 9.13   ? 87  TYR A CE2 1 
ATOM   714  C  CZ  . TYR A 1 86  ? 10.467  -6.203  -5.906  1.00 8.41   ? 87  TYR A CZ  1 
ATOM   715  O  OH  . TYR A 1 86  ? 11.085  -7.200  -5.181  1.00 12.16  ? 87  TYR A OH  1 
ATOM   716  N  N   . PRO A 1 87  ? 9.260   -0.688  -10.037 1.00 8.67   ? 88  PRO A N   1 
ATOM   717  C  CA  . PRO A 1 87  ? 8.818   0.194   -11.108 1.00 9.26   ? 88  PRO A CA  1 
ATOM   718  C  C   . PRO A 1 87  ? 7.391   -0.050  -11.572 1.00 8.86   ? 88  PRO A C   1 
ATOM   719  O  O   . PRO A 1 87  ? 6.763   0.859   -12.119 1.00 9.89   ? 88  PRO A O   1 
ATOM   720  C  CB  . PRO A 1 87  ? 9.819   -0.107  -12.230 1.00 9.33   ? 88  PRO A CB  1 
ATOM   721  C  CG  . PRO A 1 87  ? 11.030  -0.554  -11.556 1.00 11.01  ? 88  PRO A CG  1 
ATOM   722  C  CD  . PRO A 1 87  ? 10.583  -1.274  -10.312 1.00 9.13   ? 88  PRO A CD  1 
ATOM   723  N  N   . SER A 1 88  ? 6.875   -1.265  -11.368 1.00 8.60   ? 89  SER A N   1 
ATOM   724  C  CA  . SER A 1 88  ? 5.505   -1.612  -11.686 1.00 8.51   ? 89  SER A CA  1 
ATOM   725  C  C   . SER A 1 88  ? 4.475   -0.968  -10.765 1.00 8.49   ? 89  SER A C   1 
ATOM   726  O  O   . SER A 1 88  ? 3.289   -0.973  -11.080 1.00 8.97   ? 89  SER A O   1 
ATOM   727  C  CB  . SER A 1 88  ? 5.321   -3.111  -11.571 1.00 8.76   ? 89  SER A CB  1 
ATOM   728  O  OG  . SER A 1 88  ? 5.439   -3.540  -10.214 1.00 8.08   ? 89  SER A OG  1 
ATOM   729  N  N   . GLY A 1 89  ? 4.938   -0.497  -9.613  1.00 7.93   ? 90  GLY A N   1 
ATOM   730  C  CA  . GLY A 1 89  ? 4.086   -0.006  -8.542  1.00 7.96   ? 90  GLY A CA  1 
ATOM   731  C  C   . GLY A 1 89  ? 3.949   -0.958  -7.369  1.00 7.88   ? 90  GLY A C   1 
ATOM   732  O  O   . GLY A 1 89  ? 3.481   -0.559  -6.298  1.00 7.38   ? 90  GLY A O   1 
ATOM   733  N  N   . THR A 1 90  ? 4.302   -2.222  -7.557  1.00 7.70   ? 91  THR A N   1 
ATOM   734  C  CA  . THR A 1 90  ? 4.144   -3.212  -6.498  1.00 7.17   ? 91  THR A CA  1 
ATOM   735  C  C   . THR A 1 90  ? 5.024   -2.879  -5.298  1.00 7.72   ? 91  THR A C   1 
ATOM   736  O  O   . THR A 1 90  ? 6.186   -2.518  -5.430  1.00 7.49   ? 91  THR A O   1 
ATOM   737  C  CB  . THR A 1 90  ? 4.435   -4.623  -7.022  1.00 7.10   ? 91  THR A CB  1 
ATOM   738  O  OG1 . THR A 1 90  ? 3.501   -4.899  -8.070  1.00 10.61  ? 91  THR A OG1 1 
ATOM   739  C  CG2 . THR A 1 90  ? 4.287   -5.647  -5.937  1.00 9.62   ? 91  THR A CG2 1 
ATOM   740  N  N   . VAL A 1 91  ? 4.433   -2.982  -4.117  1.00 7.06   ? 92  VAL A N   1 
ATOM   741  C  CA  . VAL A 1 91  ? 5.133   -2.695  -2.865  1.00 7.49   ? 92  VAL A CA  1 
ATOM   742  C  C   . VAL A 1 91  ? 5.925   -3.897  -2.372  1.00 7.86   ? 92  VAL A C   1 
ATOM   743  O  O   . VAL A 1 91  ? 5.395   -5.001  -2.310  1.00 8.30   ? 92  VAL A O   1 
ATOM   744  C  CB  . VAL A 1 91  ? 4.133   -2.292  -1.775  1.00 7.81   ? 92  VAL A CB  1 
ATOM   745  C  CG1 . VAL A 1 91  ? 4.837   -2.082  -0.424  1.00 8.45   ? 92  VAL A CG1 1 
ATOM   746  C  CG2 . VAL A 1 91  ? 3.364   -1.054  -2.201  1.00 8.32   ? 92  VAL A CG2 1 
ATOM   747  N  N   . CYS A 1 92  ? 7.185   -3.666  -2.011  1.00 8.01   ? 93  CYS A N   1 
ATOM   748  C  CA  . CYS A 1 92  ? 8.044   -4.691  -1.439  1.00 8.86   ? 93  CYS A CA  1 
ATOM   749  C  C   . CYS A 1 92  ? 8.130   -4.453  0.072   1.00 9.42   ? 93  CYS A C   1 
ATOM   750  O  O   . CYS A 1 92  ? 8.692   -3.459  0.515   1.00 9.58   ? 93  CYS A O   1 
ATOM   751  C  CB  . CYS A 1 92  ? 9.415   -4.638  -2.108  1.00 9.80   ? 93  CYS A CB  1 
ATOM   752  S  SG  . CYS A 1 92  ? 10.537  -5.920  -1.520  1.00 13.92  ? 93  CYS A SG  1 
ATOM   753  N  N   . LEU A 1 93  ? 7.552   -5.370  0.842   1.00 9.36   ? 94  LEU A N   1 
ATOM   754  C  CA  . LEU A 1 93  ? 7.404   -5.213  2.293   1.00 9.85   ? 94  LEU A CA  1 
ATOM   755  C  C   . LEU A 1 93  ? 7.215   -6.619  2.857   1.00 10.34  ? 94  LEU A C   1 
ATOM   756  O  O   . LEU A 1 93  ? 6.426   -7.393  2.330   1.00 10.02  ? 94  LEU A O   1 
ATOM   757  C  CB  . LEU A 1 93  ? 6.201   -4.323  2.606   1.00 10.21  ? 94  LEU A CB  1 
ATOM   758  C  CG  . LEU A 1 93  ? 5.921   -3.948  4.060   1.00 10.02  ? 94  LEU A CG  1 
ATOM   759  C  CD1 . LEU A 1 93  ? 7.107   -3.144  4.596   1.00 11.91  ? 94  LEU A CD1 1 
ATOM   760  C  CD2 . LEU A 1 93  ? 4.639   -3.160  4.190   1.00 10.85  ? 94  LEU A CD2 1 
ATOM   761  N  N   . SER A 1 94  ? 7.915   -6.926  3.952   1.00 11.12  ? 95  SER A N   1 
ATOM   762  C  CA  A SER A 1 94  ? 8.006   -8.302  4.433   0.50 11.29  ? 95  SER A CA  1 
ATOM   763  C  CA  B SER A 1 94  ? 8.009   -8.301  4.439   0.50 11.63  ? 95  SER A CA  1 
ATOM   764  C  C   . SER A 1 94  ? 6.658   -8.862  4.883   1.00 11.01  ? 95  SER A C   1 
ATOM   765  O  O   . SER A 1 94  ? 6.369   -10.035 4.643   1.00 11.70  ? 95  SER A O   1 
ATOM   766  C  CB  A SER A 1 94  ? 9.053   -8.429  5.540   0.50 11.74  ? 95  SER A CB  1 
ATOM   767  C  CB  B SER A 1 94  ? 9.029   -8.415  5.573   0.50 12.13  ? 95  SER A CB  1 
ATOM   768  O  OG  A SER A 1 94  ? 10.355  -8.351  4.985   0.50 12.35  ? 95  SER A OG  1 
ATOM   769  O  OG  B SER A 1 94  ? 8.573   -7.751  6.733   0.50 14.86  ? 95  SER A OG  1 
ATOM   770  N  N   . ILE A 1 95  ? 5.824   -8.025  5.491   1.00 11.03  ? 96  ILE A N   1 
ATOM   771  C  CA  . ILE A 1 95  ? 4.463   -8.477  5.851   1.00 11.37  ? 96  ILE A CA  1 
ATOM   772  C  C   . ILE A 1 95  ? 3.611   -8.802  4.623   1.00 11.32  ? 96  ILE A C   1 
ATOM   773  O  O   . ILE A 1 95  ? 2.560   -9.440  4.764   1.00 11.91  ? 96  ILE A O   1 
ATOM   774  C  CB  . ILE A 1 95  ? 3.688   -7.507  6.774   1.00 11.23  ? 96  ILE A CB  1 
ATOM   775  C  CG1 . ILE A 1 95  ? 3.509   -6.112  6.154   1.00 11.40  ? 96  ILE A CG1 1 
ATOM   776  C  CG2 . ILE A 1 95  ? 4.340   -7.422  8.163   1.00 13.24  ? 96  ILE A CG2 1 
ATOM   777  C  CD1 . ILE A 1 95  ? 2.390   -5.280  6.815   1.00 13.21  ? 96  ILE A CD1 1 
ATOM   778  N  N   . LEU A 1 96  ? 4.035   -8.371  3.432   1.00 10.93  ? 97  LEU A N   1 
ATOM   779  C  CA  . LEU A 1 96  ? 3.283   -8.686  2.204   1.00 10.43  ? 97  LEU A CA  1 
ATOM   780  C  C   . LEU A 1 96  ? 3.830   -9.876  1.411   1.00 10.58  ? 97  LEU A C   1 
ATOM   781  O  O   . LEU A 1 96  ? 3.531   -10.037 0.229   1.00 10.99  ? 97  LEU A O   1 
ATOM   782  C  CB  . LEU A 1 96  ? 3.168   -7.445  1.315   1.00 10.48  ? 97  LEU A CB  1 
ATOM   783  C  CG  . LEU A 1 96  ? 2.519   -6.236  1.988   1.00 12.04  ? 97  LEU A CG  1 
ATOM   784  C  CD1 . LEU A 1 96  ? 2.526   -5.022  1.032   1.00 12.57  ? 97  LEU A CD1 1 
ATOM   785  C  CD2 . LEU A 1 96  ? 1.086   -6.564  2.404   1.00 14.32  ? 97  LEU A CD2 1 
ATOM   786  N  N   . GLU A 1 97  ? 4.619   -10.737 2.055   1.00 11.02  ? 98  GLU A N   1 
ATOM   787  C  CA  . GLU A 1 97  ? 5.109   -11.969 1.431   1.00 11.73  ? 98  GLU A CA  1 
ATOM   788  C  C   . GLU A 1 97  ? 4.767   -13.151 2.324   1.00 12.13  ? 98  GLU A C   1 
ATOM   789  O  O   . GLU A 1 97  ? 5.113   -13.152 3.491   1.00 11.96  ? 98  GLU A O   1 
ATOM   790  C  CB  . GLU A 1 97  ? 6.617   -11.902 1.185   1.00 12.51  ? 98  GLU A CB  1 
ATOM   791  C  CG  . GLU A 1 97  ? 6.972   -10.941 0.049   1.00 15.93  ? 98  GLU A CG  1 
ATOM   792  C  CD  . GLU A 1 97  ? 8.441   -10.946 -0.345  1.00 20.07  ? 98  GLU A CD  1 
ATOM   793  O  OE1 . GLU A 1 97  ? 9.036   -12.033 -0.505  1.00 21.98  ? 98  GLU A OE1 1 
ATOM   794  O  OE2 . GLU A 1 97  ? 9.001   -9.834  -0.524  1.00 24.83  ? 98  GLU A OE2 1 
ATOM   795  N  N   . GLU A 1 98  ? 4.060   -14.118 1.752   1.00 13.11  ? 99  GLU A N   1 
ATOM   796  C  CA  . GLU A 1 98  ? 3.584   -15.308 2.462   1.00 14.45  ? 99  GLU A CA  1 
ATOM   797  C  C   . GLU A 1 98  ? 4.709   -16.047 3.172   1.00 15.61  ? 99  GLU A C   1 
ATOM   798  O  O   . GLU A 1 98  ? 4.526   -16.547 4.284   1.00 15.45  ? 99  GLU A O   1 
ATOM   799  C  CB  . GLU A 1 98  ? 2.903   -16.242 1.466   1.00 14.85  ? 99  GLU A CB  1 
ATOM   800  C  CG  . GLU A 1 98  ? 2.240   -17.476 2.073   1.00 16.16  ? 99  GLU A CG  1 
ATOM   801  C  CD  . GLU A 1 98  ? 1.505   -18.297 1.031   1.00 16.86  ? 99  GLU A CD  1 
ATOM   802  O  OE1 . GLU A 1 98  ? 0.631   -17.741 0.323   1.00 18.97  ? 99  GLU A OE1 1 
ATOM   803  O  OE2 . GLU A 1 98  ? 1.821   -19.503 0.903   1.00 19.33  ? 99  GLU A OE2 1 
ATOM   804  N  N   . ASP A 1 99  ? 5.863   -16.131 2.516   1.00 16.47  ? 100 ASP A N   1 
ATOM   805  C  CA  . ASP A 1 99  ? 6.996   -16.872 3.061   1.00 18.19  ? 100 ASP A CA  1 
ATOM   806  C  C   . ASP A 1 99  ? 7.933   -16.017 3.912   1.00 18.30  ? 100 ASP A C   1 
ATOM   807  O  O   . ASP A 1 99  ? 8.953   -16.521 4.409   1.00 20.49  ? 100 ASP A O   1 
ATOM   808  C  CB  . ASP A 1 99  ? 7.733   -17.593 1.923   1.00 18.74  ? 100 ASP A CB  1 
ATOM   809  C  CG  . ASP A 1 99  ? 6.878   -18.682 1.295   1.00 21.33  ? 100 ASP A CG  1 
ATOM   810  O  OD1 . ASP A 1 99  ? 6.780   -18.748 0.052   1.00 28.26  ? 100 ASP A OD1 1 
ATOM   811  O  OD2 . ASP A 1 99  ? 6.264   -19.459 2.063   1.00 24.62  ? 100 ASP A OD2 1 
ATOM   812  N  N   . LYS A 1 100 ? 7.582   -14.747 4.120   1.00 17.79  ? 101 LYS A N   1 
ATOM   813  C  CA  . LYS A 1 100 ? 8.276   -13.892 5.085   1.00 17.19  ? 101 LYS A CA  1 
ATOM   814  C  C   . LYS A 1 100 ? 7.377   -13.589 6.293   1.00 16.40  ? 101 LYS A C   1 
ATOM   815  O  O   . LYS A 1 100 ? 7.095   -14.522 7.087   1.00 17.14  ? 101 LYS A O   1 
ATOM   816  C  CB  . LYS A 1 100 ? 8.848   -12.635 4.413   1.00 17.54  ? 101 LYS A CB  1 
ATOM   817  C  CG  . LYS A 1 100 ? 9.857   -12.957 3.308   1.00 19.37  ? 101 LYS A CG  1 
ATOM   818  C  CD  . LYS A 1 100 ? 10.556  -11.704 2.786   1.00 21.47  ? 101 LYS A CD  1 
ATOM   819  C  CE  . LYS A 1 100 ? 11.566  -12.065 1.698   1.00 23.61  ? 101 LYS A CE  1 
ATOM   820  N  NZ  . LYS A 1 100 ? 12.096  -10.850 1.008   1.00 26.22  ? 101 LYS A NZ  1 
ATOM   821  N  N   . ASP A 1 101 ? 6.914   -12.348 6.451   1.00 14.56  ? 102 ASP A N   1 
ATOM   822  C  CA  . ASP A 1 101 ? 6.241   -11.917 7.684   1.00 13.93  ? 102 ASP A CA  1 
ATOM   823  C  C   . ASP A 1 101 ? 4.703   -11.823 7.611   1.00 12.02  ? 102 ASP A C   1 
ATOM   824  O  O   . ASP A 1 101 ? 4.073   -11.373 8.567   1.00 12.52  ? 102 ASP A O   1 
ATOM   825  C  CB  . ASP A 1 101 ? 6.811   -10.583 8.172   1.00 14.45  ? 102 ASP A CB  1 
ATOM   826  C  CG  . ASP A 1 101 ? 8.246   -10.693 8.652   1.00 17.24  ? 102 ASP A CG  1 
ATOM   827  O  OD1 . ASP A 1 101 ? 8.727   -11.816 8.940   1.00 21.41  ? 102 ASP A OD1 1 
ATOM   828  O  OD2 . ASP A 1 101 ? 8.881   -9.629  8.765   1.00 21.90  ? 102 ASP A OD2 1 
ATOM   829  N  N   . TRP A 1 102 ? 4.097   -12.223 6.493   1.00 10.79  ? 103 TRP A N   1 
ATOM   830  C  CA  . TRP A 1 102 ? 2.653   -12.274 6.451   1.00 9.83   ? 103 TRP A CA  1 
ATOM   831  C  C   . TRP A 1 102 ? 2.115   -13.224 7.528   1.00 9.23   ? 103 TRP A C   1 
ATOM   832  O  O   . TRP A 1 102 ? 2.644   -14.301 7.743   1.00 10.67  ? 103 TRP A O   1 
ATOM   833  C  CB  . TRP A 1 102 ? 2.144   -12.719 5.083   1.00 9.57   ? 103 TRP A CB  1 
ATOM   834  C  CG  . TRP A 1 102 ? 0.654   -12.943 5.038   1.00 7.69   ? 103 TRP A CG  1 
ATOM   835  C  CD1 . TRP A 1 102 ? 0.001   -14.137 4.920   1.00 7.63   ? 103 TRP A CD1 1 
ATOM   836  C  CD2 . TRP A 1 102 ? -0.372  -11.939 5.109   1.00 5.08   ? 103 TRP A CD2 1 
ATOM   837  N  NE1 . TRP A 1 102 ? -1.348  -13.946 4.929   1.00 7.29   ? 103 TRP A NE1 1 
ATOM   838  C  CE2 . TRP A 1 102 ? -1.611  -12.606 5.029   1.00 5.98   ? 103 TRP A CE2 1 
ATOM   839  C  CE3 . TRP A 1 102 ? -0.367  -10.554 5.249   1.00 6.17   ? 103 TRP A CE3 1 
ATOM   840  C  CZ2 . TRP A 1 102 ? -2.823  -11.930 5.081   1.00 7.09   ? 103 TRP A CZ2 1 
ATOM   841  C  CZ3 . TRP A 1 102 ? -1.573  -9.871  5.266   1.00 7.34   ? 103 TRP A CZ3 1 
ATOM   842  C  CH2 . TRP A 1 102 ? -2.785  -10.552 5.183   1.00 7.21   ? 103 TRP A CH2 1 
ATOM   843  N  N   . ARG A 1 103 ? 1.067   -12.765 8.193   1.00 8.83   ? 104 ARG A N   1 
ATOM   844  C  CA  A ARG A 1 103 ? 0.258   -13.587 9.096   0.50 8.77   ? 104 ARG A CA  1 
ATOM   845  C  CA  B ARG A 1 103 ? 0.246   -13.579 9.098   0.50 8.72   ? 104 ARG A CA  1 
ATOM   846  C  C   . ARG A 1 103 ? -1.199  -13.398 8.678   1.00 8.38   ? 104 ARG A C   1 
ATOM   847  O  O   . ARG A 1 103 ? -1.650  -12.262 8.449   1.00 7.81   ? 104 ARG A O   1 
ATOM   848  C  CB  A ARG A 1 103 ? 0.481   -13.166 10.568  0.50 9.31   ? 104 ARG A CB  1 
ATOM   849  C  CB  B ARG A 1 103 ? 0.402   -13.101 10.548  0.50 9.20   ? 104 ARG A CB  1 
ATOM   850  C  CG  A ARG A 1 103 ? 1.840   -13.620 11.129  0.50 11.08  ? 104 ARG A CG  1 
ATOM   851  C  CG  B ARG A 1 103 ? 1.800   -13.264 11.092  0.50 10.80  ? 104 ARG A CG  1 
ATOM   852  C  CD  A ARG A 1 103 ? 2.183   -13.068 12.534  0.50 13.52  ? 104 ARG A CD  1 
ATOM   853  C  CD  B ARG A 1 103 ? 1.934   -12.693 12.486  0.50 13.44  ? 104 ARG A CD  1 
ATOM   854  N  NE  A ARG A 1 103 ? 3.515   -13.501 12.963  0.50 14.29  ? 104 ARG A NE  1 
ATOM   855  N  NE  B ARG A 1 103 ? 2.019   -11.236 12.488  0.50 12.46  ? 104 ARG A NE  1 
ATOM   856  C  CZ  A ARG A 1 103 ? 3.858   -13.870 14.196  0.50 13.12  ? 104 ARG A CZ  1 
ATOM   857  C  CZ  B ARG A 1 103 ? 1.014   -10.419 12.782  0.50 12.31  ? 104 ARG A CZ  1 
ATOM   858  N  NH1 A ARG A 1 103 ? 2.964   -13.868 15.183  0.50 10.89  ? 104 ARG A NH1 1 
ATOM   859  N  NH1 B ARG A 1 103 ? -0.184  -10.901 13.086  0.50 11.28  ? 104 ARG A NH1 1 
ATOM   860  N  NH2 A ARG A 1 103 ? 5.118   -14.254 14.426  0.50 9.31   ? 104 ARG A NH2 1 
ATOM   861  N  NH2 B ARG A 1 103 ? 1.208   -9.109  12.762  0.50 14.11  ? 104 ARG A NH2 1 
ATOM   862  N  N   . PRO A 1 104 ? -1.972  -14.506 8.567   1.00 7.62   ? 105 PRO A N   1 
ATOM   863  C  CA  . PRO A 1 104 ? -3.388  -14.360 8.151   1.00 7.65   ? 105 PRO A CA  1 
ATOM   864  C  C   . PRO A 1 104 ? -4.217  -13.333 8.949   1.00 7.98   ? 105 PRO A C   1 
ATOM   865  O  O   . PRO A 1 104 ? -5.117  -12.714 8.388   1.00 8.30   ? 105 PRO A O   1 
ATOM   866  C  CB  . PRO A 1 104 ? -3.922  -15.789 8.275   1.00 7.93   ? 105 PRO A CB  1 
ATOM   867  C  CG  . PRO A 1 104 ? -2.726  -16.630 7.941   1.00 7.96   ? 105 PRO A CG  1 
ATOM   868  C  CD  . PRO A 1 104 ? -1.563  -15.921 8.589   1.00 8.13   ? 105 PRO A CD  1 
ATOM   869  N  N   . ALA A 1 105 ? -3.892  -13.114 10.219  1.00 8.39   ? 106 ALA A N   1 
ATOM   870  C  CA  . ALA A 1 105 ? -4.642  -12.180 11.062  1.00 8.62   ? 106 ALA A CA  1 
ATOM   871  C  C   . ALA A 1 105 ? -4.447  -10.699 10.751  1.00 8.38   ? 106 ALA A C   1 
ATOM   872  O  O   . ALA A 1 105 ? -5.215  -9.862  11.256  1.00 9.56   ? 106 ALA A O   1 
ATOM   873  C  CB  . ALA A 1 105 ? -4.326  -12.435 12.556  1.00 8.27   ? 106 ALA A CB  1 
ATOM   874  N  N   . ILE A 1 106 ? -3.433  -10.372 9.948   1.00 8.07   ? 107 ILE A N   1 
ATOM   875  C  CA  . ILE A 1 106 ? -3.121  -8.992  9.627   1.00 7.44   ? 107 ILE A CA  1 
ATOM   876  C  C   . ILE A 1 106 ? -4.299  -8.387  8.861   1.00 7.10   ? 107 ILE A C   1 
ATOM   877  O  O   . ILE A 1 106 ? -4.814  -8.981  7.916   1.00 8.88   ? 107 ILE A O   1 
ATOM   878  C  CB  . ILE A 1 106 ? -1.802  -8.865  8.825   1.00 6.73   ? 107 ILE A CB  1 
ATOM   879  C  CG1 . ILE A 1 106 ? -0.588  -9.265  9.675   1.00 7.65   ? 107 ILE A CG1 1 
ATOM   880  C  CG2 . ILE A 1 106 ? -1.641  -7.458  8.262   1.00 7.98   ? 107 ILE A CG2 1 
ATOM   881  C  CD1 . ILE A 1 106 ? 0.740   -9.250  8.905   1.00 8.21   ? 107 ILE A CD1 1 
ATOM   882  N  N   . THR A 1 107 ? -4.739  -7.215  9.297   1.00 7.44   ? 108 THR A N   1 
ATOM   883  C  CA  . THR A 1 107 ? -5.912  -6.550  8.731   1.00 7.64   ? 108 THR A CA  1 
ATOM   884  C  C   . THR A 1 107 ? -5.551  -5.577  7.614   1.00 8.02   ? 108 THR A C   1 
ATOM   885  O  O   . THR A 1 107 ? -4.382  -5.191  7.474   1.00 8.03   ? 108 THR A O   1 
ATOM   886  C  CB  . THR A 1 107 ? -6.660  -5.744  9.798   1.00 7.47   ? 108 THR A CB  1 
ATOM   887  O  OG1 . THR A 1 107 ? -5.804  -4.705  10.294  1.00 8.77   ? 108 THR A OG1 1 
ATOM   888  C  CG2 . THR A 1 107 ? -7.042  -6.674  10.984  1.00 8.95   ? 108 THR A CG2 1 
ATOM   889  N  N   . ILE A 1 108 ? -6.556  -5.177  6.835   1.00 8.68   ? 109 ILE A N   1 
ATOM   890  C  CA  . ILE A 1 108 ? -6.358  -4.154  5.807   1.00 8.70   ? 109 ILE A CA  1 
ATOM   891  C  C   . ILE A 1 108 ? -5.833  -2.850  6.422   1.00 9.12   ? 109 ILE A C   1 
ATOM   892  O  O   . ILE A 1 108 ? -4.917  -2.208  5.883   1.00 8.88   ? 109 ILE A O   1 
ATOM   893  C  CB  . ILE A 1 108 ? -7.647  -3.927  4.998   1.00 8.85   ? 109 ILE A CB  1 
ATOM   894  C  CG1 . ILE A 1 108 ? -7.922  -5.157  4.126   1.00 10.03  ? 109 ILE A CG1 1 
ATOM   895  C  CG2 . ILE A 1 108 ? -7.538  -2.639  4.140   1.00 10.59  ? 109 ILE A CG2 1 
ATOM   896  C  CD1 . ILE A 1 108 ? -9.192  -5.070  3.287   1.00 10.68  ? 109 ILE A CD1 1 
ATOM   897  N  N   . LYS A 1 109 ? -6.362  -2.478  7.585   1.00 8.79   ? 110 LYS A N   1 
ATOM   898  C  CA  . LYS A 1 109 ? -5.861  -1.284  8.258   1.00 9.12   ? 110 LYS A CA  1 
ATOM   899  C  C   . LYS A 1 109 ? -4.380  -1.400  8.596   1.00 8.43   ? 110 LYS A C   1 
ATOM   900  O  O   . LYS A 1 109 ? -3.602  -0.473  8.389   1.00 7.81   ? 110 LYS A O   1 
ATOM   901  C  CB  . LYS A 1 109 ? -6.667  -0.999  9.527   1.00 10.18  ? 110 LYS A CB  1 
ATOM   902  C  CG  . LYS A 1 109 ? -6.171  0.196   10.289  1.00 13.48  ? 110 LYS A CG  1 
ATOM   903  C  CD  . LYS A 1 109 ? -6.838  0.371   11.642  1.00 18.34  ? 110 LYS A CD  1 
ATOM   904  C  CE  . LYS A 1 109 ? -8.308  0.298   11.578  1.00 20.60  ? 110 LYS A CE  1 
ATOM   905  N  NZ  . LYS A 1 109 ? -8.874  0.520   12.946  1.00 23.28  ? 110 LYS A NZ  1 
ATOM   906  N  N   . GLN A 1 110 ? -3.980  -2.536  9.150   1.00 7.75   ? 111 GLN A N   1 
ATOM   907  C  CA  . GLN A 1 110 ? -2.590  -2.757  9.462   1.00 7.67   ? 111 GLN A CA  1 
ATOM   908  C  C   . GLN A 1 110 ? -1.689  -2.726  8.215   1.00 7.06   ? 111 GLN A C   1 
ATOM   909  O  O   . GLN A 1 110 ? -0.567  -2.213  8.279   1.00 7.97   ? 111 GLN A O   1 
ATOM   910  C  CB  . GLN A 1 110 ? -2.416  -4.074  10.223  1.00 7.75   ? 111 GLN A CB  1 
ATOM   911  C  CG  . GLN A 1 110 ? -2.936  -3.988  11.655  1.00 9.76   ? 111 GLN A CG  1 
ATOM   912  C  CD  . GLN A 1 110 ? -2.995  -5.320  12.362  1.00 12.58  ? 111 GLN A CD  1 
ATOM   913  O  OE1 . GLN A 1 110 ? -3.096  -6.369  11.748  1.00 11.67  ? 111 GLN A OE1 1 
ATOM   914  N  NE2 . GLN A 1 110 ? -2.922  -5.279  13.702  1.00 17.92  ? 111 GLN A NE2 1 
ATOM   915  N  N   . ILE A 1 111 ? -2.172  -3.272  7.098   1.00 7.01   ? 112 ILE A N   1 
ATOM   916  C  CA  . ILE A 1 111 ? -1.414  -3.229  5.842   1.00 7.26   ? 112 ILE A CA  1 
ATOM   917  C  C   . ILE A 1 111 ? -1.215  -1.777  5.402   1.00 7.19   ? 112 ILE A C   1 
ATOM   918  O  O   . ILE A 1 111 ? -0.094  -1.386  5.080   1.00 7.14   ? 112 ILE A O   1 
ATOM   919  C  CB  . ILE A 1 111 ? -2.133  -4.042  4.742   1.00 7.10   ? 112 ILE A CB  1 
ATOM   920  C  CG1 . ILE A 1 111 ? -2.053  -5.535  5.035   1.00 8.03   ? 112 ILE A CG1 1 
ATOM   921  C  CG2 . ILE A 1 111 ? -1.543  -3.727  3.346   1.00 8.80   ? 112 ILE A CG2 1 
ATOM   922  C  CD1 . ILE A 1 111 ? -2.973  -6.344  4.187   1.00 8.99   ? 112 ILE A CD1 1 
ATOM   923  N  N   . LEU A 1 112 ? -2.289  -0.992  5.370   1.00 7.26   ? 113 LEU A N   1 
ATOM   924  C  CA  . LEU A 1 112 ? -2.196  0.372   4.869   1.00 7.32   ? 113 LEU A CA  1 
ATOM   925  C  C   . LEU A 1 112 ? -1.351  1.241   5.786   1.00 7.50   ? 113 LEU A C   1 
ATOM   926  O  O   . LEU A 1 112 ? -0.560  2.051   5.308   1.00 7.54   ? 113 LEU A O   1 
ATOM   927  C  CB  . LEU A 1 112 ? -3.579  0.970   4.610   1.00 7.67   ? 113 LEU A CB  1 
ATOM   928  C  CG  . LEU A 1 112 ? -4.395  0.316   3.498   1.00 7.50   ? 113 LEU A CG  1 
ATOM   929  C  CD1 . LEU A 1 112 ? -5.821  0.864   3.436   1.00 9.77   ? 113 LEU A CD1 1 
ATOM   930  C  CD2 . LEU A 1 112 ? -3.707  0.507   2.143   1.00 8.68   ? 113 LEU A CD2 1 
ATOM   931  N  N   . LEU A 1 113 ? -1.479  1.055   7.102   1.00 7.31   ? 114 LEU A N   1 
ATOM   932  C  CA  . LEU A 1 113 ? -0.614  1.790   8.024   1.00 8.22   ? 114 LEU A CA  1 
ATOM   933  C  C   . LEU A 1 113 ? 0.852   1.347   7.889   1.00 7.75   ? 114 LEU A C   1 
ATOM   934  O  O   . LEU A 1 113 ? 1.779   2.167   8.010   1.00 9.08   ? 114 LEU A O   1 
ATOM   935  C  CB  . LEU A 1 113 ? -1.090  1.650   9.484   1.00 7.92   ? 114 LEU A CB  1 
ATOM   936  C  CG  . LEU A 1 113 ? -2.357  2.421   9.846   1.00 9.89   ? 114 LEU A CG  1 
ATOM   937  C  CD1 . LEU A 1 113 ? -2.988  1.879   11.135  1.00 12.52  ? 114 LEU A CD1 1 
ATOM   938  C  CD2 . LEU A 1 113 ? -2.048  3.898   9.976   1.00 13.15  ? 114 LEU A CD2 1 
ATOM   939  N  N   . GLY A 1 114 ? 1.079   0.056   7.623   1.00 7.56   ? 115 GLY A N   1 
ATOM   940  C  CA  . GLY A 1 114 ? 2.409   -0.462  7.383   1.00 7.53   ? 115 GLY A CA  1 
ATOM   941  C  C   . GLY A 1 114 ? 3.040   0.122   6.139   1.00 7.62   ? 115 GLY A C   1 
ATOM   942  O  O   . GLY A 1 114 ? 4.208   0.484   6.147   1.00 8.29   ? 115 GLY A O   1 
ATOM   943  N  N   . ILE A 1 115 ? 2.245   0.269   5.093   1.00 7.88   ? 116 ILE A N   1 
ATOM   944  C  CA  . ILE A 1 115 ? 2.748   0.865   3.863   1.00 7.04   ? 116 ILE A CA  1 
ATOM   945  C  C   . ILE A 1 115 ? 2.991   2.358   4.075   1.00 7.80   ? 116 ILE A C   1 
ATOM   946  O  O   . ILE A 1 115 ? 4.004   2.901   3.621   1.00 8.28   ? 116 ILE A O   1 
ATOM   947  C  CB  . ILE A 1 115 ? 1.782   0.602   2.676   1.00 6.79   ? 116 ILE A CB  1 
ATOM   948  C  CG1 . ILE A 1 115 ? 1.684   -0.893  2.392   1.00 7.52   ? 116 ILE A CG1 1 
ATOM   949  C  CG2 . ILE A 1 115 ? 2.245   1.389   1.423   1.00 7.25   ? 116 ILE A CG2 1 
ATOM   950  C  CD1 . ILE A 1 115 ? 0.679   -1.285  1.328   1.00 7.66   ? 116 ILE A CD1 1 
ATOM   951  N  N   . GLN A 1 116 ? 2.106   3.037   4.797   1.00 7.80   ? 117 GLN A N   1 
ATOM   952  C  CA  . GLN A 1 116 ? 2.358   4.450   5.121   1.00 8.32   ? 117 GLN A CA  1 
ATOM   953  C  C   . GLN A 1 116 ? 3.681   4.604   5.863   1.00 8.87   ? 117 GLN A C   1 
ATOM   954  O  O   . GLN A 1 116 ? 4.469   5.510   5.554   1.00 9.41   ? 117 GLN A O   1 
ATOM   955  C  CB  . GLN A 1 116 ? 1.237   5.052   5.946   1.00 8.28   ? 117 GLN A CB  1 
ATOM   956  C  CG  . GLN A 1 116 ? 1.412   6.560   6.099   1.00 9.48   ? 117 GLN A CG  1 
ATOM   957  C  CD  . GLN A 1 116 ? 0.510   7.158   7.160   1.00 10.90  ? 117 GLN A CD  1 
ATOM   958  O  OE1 . GLN A 1 116 ? 0.331   6.587   8.247   1.00 12.07  ? 117 GLN A OE1 1 
ATOM   959  N  NE2 . GLN A 1 116 ? -0.099  8.290   6.837   1.00 10.74  ? 117 GLN A NE2 1 
ATOM   960  N  N   . GLU A 1 117 ? 3.942   3.742   6.828   1.00 9.58   ? 118 GLU A N   1 
ATOM   961  C  CA  . GLU A 1 117 ? 5.213   3.809   7.556   1.00 10.63  ? 118 GLU A CA  1 
ATOM   962  C  C   . GLU A 1 117 ? 6.400   3.549   6.632   1.00 10.10  ? 118 GLU A C   1 
ATOM   963  O  O   . GLU A 1 117 ? 7.416   4.222   6.726   1.00 10.85  ? 118 GLU A O   1 
ATOM   964  C  CB  . GLU A 1 117 ? 5.218   2.881   8.780   1.00 11.63  ? 118 GLU A CB  1 
ATOM   965  C  CG  . GLU A 1 117 ? 6.552   2.781   9.537   1.00 16.24  ? 118 GLU A CG  1 
ATOM   966  C  CD  . GLU A 1 117 ? 7.207   4.118   9.868   1.00 23.47  ? 118 GLU A CD  1 
ATOM   967  O  OE1 . GLU A 1 117 ? 6.482   5.090   10.197  1.00 27.60  ? 118 GLU A OE1 1 
ATOM   968  O  OE2 . GLU A 1 117 ? 8.465   4.189   9.816   1.00 27.80  ? 118 GLU A OE2 1 
ATOM   969  N  N   . LEU A 1 118 ? 6.265   2.594   5.720   1.00 9.64   ? 119 LEU A N   1 
ATOM   970  C  CA  . LEU A 1 118 ? 7.304   2.307   4.767   1.00 9.38   ? 119 LEU A CA  1 
ATOM   971  C  C   . LEU A 1 118 ? 7.631   3.550   3.945   1.00 9.75   ? 119 LEU A C   1 
ATOM   972  O  O   . LEU A 1 118 ? 8.809   3.798   3.657   1.00 9.27   ? 119 LEU A O   1 
ATOM   973  C  CB  . LEU A 1 118 ? 6.874   1.174   3.841   1.00 9.22   ? 119 LEU A CB  1 
ATOM   974  C  CG  . LEU A 1 118 ? 7.851   0.815   2.721   1.00 9.33   ? 119 LEU A CG  1 
ATOM   975  C  CD1 . LEU A 1 118 ? 9.190   0.312   3.285   1.00 10.21  ? 119 LEU A CD1 1 
ATOM   976  C  CD2 . LEU A 1 118 ? 7.172   -0.192  1.794   1.00 9.79   ? 119 LEU A CD2 1 
ATOM   977  N  N   . LEU A 1 119 ? 6.608   4.304   3.539   1.00 10.23  ? 120 LEU A N   1 
ATOM   978  C  CA  . LEU A 1 119 ? 6.823   5.461   2.669   1.00 10.00  ? 120 LEU A CA  1 
ATOM   979  C  C   . LEU A 1 119 ? 7.867   6.402   3.282   1.00 10.94  ? 120 LEU A C   1 
ATOM   980  O  O   . LEU A 1 119 ? 8.799   6.836   2.618   1.00 10.56  ? 120 LEU A O   1 
ATOM   981  C  CB  . LEU A 1 119 ? 5.524   6.217   2.348   1.00 10.34  ? 120 LEU A CB  1 
ATOM   982  C  CG  . LEU A 1 119 ? 4.534   5.523   1.397   1.00 10.20  ? 120 LEU A CG  1 
ATOM   983  C  CD1 . LEU A 1 119 ? 3.279   6.431   1.176   1.00 12.26  ? 120 LEU A CD1 1 
ATOM   984  C  CD2 . LEU A 1 119 ? 5.178   5.163   0.064   1.00 12.38  ? 120 LEU A CD2 1 
ATOM   985  N  N   . ASN A 1 120 ? 7.740   6.671   4.568   1.00 12.54  ? 121 ASN A N   1 
ATOM   986  C  CA  . ASN A 1 120 ? 8.630   7.623   5.202   1.00 14.20  ? 121 ASN A CA  1 
ATOM   987  C  C   . ASN A 1 120 ? 9.886   7.011   5.824   1.00 13.65  ? 121 ASN A C   1 
ATOM   988  O  O   . ASN A 1 120 ? 10.780  7.726   6.301   1.00 14.16  ? 121 ASN A O   1 
ATOM   989  C  CB  . ASN A 1 120 ? 7.831   8.408   6.237   1.00 16.04  ? 121 ASN A CB  1 
ATOM   990  C  CG  . ASN A 1 120 ? 8.602   9.561   6.807   1.00 16.99  ? 121 ASN A CG  1 
ATOM   991  O  OD1 . ASN A 1 120 ? 9.280   10.319  6.078   1.00 20.53  ? 121 ASN A OD1 1 
ATOM   992  N  ND2 . ASN A 1 120 ? 8.538   9.699   8.129   1.00 21.20  ? 121 ASN A ND2 1 
ATOM   993  N  N   . GLU A 1 121 ? 10.003  5.688   5.770   1.00 13.01  ? 122 GLU A N   1 
ATOM   994  C  CA  . GLU A 1 121 ? 11.188  5.031   6.241   1.00 13.67  ? 122 GLU A CA  1 
ATOM   995  C  C   . GLU A 1 121 ? 11.544  3.823   5.386   1.00 12.73  ? 122 GLU A C   1 
ATOM   996  O  O   . GLU A 1 121 ? 11.150  2.680   5.657   1.00 11.66  ? 122 GLU A O   1 
ATOM   997  C  CB  . GLU A 1 121 ? 11.062  4.656   7.703   1.00 14.35  ? 122 GLU A CB  1 
ATOM   998  C  CG  . GLU A 1 121 ? 12.341  4.042   8.301   1.00 17.46  ? 122 GLU A CG  1 
ATOM   999  C  CD  . GLU A 1 121 ? 13.573  4.970   8.280   1.00 20.90  ? 122 GLU A CD  1 
ATOM   1000 O  OE1 . GLU A 1 121 ? 13.441  6.192   7.998   1.00 21.46  ? 122 GLU A OE1 1 
ATOM   1001 O  OE2 . GLU A 1 121 ? 14.692  4.457   8.547   1.00 23.37  ? 122 GLU A OE2 1 
ATOM   1002 N  N   . PRO A 1 122 ? 12.307  4.079   4.333   1.00 12.87  ? 123 PRO A N   1 
ATOM   1003 C  CA  . PRO A 1 122 ? 12.701  2.996   3.466   1.00 13.38  ? 123 PRO A CA  1 
ATOM   1004 C  C   . PRO A 1 122 ? 13.563  1.930   4.135   1.00 14.00  ? 123 PRO A C   1 
ATOM   1005 O  O   . PRO A 1 122 ? 14.244  2.182   5.141   1.00 14.13  ? 123 PRO A O   1 
ATOM   1006 C  CB  . PRO A 1 122 ? 13.491  3.705   2.363   1.00 13.62  ? 123 PRO A CB  1 
ATOM   1007 C  CG  . PRO A 1 122 ? 12.945  5.068   2.319   1.00 12.95  ? 123 PRO A CG  1 
ATOM   1008 C  CD  . PRO A 1 122 ? 12.662  5.397   3.771   1.00 12.91  ? 123 PRO A CD  1 
ATOM   1009 N  N   . ASN A 1 123 ? 13.500  0.733   3.569   1.00 14.30  ? 124 ASN A N   1 
ATOM   1010 C  CA  A ASN A 1 123 ? 14.317  -0.396  4.003   0.50 15.08  ? 124 ASN A CA  1 
ATOM   1011 C  CA  B ASN A 1 123 ? 14.330  -0.379  4.001   0.50 15.15  ? 124 ASN A CA  1 
ATOM   1012 C  C   . ASN A 1 123 ? 15.452  -0.589  2.988   1.00 15.86  ? 124 ASN A C   1 
ATOM   1013 O  O   . ASN A 1 123 ? 15.251  -1.163  1.920   1.00 15.64  ? 124 ASN A O   1 
ATOM   1014 C  CB  A ASN A 1 123 ? 13.449  -1.664  4.127   0.50 14.86  ? 124 ASN A CB  1 
ATOM   1015 C  CB  B ASN A 1 123 ? 13.475  -1.631  4.160   0.50 15.14  ? 124 ASN A CB  1 
ATOM   1016 C  CG  A ASN A 1 123 ? 12.393  -1.565  5.235   0.50 15.55  ? 124 ASN A CG  1 
ATOM   1017 C  CG  B ASN A 1 123 ? 14.252  -2.793  4.712   0.50 15.75  ? 124 ASN A CG  1 
ATOM   1018 O  OD1 A ASN A 1 123 ? 12.699  -1.170  6.362   0.50 16.72  ? 124 ASN A OD1 1 
ATOM   1019 O  OD1 B ASN A 1 123 ? 15.486  -2.785  4.724   0.50 18.87  ? 124 ASN A OD1 1 
ATOM   1020 N  ND2 A ASN A 1 123 ? 11.149  -1.959  4.924   0.50 12.73  ? 124 ASN A ND2 1 
ATOM   1021 N  ND2 B ASN A 1 123 ? 13.534  -3.806  5.191   0.50 17.93  ? 124 ASN A ND2 1 
ATOM   1022 N  N   . ILE A 1 124 ? 16.648  -0.100  3.319   1.00 17.80  ? 125 ILE A N   1 
ATOM   1023 C  CA  . ILE A 1 124 ? 17.758  -0.096  2.350   1.00 20.33  ? 125 ILE A CA  1 
ATOM   1024 C  C   . ILE A 1 124 ? 18.360  -1.463  2.050   1.00 21.99  ? 125 ILE A C   1 
ATOM   1025 O  O   . ILE A 1 124 ? 19.128  -1.594  1.093   1.00 22.62  ? 125 ILE A O   1 
ATOM   1026 C  CB  . ILE A 1 124 ? 18.902  0.893   2.736   1.00 21.31  ? 125 ILE A CB  1 
ATOM   1027 C  CG1 . ILE A 1 124 ? 19.491  0.566   4.110   1.00 22.23  ? 125 ILE A CG1 1 
ATOM   1028 C  CG2 . ILE A 1 124 ? 18.389  2.318   2.628   1.00 21.64  ? 125 ILE A CG2 1 
ATOM   1029 C  CD1 . ILE A 1 124 ? 20.946  1.029   4.278   1.00 24.34  ? 125 ILE A CD1 1 
ATOM   1030 N  N   . GLN A 1 125 ? 17.987  -2.466  2.837   1.00 23.67  ? 126 GLN A N   1 
ATOM   1031 C  CA  . GLN A 1 125 ? 18.410  -3.848  2.607   1.00 25.39  ? 126 GLN A CA  1 
ATOM   1032 C  C   . GLN A 1 125 ? 17.481  -4.571  1.618   1.00 25.54  ? 126 GLN A C   1 
ATOM   1033 O  O   . GLN A 1 125 ? 17.652  -5.765  1.340   1.00 27.12  ? 126 GLN A O   1 
ATOM   1034 C  CB  . GLN A 1 125 ? 18.408  -4.616  3.937   1.00 25.97  ? 126 GLN A CB  1 
ATOM   1035 C  CG  . GLN A 1 125 ? 19.228  -3.966  5.057   1.00 28.66  ? 126 GLN A CG  1 
ATOM   1036 C  CD  . GLN A 1 125 ? 20.697  -3.808  4.709   1.00 31.84  ? 126 GLN A CD  1 
ATOM   1037 O  OE1 . GLN A 1 125 ? 21.314  -4.715  4.137   1.00 36.28  ? 126 GLN A OE1 1 
ATOM   1038 N  NE2 . GLN A 1 125 ? 21.271  -2.651  5.055   1.00 34.00  ? 126 GLN A NE2 1 
ATOM   1039 N  N   . ASP A 1 126 ? 16.501  -3.842  1.099   1.00 24.98  ? 127 ASP A N   1 
ATOM   1040 C  CA  . ASP A 1 126 ? 15.368  -4.417  0.409   1.00 24.38  ? 127 ASP A CA  1 
ATOM   1041 C  C   . ASP A 1 126 ? 15.053  -3.617  -0.860  1.00 21.95  ? 127 ASP A C   1 
ATOM   1042 O  O   . ASP A 1 126 ? 13.869  -3.370  -1.136  1.00 23.44  ? 127 ASP A O   1 
ATOM   1043 C  CB  . ASP A 1 126 ? 14.177  -4.355  1.383   1.00 25.26  ? 127 ASP A CB  1 
ATOM   1044 C  CG  . ASP A 1 126 ? 13.226  -5.503  1.233   1.00 27.56  ? 127 ASP A CG  1 
ATOM   1045 O  OD1 . ASP A 1 126 ? 13.691  -6.662  1.094   1.00 31.92  ? 127 ASP A OD1 1 
ATOM   1046 O  OD2 . ASP A 1 126 ? 12.005  -5.246  1.292   1.00 29.24  ? 127 ASP A OD2 1 
ATOM   1047 N  N   . PRO A 1 127 ? 16.098  -3.166  -1.628  1.00 18.98  ? 128 PRO A N   1 
ATOM   1048 C  CA  . PRO A 1 127 ? 15.754  -2.231  -2.700  1.00 16.71  ? 128 PRO A CA  1 
ATOM   1049 C  C   . PRO A 1 127 ? 14.953  -2.893  -3.795  1.00 14.86  ? 128 PRO A C   1 
ATOM   1050 O  O   . PRO A 1 127 ? 15.258  -4.023  -4.196  1.00 15.07  ? 128 PRO A O   1 
ATOM   1051 C  CB  . PRO A 1 127 ? 17.122  -1.747  -3.231  1.00 17.50  ? 128 PRO A CB  1 
ATOM   1052 C  CG  . PRO A 1 127 ? 18.050  -2.788  -2.862  1.00 18.82  ? 128 PRO A CG  1 
ATOM   1053 C  CD  . PRO A 1 127 ? 17.547  -3.396  -1.579  1.00 19.82  ? 128 PRO A CD  1 
ATOM   1054 N  N   . ALA A 1 128 ? 13.904  -2.205  -4.219  1.00 12.00  ? 129 ALA A N   1 
ATOM   1055 C  CA  . ALA A 1 128 ? 13.026  -2.660  -5.303  1.00 11.69  ? 129 ALA A CA  1 
ATOM   1056 C  C   . ALA A 1 128 ? 13.168  -1.838  -6.570  1.00 11.82  ? 129 ALA A C   1 
ATOM   1057 O  O   . ALA A 1 128 ? 12.795  -2.305  -7.647  1.00 12.97  ? 129 ALA A O   1 
ATOM   1058 C  CB  . ALA A 1 128 ? 11.562  -2.647  -4.834  1.00 11.38  ? 129 ALA A CB  1 
ATOM   1059 N  N   . GLN A 1 129 ? 13.639  -0.602  -6.473  1.00 11.98  ? 130 GLN A N   1 
ATOM   1060 C  CA  . GLN A 1 129 ? 13.896  0.168   -7.675  1.00 13.12  ? 130 GLN A CA  1 
ATOM   1061 C  C   . GLN A 1 129 ? 15.222  0.873   -7.553  1.00 13.58  ? 130 GLN A C   1 
ATOM   1062 O  O   . GLN A 1 129 ? 15.557  1.425   -6.515  1.00 15.43  ? 130 GLN A O   1 
ATOM   1063 C  CB  . GLN A 1 129 ? 12.781  1.150   -7.965  1.00 14.20  ? 130 GLN A CB  1 
ATOM   1064 C  CG  . GLN A 1 129 ? 12.622  2.221   -6.948  1.00 13.35  ? 130 GLN A CG  1 
ATOM   1065 C  CD  . GLN A 1 129 ? 11.826  3.415   -7.492  1.00 15.33  ? 130 GLN A CD  1 
ATOM   1066 O  OE1 . GLN A 1 129 ? 12.407  4.433   -7.879  1.00 18.71  ? 130 GLN A OE1 1 
ATOM   1067 N  NE2 . GLN A 1 129 ? 10.509  3.287   -7.529  1.00 11.38  ? 130 GLN A NE2 1 
ATOM   1068 N  N   . ALA A 1 130 ? 15.968  0.865   -8.643  1.00 13.87  ? 131 ALA A N   1 
ATOM   1069 C  CA  . ALA A 1 130 ? 17.330  1.382   -8.631  1.00 13.75  ? 131 ALA A CA  1 
ATOM   1070 C  C   . ALA A 1 130 ? 17.438  2.882   -8.367  1.00 14.12  ? 131 ALA A C   1 
ATOM   1071 O  O   . ALA A 1 130 ? 18.270  3.309   -7.577  1.00 14.36  ? 131 ALA A O   1 
ATOM   1072 C  CB  . ALA A 1 130 ? 18.005  1.041   -9.947  1.00 13.57  ? 131 ALA A CB  1 
ATOM   1073 N  N   . GLU A 1 131 ? 16.595  3.675   -9.015  1.00 15.01  ? 132 GLU A N   1 
ATOM   1074 C  CA  . GLU A 1 131 ? 16.761  5.131   -8.964  1.00 15.83  ? 132 GLU A CA  1 
ATOM   1075 C  C   . GLU A 1 131 ? 16.555  5.697   -7.569  1.00 14.18  ? 132 GLU A C   1 
ATOM   1076 O  O   . GLU A 1 131 ? 17.433  6.359   -7.019  1.00 14.71  ? 132 GLU A O   1 
ATOM   1077 C  CB  . GLU A 1 131 ? 15.806  5.831   -9.922  1.00 17.31  ? 132 GLU A CB  1 
ATOM   1078 C  CG  . GLU A 1 131 ? 16.283  7.245   -10.235 1.00 21.12  ? 132 GLU A CG  1 
ATOM   1079 C  CD  . GLU A 1 131 ? 15.193  8.202   -10.688 1.00 25.75  ? 132 GLU A CD  1 
ATOM   1080 O  OE1 . GLU A 1 131 ? 14.005  7.813   -10.803 1.00 28.96  ? 132 GLU A OE1 1 
ATOM   1081 O  OE2 . GLU A 1 131 ? 15.554  9.379   -10.938 1.00 30.47  ? 132 GLU A OE2 1 
ATOM   1082 N  N   . ALA A 1 132 ? 15.401  5.418   -6.978  1.00 13.35  ? 133 ALA A N   1 
ATOM   1083 C  CA  . ALA A 1 132 ? 15.109  5.957   -5.660  1.00 12.42  ? 133 ALA A CA  1 
ATOM   1084 C  C   . ALA A 1 132 ? 16.111  5.439   -4.630  1.00 12.42  ? 133 ALA A C   1 
ATOM   1085 O  O   . ALA A 1 132 ? 16.513  6.171   -3.727  1.00 11.63  ? 133 ALA A O   1 
ATOM   1086 C  CB  . ALA A 1 132 ? 13.665  5.609   -5.226  1.00 11.43  ? 133 ALA A CB  1 
ATOM   1087 N  N   . TYR A 1 133 ? 16.477  4.161   -4.733  1.00 12.77  ? 134 TYR A N   1 
ATOM   1088 C  CA  . TYR A 1 133 ? 17.472  3.584   -3.830  1.00 14.16  ? 134 TYR A CA  1 
ATOM   1089 C  C   . TYR A 1 133 ? 18.815  4.312   -3.948  1.00 14.15  ? 134 TYR A C   1 
ATOM   1090 O  O   . TYR A 1 133 ? 19.396  4.703   -2.950  1.00 14.44  ? 134 TYR A O   1 
ATOM   1091 C  CB  . TYR A 1 133 ? 17.646  2.085   -4.089  1.00 14.78  ? 134 TYR A CB  1 
ATOM   1092 C  CG  . TYR A 1 133 ? 18.896  1.469   -3.483  1.00 17.56  ? 134 TYR A CG  1 
ATOM   1093 C  CD1 . TYR A 1 133 ? 18.979  1.204   -2.118  1.00 20.84  ? 134 TYR A CD1 1 
ATOM   1094 C  CD2 . TYR A 1 133 ? 19.986  1.131   -4.287  1.00 21.72  ? 134 TYR A CD2 1 
ATOM   1095 C  CE1 . TYR A 1 133 ? 20.119  0.618   -1.566  1.00 20.98  ? 134 TYR A CE1 1 
ATOM   1096 C  CE2 . TYR A 1 133 ? 21.134  0.542   -3.742  1.00 23.22  ? 134 TYR A CE2 1 
ATOM   1097 C  CZ  . TYR A 1 133 ? 21.195  0.307   -2.382  1.00 24.13  ? 134 TYR A CZ  1 
ATOM   1098 O  OH  . TYR A 1 133 ? 22.335  -0.274  -1.857  1.00 29.33  ? 134 TYR A OH  1 
ATOM   1099 N  N   . THR A 1 134 ? 19.285  4.496   -5.174  1.00 14.37  ? 135 THR A N   1 
ATOM   1100 C  CA  . THR A 1 134 ? 20.565  5.173   -5.417  1.00 15.05  ? 135 THR A CA  1 
ATOM   1101 C  C   . THR A 1 134 ? 20.555  6.597   -4.850  1.00 14.51  ? 135 THR A C   1 
ATOM   1102 O  O   . THR A 1 134 ? 21.475  6.998   -4.130  1.00 15.30  ? 135 THR A O   1 
ATOM   1103 C  CB  . THR A 1 134 ? 20.922  5.174   -6.932  1.00 15.15  ? 135 THR A CB  1 
ATOM   1104 O  OG1 . THR A 1 134 ? 20.967  3.821   -7.421  1.00 17.62  ? 135 THR A OG1 1 
ATOM   1105 C  CG2 . THR A 1 134 ? 22.278  5.827   -7.178  1.00 17.66  ? 135 THR A CG2 1 
ATOM   1106 N  N   . ILE A 1 135 ? 19.503  7.353   -5.129  1.00 13.68  ? 136 ILE A N   1 
ATOM   1107 C  CA  . ILE A 1 135 ? 19.412  8.725   -4.612  1.00 13.68  ? 136 ILE A CA  1 
ATOM   1108 C  C   . ILE A 1 135 ? 19.327  8.733   -3.080  1.00 13.89  ? 136 ILE A C   1 
ATOM   1109 O  O   . ILE A 1 135 ? 19.977  9.538   -2.416  1.00 13.72  ? 136 ILE A O   1 
ATOM   1110 C  CB  . ILE A 1 135 ? 18.265  9.524   -5.267  1.00 13.52  ? 136 ILE A CB  1 
ATOM   1111 C  CG1 . ILE A 1 135 ? 18.472  9.595   -6.786  1.00 14.26  ? 136 ILE A CG1 1 
ATOM   1112 C  CG2 . ILE A 1 135 ? 18.223  10.955  -4.709  1.00 13.44  ? 136 ILE A CG2 1 
ATOM   1113 C  CD1 . ILE A 1 135 ? 17.353  10.192  -7.521  1.00 14.02  ? 136 ILE A CD1 1 
ATOM   1114 N  N   . TYR A 1 136 ? 18.575  7.806   -2.499  1.00 13.57  ? 137 TYR A N   1 
ATOM   1115 C  CA  . TYR A 1 136 ? 18.459  7.756   -1.044  1.00 14.61  ? 137 TYR A CA  1 
ATOM   1116 C  C   . TYR A 1 136 ? 19.836  7.554   -0.428  1.00 15.23  ? 137 TYR A C   1 
ATOM   1117 O  O   . TYR A 1 136 ? 20.148  8.175   0.587   1.00 16.56  ? 137 TYR A O   1 
ATOM   1118 C  CB  . TYR A 1 136 ? 17.521  6.622   -0.608  1.00 13.79  ? 137 TYR A CB  1 
ATOM   1119 C  CG  . TYR A 1 136 ? 17.110  6.648   0.855   1.00 13.78  ? 137 TYR A CG  1 
ATOM   1120 C  CD1 . TYR A 1 136 ? 16.124  7.514   1.295   1.00 14.41  ? 137 TYR A CD1 1 
ATOM   1121 C  CD2 . TYR A 1 136 ? 17.693  5.794   1.774   1.00 17.32  ? 137 TYR A CD2 1 
ATOM   1122 C  CE1 . TYR A 1 136 ? 15.712  7.533   2.623   1.00 17.74  ? 137 TYR A CE1 1 
ATOM   1123 C  CE2 . TYR A 1 136 ? 17.285  5.809   3.116   1.00 16.92  ? 137 TYR A CE2 1 
ATOM   1124 C  CZ  . TYR A 1 136 ? 16.306  6.685   3.524   1.00 18.19  ? 137 TYR A CZ  1 
ATOM   1125 O  OH  . TYR A 1 136 ? 15.883  6.728   4.843   1.00 22.44  ? 137 TYR A OH  1 
ATOM   1126 N  N   . CYS A 1 137 ? 20.638  6.683   -1.034  1.00 16.87  ? 138 CYS A N   1 
ATOM   1127 C  CA  . CYS A 1 137 ? 21.975  6.357   -0.527  1.00 18.11  ? 138 CYS A CA  1 
ATOM   1128 C  C   . CYS A 1 137 ? 22.949  7.524   -0.712  1.00 18.68  ? 138 CYS A C   1 
ATOM   1129 O  O   . CYS A 1 137 ? 23.773  7.801   0.171   1.00 20.26  ? 138 CYS A O   1 
ATOM   1130 C  CB  . CYS A 1 137 ? 22.534  5.107   -1.211  1.00 18.48  ? 138 CYS A CB  1 
ATOM   1131 S  SG  . CYS A 1 137 ? 21.666  3.576   -0.735  1.00 22.03  ? 138 CYS A SG  1 
ATOM   1132 N  N   . GLN A 1 138 ? 22.836  8.217   -1.846  1.00 18.50  ? 139 GLN A N   1 
ATOM   1133 C  CA  . GLN A 1 138 ? 23.862  9.190   -2.270  1.00 18.41  ? 139 GLN A CA  1 
ATOM   1134 C  C   . GLN A 1 138 ? 23.613  10.622  -1.831  1.00 17.54  ? 139 GLN A C   1 
ATOM   1135 O  O   . GLN A 1 138 ? 24.571  11.386  -1.636  1.00 17.56  ? 139 GLN A O   1 
ATOM   1136 C  CB  . GLN A 1 138 ? 24.019  9.173   -3.792  1.00 18.94  ? 139 GLN A CB  1 
ATOM   1137 C  CG  . GLN A 1 138 ? 24.645  7.907   -4.327  1.00 21.27  ? 139 GLN A CG  1 
ATOM   1138 C  CD  . GLN A 1 138 ? 24.797  7.900   -5.833  1.00 23.58  ? 139 GLN A CD  1 
ATOM   1139 O  OE1 . GLN A 1 138 ? 24.265  8.762   -6.536  1.00 25.07  ? 139 GLN A OE1 1 
ATOM   1140 N  NE2 . GLN A 1 138 ? 25.524  6.912   -6.342  1.00 27.33  ? 139 GLN A NE2 1 
ATOM   1141 N  N   . ASN A 1 139 ? 22.351  11.011  -1.708  1.00 16.32  ? 140 ASN A N   1 
ATOM   1142 C  CA  . ASN A 1 139 ? 22.007  12.392  -1.412  1.00 15.92  ? 140 ASN A CA  1 
ATOM   1143 C  C   . ASN A 1 139 ? 20.602  12.471  -0.833  1.00 16.28  ? 140 ASN A C   1 
ATOM   1144 O  O   . ASN A 1 139 ? 19.606  12.570  -1.563  1.00 14.61  ? 140 ASN A O   1 
ATOM   1145 C  CB  . ASN A 1 139 ? 22.129  13.236  -2.687  1.00 15.88  ? 140 ASN A CB  1 
ATOM   1146 C  CG  . ASN A 1 139 ? 22.009  14.725  -2.432  1.00 15.82  ? 140 ASN A CG  1 
ATOM   1147 O  OD1 . ASN A 1 139 ? 21.369  15.179  -1.476  1.00 15.26  ? 140 ASN A OD1 1 
ATOM   1148 N  ND2 . ASN A 1 139 ? 22.596  15.510  -3.338  1.00 15.70  ? 140 ASN A ND2 1 
ATOM   1149 N  N   . ARG A 1 140 ? 20.528  12.414  0.495   1.00 16.86  ? 141 ARG A N   1 
ATOM   1150 C  CA  A ARG A 1 140 ? 19.252  12.442  1.182   0.50 17.15  ? 141 ARG A CA  1 
ATOM   1151 C  CA  B ARG A 1 140 ? 19.258  12.454  1.200   0.50 17.47  ? 141 ARG A CA  1 
ATOM   1152 C  C   . ARG A 1 140 ? 18.497  13.761  0.957   1.00 17.01  ? 141 ARG A C   1 
ATOM   1153 O  O   . ARG A 1 140 ? 17.276  13.787  0.958   1.00 17.31  ? 141 ARG A O   1 
ATOM   1154 C  CB  A ARG A 1 140 ? 19.448  12.150  2.675   0.50 17.26  ? 141 ARG A CB  1 
ATOM   1155 C  CB  B ARG A 1 140 ? 19.491  12.218  2.699   0.50 17.86  ? 141 ARG A CB  1 
ATOM   1156 C  CG  A ARG A 1 140 ? 18.194  11.686  3.386   0.50 17.81  ? 141 ARG A CG  1 
ATOM   1157 C  CG  B ARG A 1 140 ? 18.265  12.385  3.587   0.50 19.72  ? 141 ARG A CG  1 
ATOM   1158 C  CD  A ARG A 1 140 ? 17.738  10.317  2.895   0.50 18.11  ? 141 ARG A CD  1 
ATOM   1159 C  CD  B ARG A 1 140 ? 17.298  11.216  3.477   0.50 21.70  ? 141 ARG A CD  1 
ATOM   1160 N  NE  A ARG A 1 140 ? 18.848  9.385   2.765   0.50 17.30  ? 141 ARG A NE  1 
ATOM   1161 N  NE  B ARG A 1 140 ? 16.571  11.019  4.727   0.50 23.05  ? 141 ARG A NE  1 
ATOM   1162 C  CZ  A ARG A 1 140 ? 19.344  8.659   3.760   0.50 18.62  ? 141 ARG A CZ  1 
ATOM   1163 C  CZ  B ARG A 1 140 ? 16.877  10.093  5.633   0.50 23.73  ? 141 ARG A CZ  1 
ATOM   1164 N  NH1 A ARG A 1 140 ? 18.834  8.755   4.979   0.50 18.88  ? 141 ARG A NH1 1 
ATOM   1165 N  NH1 B ARG A 1 140 ? 17.898  9.273   5.429   0.50 23.69  ? 141 ARG A NH1 1 
ATOM   1166 N  NH2 A ARG A 1 140 ? 20.359  7.840   3.538   0.50 18.64  ? 141 ARG A NH2 1 
ATOM   1167 N  NH2 B ARG A 1 140 ? 16.164  9.993   6.740   0.50 24.23  ? 141 ARG A NH2 1 
ATOM   1168 N  N   . VAL A 1 141 ? 19.218  14.865  0.744   1.00 16.50  ? 142 VAL A N   1 
ATOM   1169 C  CA  . VAL A 1 141 ? 18.568  16.138  0.458   1.00 16.89  ? 142 VAL A CA  1 
ATOM   1170 C  C   . VAL A 1 141 ? 17.837  16.078  -0.900  1.00 15.48  ? 142 VAL A C   1 
ATOM   1171 O  O   . VAL A 1 141 ? 16.689  16.513  -1.031  1.00 16.08  ? 142 VAL A O   1 
ATOM   1172 C  CB  . VAL A 1 141 ? 19.594  17.311  0.465   1.00 17.24  ? 142 VAL A CB  1 
ATOM   1173 C  CG1 . VAL A 1 141 ? 18.932  18.604  0.063   1.00 18.02  ? 142 VAL A CG1 1 
ATOM   1174 C  CG2 . VAL A 1 141 ? 20.259  17.439  1.859   1.00 19.78  ? 142 VAL A CG2 1 
ATOM   1175 N  N   . GLU A 1 142 ? 18.507  15.532  -1.907  1.00 14.41  ? 143 GLU A N   1 
ATOM   1176 C  CA  . GLU A 1 142 ? 17.905  15.382  -3.232  1.00 13.88  ? 143 GLU A CA  1 
ATOM   1177 C  C   . GLU A 1 142 ? 16.731  14.410  -3.147  1.00 13.13  ? 143 GLU A C   1 
ATOM   1178 O  O   . GLU A 1 142 ? 15.692  14.642  -3.754  1.00 12.72  ? 143 GLU A O   1 
ATOM   1179 C  CB  . GLU A 1 142 ? 18.929  14.877  -4.245  1.00 13.81  ? 143 GLU A CB  1 
ATOM   1180 C  CG  . GLU A 1 142 ? 18.402  14.687  -5.666  1.00 14.01  ? 143 GLU A CG  1 
ATOM   1181 C  CD  . GLU A 1 142 ? 17.963  15.969  -6.351  1.00 16.73  ? 143 GLU A CD  1 
ATOM   1182 O  OE1 . GLU A 1 142 ? 17.325  15.842  -7.422  1.00 17.05  ? 143 GLU A OE1 1 
ATOM   1183 O  OE2 . GLU A 1 142 ? 18.259  17.076  -5.846  1.00 15.72  ? 143 GLU A OE2 1 
ATOM   1184 N  N   . TYR A 1 143 ? 16.934  13.322  -2.409  1.00 13.30  ? 144 TYR A N   1 
ATOM   1185 C  CA  . TYR A 1 143 ? 15.876  12.328  -2.231  1.00 12.94  ? 144 TYR A CA  1 
ATOM   1186 C  C   . TYR A 1 143 ? 14.605  12.996  -1.707  1.00 13.40  ? 144 TYR A C   1 
ATOM   1187 O  O   . TYR A 1 143 ? 13.519  12.811  -2.261  1.00 13.45  ? 144 TYR A O   1 
ATOM   1188 C  CB  . TYR A 1 143 ? 16.319  11.229  -1.267  1.00 13.00  ? 144 TYR A CB  1 
ATOM   1189 C  CG  . TYR A 1 143 ? 15.218  10.254  -0.988  1.00 12.38  ? 144 TYR A CG  1 
ATOM   1190 C  CD1 . TYR A 1 143 ? 14.913  9.262   -1.906  1.00 13.31  ? 144 TYR A CD1 1 
ATOM   1191 C  CD2 . TYR A 1 143 ? 14.464  10.338  0.178   1.00 11.41  ? 144 TYR A CD2 1 
ATOM   1192 C  CE1 . TYR A 1 143 ? 13.893  8.362   -1.660  1.00 11.44  ? 144 TYR A CE1 1 
ATOM   1193 C  CE2 . TYR A 1 143 ? 13.422  9.443   0.420   1.00 12.12  ? 144 TYR A CE2 1 
ATOM   1194 C  CZ  . TYR A 1 143 ? 13.159  8.460   -0.509  1.00 12.38  ? 144 TYR A CZ  1 
ATOM   1195 O  OH  . TYR A 1 143 ? 12.122  7.580   -0.293  1.00 12.02  ? 144 TYR A OH  1 
ATOM   1196 N  N   . GLU A 1 144 ? 14.740  13.764  -0.626  1.00 13.56  ? 145 GLU A N   1 
ATOM   1197 C  CA  . GLU A 1 144 ? 13.589  14.454  -0.055  1.00 14.65  ? 145 GLU A CA  1 
ATOM   1198 C  C   . GLU A 1 144 ? 12.985  15.499  -0.983  1.00 14.14  ? 145 GLU A C   1 
ATOM   1199 O  O   . GLU A 1 144 ? 11.777  15.678  -1.051  1.00 14.32  ? 145 GLU A O   1 
ATOM   1200 C  CB  . GLU A 1 144 ? 13.941  15.050  1.305   1.00 15.22  ? 145 GLU A CB  1 
ATOM   1201 C  CG  . GLU A 1 144 ? 14.351  14.022  2.319   1.00 18.42  ? 145 GLU A CG  1 
ATOM   1202 C  CD  . GLU A 1 144 ? 14.112  14.491  3.749   1.00 24.38  ? 145 GLU A CD  1 
ATOM   1203 O  OE1 . GLU A 1 144 ? 14.191  15.712  4.025   1.00 28.22  ? 145 GLU A OE1 1 
ATOM   1204 O  OE2 . GLU A 1 144 ? 13.837  13.624  4.603   1.00 28.65  ? 145 GLU A OE2 1 
ATOM   1205 N  N   . LYS A 1 145 ? 13.823  16.189  -1.742  1.00 13.51  ? 146 LYS A N   1 
ATOM   1206 C  CA  . LYS A 1 145 ? 13.336  17.106  -2.743  1.00 13.77  ? 146 LYS A CA  1 
ATOM   1207 C  C   . LYS A 1 145 ? 12.431  16.402  -3.771  1.00 12.78  ? 146 LYS A C   1 
ATOM   1208 O  O   . LYS A 1 145 ? 11.356  16.887  -4.122  1.00 14.12  ? 146 LYS A O   1 
ATOM   1209 C  CB  . LYS A 1 145 ? 14.544  17.768  -3.403  1.00 14.37  ? 146 LYS A CB  1 
ATOM   1210 C  CG  . LYS A 1 145 ? 14.211  18.694  -4.505  1.00 15.16  ? 146 LYS A CG  1 
ATOM   1211 C  CD  . LYS A 1 145 ? 15.482  19.316  -5.051  1.00 17.08  ? 146 LYS A CD  1 
ATOM   1212 C  CE  . LYS A 1 145 ? 15.155  20.210  -6.206  1.00 18.21  ? 146 LYS A CE  1 
ATOM   1213 N  NZ  . LYS A 1 145 ? 16.396  20.854  -6.769  1.00 19.53  ? 146 LYS A NZ  1 
ATOM   1214 N  N   . ARG A 1 146 ? 12.869  15.232  -4.234  1.00 12.23  ? 147 ARG A N   1 
ATOM   1215 C  CA  . ARG A 1 146 ? 12.076  14.430  -5.153  1.00 11.80  ? 147 ARG A CA  1 
ATOM   1216 C  C   . ARG A 1 146 ? 10.755  13.959  -4.524  1.00 11.02  ? 147 ARG A C   1 
ATOM   1217 O  O   . ARG A 1 146 ? 9.726   13.964  -5.196  1.00 10.73  ? 147 ARG A O   1 
ATOM   1218 C  CB  . ARG A 1 146 ? 12.877  13.208  -5.641  1.00 12.02  ? 147 ARG A CB  1 
ATOM   1219 C  CG  . ARG A 1 146 ? 14.064  13.528  -6.555  1.00 14.84  ? 147 ARG A CG  1 
ATOM   1220 C  CD  . ARG A 1 146 ? 13.641  13.895  -7.956  1.00 18.59  ? 147 ARG A CD  1 
ATOM   1221 N  NE  . ARG A 1 146 ? 12.979  12.800  -8.670  1.00 20.21  ? 147 ARG A NE  1 
ATOM   1222 C  CZ  . ARG A 1 146 ? 13.598  11.816  -9.338  1.00 20.29  ? 147 ARG A CZ  1 
ATOM   1223 N  NH1 . ARG A 1 146 ? 14.926  11.739  -9.412  1.00 20.64  ? 147 ARG A NH1 1 
ATOM   1224 N  NH2 . ARG A 1 146 ? 12.870  10.890  -9.946  1.00 20.10  ? 147 ARG A NH2 1 
ATOM   1225 N  N   . VAL A 1 147 ? 10.823  13.551  -3.257  1.00 11.65  ? 148 VAL A N   1 
ATOM   1226 C  CA  . VAL A 1 147 ? 9.615   13.114  -2.527  1.00 11.83  ? 148 VAL A CA  1 
ATOM   1227 C  C   . VAL A 1 147 ? 8.616   14.264  -2.371  1.00 12.01  ? 148 VAL A C   1 
ATOM   1228 O  O   . VAL A 1 147 ? 7.419   14.082  -2.600  1.00 11.89  ? 148 VAL A O   1 
ATOM   1229 C  CB  . VAL A 1 147 ? 9.950   12.480  -1.192  1.00 11.36  ? 148 VAL A CB  1 
ATOM   1230 C  CG1 . VAL A 1 147 ? 8.677   12.269  -0.364  1.00 12.53  ? 148 VAL A CG1 1 
ATOM   1231 C  CG2 . VAL A 1 147 ? 10.679  11.123  -1.420  1.00 12.41  ? 148 VAL A CG2 1 
ATOM   1232 N  N   . ARG A 1 148 ? 9.115   15.460  -2.052  1.00 12.29  ? 149 ARG A N   1 
ATOM   1233 C  CA  A ARG A 1 148 ? 8.246   16.633  -1.917  0.50 12.52  ? 149 ARG A CA  1 
ATOM   1234 C  CA  B ARG A 1 148 ? 8.233   16.611  -1.903  0.50 12.60  ? 149 ARG A CA  1 
ATOM   1235 C  C   . ARG A 1 148 ? 7.568   16.979  -3.244  1.00 12.19  ? 149 ARG A C   1 
ATOM   1236 O  O   . ARG A 1 148 ? 6.388   17.305  -3.299  1.00 12.90  ? 149 ARG A O   1 
ATOM   1237 C  CB  A ARG A 1 148 ? 9.031   17.853  -1.415  0.50 12.71  ? 149 ARG A CB  1 
ATOM   1238 C  CB  B ARG A 1 148 ? 8.993   17.796  -1.283  0.50 12.81  ? 149 ARG A CB  1 
ATOM   1239 C  CG  A ARG A 1 148 ? 9.398   17.820  0.059   0.50 13.95  ? 149 ARG A CG  1 
ATOM   1240 C  CG  B ARG A 1 148 ? 9.432   17.541  0.166   0.50 14.58  ? 149 ARG A CG  1 
ATOM   1241 C  CD  A ARG A 1 148 ? 9.874   19.197  0.568   0.50 15.04  ? 149 ARG A CD  1 
ATOM   1242 C  CD  B ARG A 1 148 ? 10.235  18.687  0.806   0.50 17.08  ? 149 ARG A CD  1 
ATOM   1243 N  NE  A ARG A 1 148 ? 11.002  19.747  -0.194  0.50 16.63  ? 149 ARG A NE  1 
ATOM   1244 N  NE  B ARG A 1 148 ? 10.374  18.435  2.235   0.50 19.08  ? 149 ARG A NE  1 
ATOM   1245 C  CZ  A ARG A 1 148 ? 12.287  19.451  0.013   0.50 16.07  ? 149 ARG A CZ  1 
ATOM   1246 C  CZ  B ARG A 1 148 ? 9.398   18.645  3.112   0.50 19.15  ? 149 ARG A CZ  1 
ATOM   1247 N  NH1 A ARG A 1 148 ? 12.653  18.604  0.962   0.50 17.39  ? 149 ARG A NH1 1 
ATOM   1248 N  NH1 B ARG A 1 148 ? 8.238   19.138  2.698   0.50 21.12  ? 149 ARG A NH1 1 
ATOM   1249 N  NH2 A ARG A 1 148 ? 13.215  20.021  -0.740  0.50 18.36  ? 149 ARG A NH2 1 
ATOM   1250 N  NH2 B ARG A 1 148 ? 9.577   18.361  4.390   0.50 18.49  ? 149 ARG A NH2 1 
ATOM   1251 N  N   . ALA A 1 149 ? 8.323   16.917  -4.343  1.00 11.97  ? 150 ALA A N   1 
ATOM   1252 C  CA  . ALA A 1 149 ? 7.775   17.173  -5.646  1.00 12.84  ? 150 ALA A CA  1 
ATOM   1253 C  C   . ALA A 1 149 ? 6.673   16.170  -6.007  1.00 12.44  ? 150 ALA A C   1 
ATOM   1254 O  O   . ALA A 1 149 ? 5.634   16.523  -6.536  1.00 13.41  ? 150 ALA A O   1 
ATOM   1255 C  CB  . ALA A 1 149 ? 8.892   17.153  -6.688  1.00 12.94  ? 150 ALA A CB  1 
ATOM   1256 N  N   . GLN A 1 150 ? 6.915   14.900  -5.683  1.00 12.77  ? 151 GLN A N   1 
ATOM   1257 C  CA  . GLN A 1 150 ? 5.923   13.856  -5.885  1.00 12.52  ? 151 GLN A CA  1 
ATOM   1258 C  C   . GLN A 1 150 ? 4.663   14.046  -5.051  1.00 12.34  ? 151 GLN A C   1 
ATOM   1259 O  O   . GLN A 1 150 ? 3.562   13.805  -5.533  1.00 12.48  ? 151 GLN A O   1 
ATOM   1260 C  CB  . GLN A 1 150 ? 6.559   12.503  -5.593  1.00 11.77  ? 151 GLN A CB  1 
ATOM   1261 C  CG  . GLN A 1 150 ? 5.629   11.310  -5.725  1.00 11.71  ? 151 GLN A CG  1 
ATOM   1262 C  CD  . GLN A 1 150 ? 6.393   10.016  -5.688  1.00 10.52  ? 151 GLN A CD  1 
ATOM   1263 O  OE1 . GLN A 1 150 ? 6.539   9.352   -6.731  1.00 12.14  ? 151 GLN A OE1 1 
ATOM   1264 N  NE2 . GLN A 1 150 ? 6.930   9.664   -4.522  1.00 10.40  ? 151 GLN A NE2 1 
ATOM   1265 N  N   . ALA A 1 151 ? 4.833   14.465  -3.800  1.00 12.38  ? 152 ALA A N   1 
ATOM   1266 C  CA  . ALA A 1 151 ? 3.693   14.710  -2.930  1.00 12.12  ? 152 ALA A CA  1 
ATOM   1267 C  C   . ALA A 1 151 ? 2.803   15.821  -3.489  1.00 13.02  ? 152 ALA A C   1 
ATOM   1268 O  O   . ALA A 1 151 ? 1.577   15.711  -3.480  1.00 13.22  ? 152 ALA A O   1 
ATOM   1269 C  CB  . ALA A 1 151 ? 4.156   15.044  -1.514  1.00 11.85  ? 152 ALA A CB  1 
ATOM   1270 N  N   . LYS A 1 152 ? 3.432   16.896  -3.961  1.00 14.16  ? 153 LYS A N   1 
ATOM   1271 C  CA  . LYS A 1 152 ? 2.698   17.983  -4.603  1.00 15.71  ? 153 LYS A CA  1 
ATOM   1272 C  C   . LYS A 1 152 ? 1.941   17.504  -5.850  1.00 15.70  ? 153 LYS A C   1 
ATOM   1273 O  O   . LYS A 1 152 ? 0.780   17.853  -6.064  1.00 16.24  ? 153 LYS A O   1 
ATOM   1274 C  CB  . LYS A 1 152 ? 3.666   19.128  -4.930  1.00 16.61  ? 153 LYS A CB  1 
ATOM   1275 C  CG  . LYS A 1 152 ? 3.015   20.305  -5.607  1.00 19.39  ? 153 LYS A CG  1 
ATOM   1276 C  CD  . LYS A 1 152 ? 3.928   21.521  -5.612  1.00 23.39  ? 153 LYS A CD  1 
ATOM   1277 C  CE  . LYS A 1 152 ? 3.141   22.778  -5.994  1.00 25.91  ? 153 LYS A CE  1 
ATOM   1278 N  NZ  . LYS A 1 152 ? 4.050   23.911  -6.348  1.00 28.57  ? 153 LYS A NZ  1 
ATOM   1279 N  N   . LYS A 1 153 ? 2.604   16.678  -6.656  1.00 15.90  ? 154 LYS A N   1 
ATOM   1280 C  CA  . LYS A 1 153 ? 2.006   16.120  -7.857  1.00 16.37  ? 154 LYS A CA  1 
ATOM   1281 C  C   . LYS A 1 153 ? 0.742   15.327  -7.542  1.00 16.16  ? 154 LYS A C   1 
ATOM   1282 O  O   . LYS A 1 153 ? -0.234  15.378  -8.278  1.00 17.16  ? 154 LYS A O   1 
ATOM   1283 C  CB  . LYS A 1 153 ? 3.020   15.250  -8.593  1.00 16.80  ? 154 LYS A CB  1 
ATOM   1284 C  CG  . LYS A 1 153 ? 2.460   14.505  -9.770  1.00 18.68  ? 154 LYS A CG  1 
ATOM   1285 C  CD  . LYS A 1 153 ? 3.584   13.780  -10.507 1.00 21.59  ? 154 LYS A CD  1 
ATOM   1286 C  CE  . LYS A 1 153 ? 3.100   13.157  -11.793 1.00 24.45  ? 154 LYS A CE  1 
ATOM   1287 N  NZ  . LYS A 1 153 ? 4.200   12.517  -12.550 1.00 26.74  ? 154 LYS A NZ  1 
ATOM   1288 N  N   . PHE A 1 154 ? 0.750   14.624  -6.412  1.00 16.13  ? 155 PHE A N   1 
ATOM   1289 C  CA  . PHE A 1 154 ? -0.413  13.845  -6.003  1.00 16.10  ? 155 PHE A CA  1 
ATOM   1290 C  C   . PHE A 1 154 ? -1.223  14.483  -4.872  1.00 16.98  ? 155 PHE A C   1 
ATOM   1291 O  O   . PHE A 1 154 ? -1.891  13.791  -4.110  1.00 16.49  ? 155 PHE A O   1 
ATOM   1292 C  CB  . PHE A 1 154 ? 0.031   12.425  -5.643  1.00 16.08  ? 155 PHE A CB  1 
ATOM   1293 C  CG  . PHE A 1 154 ? 0.628   11.687  -6.803  1.00 15.73  ? 155 PHE A CG  1 
ATOM   1294 C  CD1 . PHE A 1 154 ? -0.146  11.395  -7.926  1.00 16.43  ? 155 PHE A CD1 1 
ATOM   1295 C  CD2 . PHE A 1 154 ? 1.964   11.306  -6.794  1.00 18.60  ? 155 PHE A CD2 1 
ATOM   1296 C  CE1 . PHE A 1 154 ? 0.401   10.725  -9.008  1.00 17.08  ? 155 PHE A CE1 1 
ATOM   1297 C  CE2 . PHE A 1 154 ? 2.518   10.633  -7.878  1.00 18.21  ? 155 PHE A CE2 1 
ATOM   1298 C  CZ  . PHE A 1 154 ? 1.725   10.338  -8.985  1.00 18.63  ? 155 PHE A CZ  1 
ATOM   1299 N  N   . ALA A 1 155 ? -1.214  15.808  -4.779  1.00 17.64  ? 156 ALA A N   1 
ATOM   1300 C  CA  . ALA A 1 155 ? -2.106  16.485  -3.845  1.00 19.57  ? 156 ALA A CA  1 
ATOM   1301 C  C   . ALA A 1 155 ? -3.535  16.178  -4.265  1.00 21.07  ? 156 ALA A C   1 
ATOM   1302 O  O   . ALA A 1 155 ? -3.828  16.129  -5.456  1.00 22.48  ? 156 ALA A O   1 
ATOM   1303 C  CB  . ALA A 1 155 ? -1.865  17.979  -3.858  1.00 19.31  ? 156 ALA A CB  1 
ATOM   1304 N  N   . PRO A 1 156 ? -4.425  15.934  -3.294  1.00 22.60  ? 157 PRO A N   1 
ATOM   1305 C  CA  . PRO A 1 156 ? -5.796  15.561  -3.637  1.00 23.55  ? 157 PRO A CA  1 
ATOM   1306 C  C   . PRO A 1 156 ? -6.629  16.715  -4.209  1.00 23.98  ? 157 PRO A C   1 
ATOM   1307 O  O   . PRO A 1 156 ? -6.241  17.883  -4.103  1.00 25.19  ? 157 PRO A O   1 
ATOM   1308 C  CB  . PRO A 1 156 ? -6.366  15.069  -2.302  1.00 23.56  ? 157 PRO A CB  1 
ATOM   1309 C  CG  . PRO A 1 156 ? -5.548  15.685  -1.269  1.00 23.16  ? 157 PRO A CG  1 
ATOM   1310 C  CD  . PRO A 1 156 ? -4.178  15.851  -1.847  1.00 22.43  ? 157 PRO A CD  1 
HETATM 1311 O  OAG . 5VM B 2 .   ? -9.284  6.668   -6.689  0.80 20.95  ? 201 5VM A OAG 1 
HETATM 1312 C  CAK . 5VM B 2 .   ? -8.488  5.589   -6.671  0.80 16.42  ? 201 5VM A CAK 1 
HETATM 1313 C  CAD . 5VM B 2 .   ? -7.875  5.017   -5.631  0.80 13.01  ? 201 5VM A CAD 1 
HETATM 1314 C  CAC . 5VM B 2 .   ? -7.093  3.908   -5.848  0.80 10.86  ? 201 5VM A CAC 1 
HETATM 1315 C  CAH . 5VM B 2 .   ? -6.960  3.420   -7.129  0.80 13.06  ? 201 5VM A CAH 1 
HETATM 1316 CL CLB . 5VM B 2 .   ? -5.969  2.069   -7.391  0.80 10.02  ? 201 5VM A CLB 1 
HETATM 1317 C  CAE . 5VM B 2 .   ? -7.612  4.042   -8.186  0.80 15.19  ? 201 5VM A CAE 1 
HETATM 1318 C  CAJ . 5VM B 2 .   ? -8.371  5.119   -7.932  0.80 16.67  ? 201 5VM A CAJ 1 
HETATM 1319 N  NAF . 5VM B 2 .   ? -9.097  5.913   -8.738  0.80 21.39  ? 201 5VM A NAF 1 
HETATM 1320 C  CAI . 5VM B 2 .   ? -9.642  6.841   -7.958  0.80 21.02  ? 201 5VM A CAI 1 
HETATM 1321 S  SAA . 5VM B 2 .   ? -10.693 8.155   -8.465  0.80 29.27  ? 201 5VM A SAA 1 
HETATM 1322 O  O   . HOH C 3 .   ? 7.654   6.484   8.756   1.00 37.93  ? 301 HOH A O   1 
HETATM 1323 O  O   . HOH C 3 .   ? -12.539 -14.297 9.611   1.00 43.95  ? 302 HOH A O   1 
HETATM 1324 O  O   . HOH C 3 .   ? 9.534   16.878  7.326   1.00 28.55  ? 303 HOH A O   1 
HETATM 1325 O  O   . HOH C 3 .   ? 13.868  14.736  6.812   1.00 31.64  ? 304 HOH A O   1 
HETATM 1326 O  O   . HOH C 3 .   ? 14.311  8.165   6.136   1.00 40.87  ? 305 HOH A O   1 
HETATM 1327 O  O   . HOH C 3 .   ? 11.813  21.023  -2.587  1.00 32.98  ? 306 HOH A O   1 
HETATM 1328 O  O   . HOH C 3 .   ? 8.833   -14.556 -0.485  1.00 26.21  ? 307 HOH A O   1 
HETATM 1329 O  O   . HOH C 3 .   ? 10.402  -13.034 7.440   1.00 45.32  ? 308 HOH A O   1 
HETATM 1330 O  O   . HOH C 3 .   ? 0.656   13.112  10.099  1.00 34.38  ? 309 HOH A O   1 
HETATM 1331 O  O   . HOH C 3 .   ? 12.295  6.010   -9.900  1.00 50.58  ? 310 HOH A O   1 
HETATM 1332 O  O   . HOH C 3 .   ? -13.190 -15.095 -4.139  1.00 30.68  ? 311 HOH A O   1 
HETATM 1333 O  O   . HOH C 3 .   ? 11.029  8.061   2.184   1.00 14.94  ? 312 HOH A O   1 
HETATM 1334 O  O   . HOH C 3 .   ? 7.097   -5.661  7.067   1.00 19.53  ? 313 HOH A O   1 
HETATM 1335 O  O   . HOH C 3 .   ? 25.884  10.343  -7.810  1.00 28.73  ? 314 HOH A O   1 
HETATM 1336 O  O   . HOH C 3 .   ? 4.028   5.936   10.077  1.00 35.61  ? 315 HOH A O   1 
HETATM 1337 O  O   . HOH C 3 .   ? -4.905  5.842   -10.120 1.00 36.17  ? 316 HOH A O   1 
HETATM 1338 O  O   . HOH C 3 .   ? 3.941   -20.656 2.078   1.00 24.23  ? 317 HOH A O   1 
HETATM 1339 O  O   . HOH C 3 .   ? 15.171  -5.741  4.520   1.00 51.08  ? 318 HOH A O   1 
HETATM 1340 O  O   . HOH C 3 .   ? 14.064  11.223  3.573   1.00 25.86  ? 319 HOH A O   1 
HETATM 1341 O  O   . HOH C 3 .   ? 15.528  18.202  0.609   1.00 27.93  ? 320 HOH A O   1 
HETATM 1342 O  O   . HOH C 3 .   ? -11.101 8.823   3.962   1.00 27.63  ? 321 HOH A O   1 
HETATM 1343 O  O   . HOH C 3 .   ? 15.126  16.998  -8.295  1.00 31.38  ? 322 HOH A O   1 
HETATM 1344 O  O   . HOH C 3 .   ? 2.102   -8.746  -1.574  1.00 13.22  ? 323 HOH A O   1 
HETATM 1345 O  O   . HOH C 3 .   ? 17.478  16.255  -10.024 1.00 93.84  ? 324 HOH A O   1 
HETATM 1346 O  O   . HOH C 3 .   ? -13.474 -5.112  -10.020 1.00 18.01  ? 325 HOH A O   1 
HETATM 1347 O  O   . HOH C 3 .   ? 15.533  7.766   8.391   1.00 34.24  ? 326 HOH A O   1 
HETATM 1348 O  O   . HOH C 3 .   ? 4.532   -10.786 11.111  1.00 21.06  ? 327 HOH A O   1 
HETATM 1349 O  O   . HOH C 3 .   ? -0.891  14.760  4.301   1.00 17.16  ? 328 HOH A O   1 
HETATM 1350 O  O   . HOH C 3 .   ? -18.201 -13.549 9.598   1.00 36.71  ? 329 HOH A O   1 
HETATM 1351 O  O   . HOH C 3 .   ? -5.832  -8.303  5.557   1.00 9.37   ? 330 HOH A O   1 
HETATM 1352 O  O   . HOH C 3 .   ? -14.660 -9.124  -11.873 1.00 32.27  ? 331 HOH A O   1 
HETATM 1353 O  O   . HOH C 3 .   ? -1.473  -19.702 0.440   1.00 13.02  ? 332 HOH A O   1 
HETATM 1354 O  O   . HOH C 3 .   ? -0.674  7.302   10.606  1.00 25.48  ? 333 HOH A O   1 
HETATM 1355 O  O   . HOH C 3 .   ? 10.547  0.823   7.468   1.00 17.43  ? 334 HOH A O   1 
HETATM 1356 O  O   . HOH C 3 .   ? -6.476  -3.819  12.714  1.00 28.48  ? 335 HOH A O   1 
HETATM 1357 O  O   . HOH C 3 .   ? 11.479  10.841  7.495   1.00 33.23  ? 336 HOH A O   1 
HETATM 1358 O  O   . HOH C 3 .   ? 5.305   -6.204  -10.097 1.00 9.39   ? 337 HOH A O   1 
HETATM 1359 O  O   . HOH C 3 .   ? -18.066 -12.176 7.060   1.00 22.12  ? 338 HOH A O   1 
HETATM 1360 O  O   . HOH C 3 .   ? -1.117  -18.575 -2.977  1.00 36.95  ? 339 HOH A O   1 
HETATM 1361 O  O   . HOH C 3 .   ? 8.425   -18.865 -2.057  1.00 26.59  ? 340 HOH A O   1 
HETATM 1362 O  O   . HOH C 3 .   ? -4.014  11.824  -5.388  1.00 27.11  ? 341 HOH A O   1 
HETATM 1363 O  O   . HOH C 3 .   ? 5.479   18.451  -8.395  1.00 20.31  ? 342 HOH A O   1 
HETATM 1364 O  O   . HOH C 3 .   ? -0.297  20.310  -6.071  1.00 37.00  ? 343 HOH A O   1 
HETATM 1365 O  O   . HOH C 3 .   ? -2.542  14.093  2.222   1.00 24.34  ? 344 HOH A O   1 
HETATM 1366 O  O   . HOH C 3 .   ? 4.828   7.923   6.680   1.00 25.53  ? 345 HOH A O   1 
HETATM 1367 O  O   . HOH C 3 .   ? -3.316  -21.920 -2.336  1.00 23.92  ? 346 HOH A O   1 
HETATM 1368 O  O   . HOH C 3 .   ? 16.967  13.624  -8.901  1.00 29.77  ? 347 HOH A O   1 
HETATM 1369 O  O   . HOH C 3 .   ? 17.234  -5.818  -3.858  1.00 24.36  ? 348 HOH A O   1 
HETATM 1370 O  O   . HOH C 3 .   ? 0.889   -15.313 14.256  1.00 19.91  ? 349 HOH A O   1 
HETATM 1371 O  O   . HOH C 3 .   ? 10.625  -3.225  2.434   1.00 13.86  ? 350 HOH A O   1 
HETATM 1372 O  O   . HOH C 3 .   ? 9.991   6.198   10.781  1.00 27.01  ? 351 HOH A O   1 
HETATM 1373 O  O   . HOH C 3 .   ? -2.415  18.611  0.009   1.00 33.14  ? 352 HOH A O   1 
HETATM 1374 O  O   . HOH C 3 .   ? -20.742 -9.535  -5.057  1.00 30.32  ? 353 HOH A O   1 
HETATM 1375 O  O   . HOH C 3 .   ? 0.795   -2.038  10.610  1.00 19.29  ? 354 HOH A O   1 
HETATM 1376 O  O   . HOH C 3 .   ? 9.744   13.702  -7.889  1.00 16.75  ? 355 HOH A O   1 
HETATM 1377 O  O   . HOH C 3 .   ? -7.758  -10.428 11.990  1.00 17.63  ? 356 HOH A O   1 
HETATM 1378 O  O   . HOH C 3 .   ? 1.705   4.612   9.486   1.00 18.74  ? 357 HOH A O   1 
HETATM 1379 O  O   . HOH C 3 .   ? 5.292   17.394  1.064   1.00 17.39  ? 358 HOH A O   1 
HETATM 1380 O  O   . HOH C 3 .   ? 2.393   -16.706 5.948   1.00 16.27  ? 359 HOH A O   1 
HETATM 1381 O  O   . HOH C 3 .   ? 7.524   2.689   -8.859  1.00 19.41  ? 360 HOH A O   1 
HETATM 1382 O  O   . HOH C 3 .   ? -4.434  -8.369  13.383  1.00 20.10  ? 361 HOH A O   1 
HETATM 1383 O  O   . HOH C 3 .   ? 6.561   18.567  5.139   1.00 33.28  ? 362 HOH A O   1 
HETATM 1384 O  O   . HOH C 3 .   ? -12.551 -16.649 6.426   1.00 17.68  ? 363 HOH A O   1 
HETATM 1385 O  O   . HOH C 3 .   ? 9.871   -8.094  1.377   1.00 32.28  ? 364 HOH A O   1 
HETATM 1386 O  O   . HOH C 3 .   ? 6.279   10.452  -9.207  1.00 30.82  ? 365 HOH A O   1 
HETATM 1387 O  O   . HOH C 3 .   ? -19.132 -6.159  5.296   1.00 19.94  ? 366 HOH A O   1 
HETATM 1388 O  O   . HOH C 3 .   ? -14.992 0.523   2.539   1.00 18.00  ? 367 HOH A O   1 
HETATM 1389 O  O   . HOH C 3 .   ? -8.796  -13.491 -6.724  1.00 21.44  ? 368 HOH A O   1 
HETATM 1390 O  O   . HOH C 3 .   ? 19.163  18.625  -3.792  1.00 18.84  ? 369 HOH A O   1 
HETATM 1391 O  O   . HOH C 3 .   ? 5.169   18.773  -1.350  1.00 23.99  ? 370 HOH A O   1 
HETATM 1392 O  O   . HOH C 3 .   ? 13.358  -2.987  -10.235 1.00 12.75  ? 371 HOH A O   1 
HETATM 1393 O  O   . HOH C 3 .   ? -4.227  9.404   9.569   1.00 16.35  ? 372 HOH A O   1 
HETATM 1394 O  O   . HOH C 3 .   ? -0.124  -16.752 -7.829  1.00 39.06  ? 373 HOH A O   1 
HETATM 1395 O  O   . HOH C 3 .   ? 10.755  -12.276 -2.627  1.00 24.90  ? 374 HOH A O   1 
HETATM 1396 O  O   . HOH C 3 .   ? -23.513 -1.322  -8.997  1.00 20.59  ? 375 HOH A O   1 
HETATM 1397 O  O   . HOH C 3 .   ? -19.274 -1.064  9.804   1.00 17.43  ? 376 HOH A O   1 
HETATM 1398 O  O   . HOH C 3 .   ? -4.810  19.258  -2.205  1.00 39.21  ? 377 HOH A O   1 
HETATM 1399 O  O   . HOH C 3 .   ? 10.674  19.522  -4.494  1.00 19.22  ? 378 HOH A O   1 
HETATM 1400 O  O   . HOH C 3 .   ? -17.789 4.184   14.346  1.00 23.62  ? 379 HOH A O   1 
HETATM 1401 O  O   . HOH C 3 .   ? -20.650 2.487   -9.945  1.00 16.79  ? 380 HOH A O   1 
HETATM 1402 O  O   . HOH C 3 .   ? 6.524   5.887   12.831  1.00 41.30  ? 381 HOH A O   1 
HETATM 1403 O  O   . HOH C 3 .   ? -10.958 -1.137  12.231  1.00 22.38  ? 382 HOH A O   1 
HETATM 1404 O  O   . HOH C 3 .   ? -17.300 -0.088  1.204   1.00 22.51  ? 383 HOH A O   1 
HETATM 1405 O  O   . HOH C 3 .   ? 0.459   0.253   -10.980 1.00 22.65  ? 384 HOH A O   1 
HETATM 1406 O  O   . HOH C 3 .   ? 6.275   -13.299 12.098  1.00 33.28  ? 385 HOH A O   1 
HETATM 1407 O  O   . HOH C 3 .   ? -17.063 0.263   -5.923  1.00 26.64  ? 386 HOH A O   1 
HETATM 1408 O  O   . HOH C 3 .   ? -9.195  -18.662 1.282   1.00 17.30  ? 387 HOH A O   1 
HETATM 1409 O  O   . HOH C 3 .   ? -19.577 -3.864  -17.550 1.00 30.32  ? 388 HOH A O   1 
HETATM 1410 O  O   . HOH C 3 .   ? 7.118   -20.075 4.639   1.00 37.27  ? 389 HOH A O   1 
HETATM 1411 O  O   . HOH C 3 .   ? 7.609   3.350   -13.031 1.00 25.91  ? 390 HOH A O   1 
HETATM 1412 O  O   . HOH C 3 .   ? 6.045   -7.255  -3.813  1.00 35.15  ? 391 HOH A O   1 
HETATM 1413 O  O   . HOH C 3 .   ? 5.959   11.710  -2.508  1.00 10.69  ? 392 HOH A O   1 
HETATM 1414 O  O   . HOH C 3 .   ? -15.712 -6.857  11.330  1.00 18.14  ? 393 HOH A O   1 
HETATM 1415 O  O   . HOH C 3 .   ? -9.945  -8.892  10.556  1.00 21.92  ? 394 HOH A O   1 
HETATM 1416 O  O   . HOH C 3 .   ? -18.704 -11.820 1.683   1.00 28.41  ? 395 HOH A O   1 
HETATM 1417 O  O   . HOH C 3 .   ? -17.181 -10.010 -4.129  1.00 21.94  ? 396 HOH A O   1 
HETATM 1418 O  O   . HOH C 3 .   ? 13.886  -7.299  -5.291  1.00 20.40  ? 397 HOH A O   1 
HETATM 1419 O  O   . HOH C 3 .   ? -12.470 -0.163  -10.725 1.00 29.39  ? 398 HOH A O   1 
HETATM 1420 O  O   . HOH C 3 .   ? -0.586  -6.587  -11.375 1.00 23.60  ? 399 HOH A O   1 
HETATM 1421 O  O   . HOH C 3 .   ? -15.720 -21.554 -1.570  1.00 37.32  ? 400 HOH A O   1 
HETATM 1422 O  O   . HOH C 3 .   ? 0.046   6.116   -6.564  1.00 10.24  ? 401 HOH A O   1 
HETATM 1423 O  O   . HOH C 3 .   ? 9.925   1.791   10.049  1.00 27.91  ? 402 HOH A O   1 
HETATM 1424 O  O   . HOH C 3 .   ? -6.540  -16.607 -6.858  1.00 26.45  ? 403 HOH A O   1 
HETATM 1425 O  O   . HOH C 3 .   ? -11.539 -16.234 -2.593  1.00 108.17 ? 404 HOH A O   1 
HETATM 1426 O  O   . HOH C 3 .   ? -18.536 -16.344 2.191   1.00 27.59  ? 405 HOH A O   1 
HETATM 1427 O  O   . HOH C 3 .   ? 14.815  1.764   9.387   1.00 32.48  ? 406 HOH A O   1 
HETATM 1428 O  O   . HOH C 3 .   ? -14.241 3.204   -8.713  1.00 28.03  ? 407 HOH A O   1 
HETATM 1429 O  O   . HOH C 3 .   ? -4.150  -12.800 -1.417  1.00 9.69   ? 408 HOH A O   1 
HETATM 1430 O  O   . HOH C 3 .   ? -1.785  12.231  7.119   1.00 18.59  ? 409 HOH A O   1 
HETATM 1431 O  O   . HOH C 3 .   ? 5.407   0.759   -14.616 1.00 32.60  ? 410 HOH A O   1 
HETATM 1432 O  O   . HOH C 3 .   ? -22.886 -6.828  -4.769  1.00 29.14  ? 411 HOH A O   1 
HETATM 1433 O  O   . HOH C 3 .   ? 22.744  12.442  2.281   1.00 32.17  ? 412 HOH A O   1 
HETATM 1434 O  O   . HOH C 3 .   ? 7.720   -7.099  9.388   1.00 25.81  ? 413 HOH A O   1 
HETATM 1435 O  O   . HOH C 3 .   ? 25.306  14.034  -0.867  1.00 30.17  ? 414 HOH A O   1 
HETATM 1436 O  O   . HOH C 3 .   ? 6.203   -0.916  7.639   1.00 14.32  ? 415 HOH A O   1 
HETATM 1437 O  O   . HOH C 3 .   ? 22.597  0.024   0.980   1.00 39.85  ? 416 HOH A O   1 
HETATM 1438 O  O   . HOH C 3 .   ? -14.278 -11.440 -7.917  1.00 28.59  ? 417 HOH A O   1 
HETATM 1439 O  O   . HOH C 3 .   ? 27.285  10.452  -1.762  1.00 30.74  ? 418 HOH A O   1 
HETATM 1440 O  O   . HOH C 3 .   ? -8.462  11.001  1.511   1.00 28.45  ? 419 HOH A O   1 
HETATM 1441 O  O   . HOH C 3 .   ? -11.853 -18.581 -0.506  1.00 25.20  ? 420 HOH A O   1 
HETATM 1442 O  O   . HOH C 3 .   ? 16.874  1.179   5.896   1.00 31.98  ? 421 HOH A O   1 
HETATM 1443 O  O   . HOH C 3 .   ? -17.602 -18.163 -3.436  1.00 38.08  ? 422 HOH A O   1 
HETATM 1444 O  O   . HOH C 3 .   ? -9.811  -14.930 9.090   1.00 18.02  ? 423 HOH A O   1 
HETATM 1445 O  O   . HOH C 3 .   ? -15.092 -0.828  -10.048 1.00 16.36  ? 424 HOH A O   1 
HETATM 1446 O  O   . HOH C 3 .   ? -11.202 5.560   -4.810  1.00 29.08  ? 425 HOH A O   1 
HETATM 1447 O  O   . HOH C 3 .   ? -13.245 -1.486  13.520  1.00 24.90  ? 426 HOH A O   1 
HETATM 1448 O  O   . HOH C 3 .   ? -7.236  8.696   12.528  1.00 22.39  ? 427 HOH A O   1 
HETATM 1449 O  O   . HOH C 3 .   ? -11.019 10.104  6.297   1.00 22.21  ? 428 HOH A O   1 
HETATM 1450 O  O   . HOH C 3 .   ? 10.146  -5.257  4.805   1.00 26.94  ? 429 HOH A O   1 
HETATM 1451 O  O   . HOH C 3 .   ? 14.681  2.784   -11.035 1.00 21.95  ? 430 HOH A O   1 
HETATM 1452 O  O   . HOH C 3 .   ? 10.809  10.425  3.582   1.00 22.42  ? 431 HOH A O   1 
HETATM 1453 O  O   . HOH C 3 .   ? -9.874  -7.842  -10.417 1.00 29.55  ? 432 HOH A O   1 
HETATM 1454 O  O   . HOH C 3 .   ? -14.345 -15.227 8.165   1.00 33.51  ? 433 HOH A O   1 
HETATM 1455 O  O   . HOH C 3 .   ? -15.954 5.641   10.637  1.00 22.28  ? 434 HOH A O   1 
HETATM 1456 O  O   . HOH C 3 .   ? 6.235   -15.484 -0.331  1.00 18.55  ? 435 HOH A O   1 
HETATM 1457 O  O   . HOH C 3 .   ? -13.571 -21.167 0.545   1.00 20.44  ? 436 HOH A O   1 
HETATM 1458 O  O   . HOH C 3 .   ? -2.946  -10.389 -9.408  1.00 23.75  ? 437 HOH A O   1 
HETATM 1459 O  O   . HOH C 3 .   ? -8.023  -9.905  -7.434  1.00 27.23  ? 438 HOH A O   1 
HETATM 1460 O  O   . HOH C 3 .   ? -5.456  -0.574  -13.041 1.00 36.30  ? 439 HOH A O   1 
HETATM 1461 O  O   . HOH C 3 .   ? -9.170  -3.393  8.315   1.00 24.80  ? 440 HOH A O   1 
HETATM 1462 O  O   . HOH C 3 .   ? -10.427 3.421   -11.108 1.00 33.33  ? 441 HOH A O   1 
HETATM 1463 O  O   . HOH C 3 .   ? -1.769  10.002  8.590   1.00 15.59  ? 442 HOH A O   1 
HETATM 1464 O  O   . HOH C 3 .   ? 13.490  -6.084  -2.992  1.00 33.78  ? 443 HOH A O   1 
HETATM 1465 O  O   . HOH C 3 .   ? 1.902   18.040  -1.104  1.00 30.93  ? 444 HOH A O   1 
HETATM 1466 O  O   . HOH C 3 .   ? -12.677 4.229   2.709   1.00 15.43  ? 445 HOH A O   1 
HETATM 1467 O  O   . HOH C 3 .   ? 21.893  18.397  -3.077  1.00 20.19  ? 446 HOH A O   1 
HETATM 1468 O  O   . HOH C 3 .   ? -4.684  12.236  6.937   1.00 19.11  ? 447 HOH A O   1 
HETATM 1469 O  O   . HOH C 3 .   ? -11.022 -9.799  -9.021  1.00 26.69  ? 448 HOH A O   1 
HETATM 1470 O  O   . HOH C 3 .   ? -8.023  -3.758  -11.660 1.00 24.44  ? 449 HOH A O   1 
HETATM 1471 O  O   . HOH C 3 .   ? -8.575  3.507   12.955  1.00 23.30  ? 450 HOH A O   1 
HETATM 1472 O  O   . HOH C 3 .   ? 15.000  -0.897  -10.874 1.00 17.79  ? 451 HOH A O   1 
HETATM 1473 O  O   . HOH C 3 .   ? 2.672   -6.195  -2.790  1.00 14.12  ? 452 HOH A O   1 
HETATM 1474 O  O   . HOH C 3 .   ? 3.590   -14.134 -1.221  1.00 13.87  ? 453 HOH A O   1 
HETATM 1475 O  O   . HOH C 3 .   ? 1.393   -15.475 -1.641  1.00 28.93  ? 454 HOH A O   1 
HETATM 1476 O  O   . HOH C 3 .   ? 16.143  20.689  -0.365  1.00 32.04  ? 455 HOH A O   1 
HETATM 1477 O  O   . HOH C 3 .   ? 4.036   9.272   4.691   1.00 23.96  ? 456 HOH A O   1 
HETATM 1478 O  O   . HOH C 3 .   ? 7.529   -9.102  -3.074  1.00 27.21  ? 457 HOH A O   1 
HETATM 1479 O  O   . HOH C 3 .   ? -2.394  -15.089 11.973  1.00 12.68  ? 458 HOH A O   1 
HETATM 1480 O  O   . HOH C 3 .   ? -13.859 1.638   -5.336  1.00 22.23  ? 459 HOH A O   1 
HETATM 1481 O  O   . HOH C 3 .   ? 8.883   -1.108  6.809   1.00 14.66  ? 460 HOH A O   1 
HETATM 1482 O  O   . HOH C 3 .   ? -23.727 -4.451  -16.579 1.00 42.86  ? 461 HOH A O   1 
HETATM 1483 O  O   . HOH C 3 .   ? -5.425  -18.709 -4.583  1.00 24.33  ? 462 HOH A O   1 
HETATM 1484 O  O   . HOH C 3 .   ? 6.267   -7.686  -0.796  1.00 25.17  ? 463 HOH A O   1 
HETATM 1485 O  O   . HOH C 3 .   ? -1.093  -3.061  14.906  1.00 39.42  ? 464 HOH A O   1 
HETATM 1486 O  O   . HOH C 3 .   ? -19.921 -9.827  -13.510 1.00 32.99  ? 465 HOH A O   1 
HETATM 1487 O  O   . HOH C 3 .   ? 12.860  9.009   4.345   1.00 29.29  ? 466 HOH A O   1 
HETATM 1488 O  O   . HOH C 3 .   ? 5.347   7.814   9.123   1.00 28.56  ? 467 HOH A O   1 
HETATM 1489 O  O   . HOH C 3 .   ? -21.885 -2.907  -5.819  1.00 33.12  ? 468 HOH A O   1 
HETATM 1490 O  O   . HOH C 3 .   ? -11.718 4.216   -3.588  1.00 25.01  ? 469 HOH A O   1 
HETATM 1491 O  O   . HOH C 3 .   ? 23.808  10.593  1.646   1.00 29.87  ? 470 HOH A O   1 
HETATM 1492 O  O   . HOH C 3 .   ? 22.242  15.024  1.647   1.00 31.19  ? 471 HOH A O   1 
HETATM 1493 O  O   . HOH C 3 .   ? 18.956  7.125   7.698   1.00 29.08  ? 472 HOH A O   1 
HETATM 1494 O  O   . HOH C 3 .   ? 10.039  -10.066 -4.269  1.00 23.69  ? 473 HOH A O   1 
HETATM 1495 O  O   . HOH C 3 .   ? -1.332  -13.725 14.104  1.00 20.32  ? 474 HOH A O   1 
HETATM 1496 O  O   . HOH C 3 .   ? 20.353  -4.344  -0.048  1.00 57.66  ? 475 HOH A O   1 
HETATM 1497 O  O   . HOH C 3 .   ? -13.477 6.207   10.890  1.00 20.42  ? 476 HOH A O   1 
HETATM 1498 O  O   . HOH C 3 .   ? 11.749  -6.455  7.242   1.00 35.90  ? 477 HOH A O   1 
HETATM 1499 O  O   . HOH C 3 .   ? -19.204 4.617   10.725  1.00 32.33  ? 478 HOH A O   1 
HETATM 1500 O  O   . HOH C 3 .   ? -12.820 6.172   4.197   1.00 44.07  ? 479 HOH A O   1 
HETATM 1501 O  O   . HOH C 3 .   ? 9.460   -3.773  7.129   1.00 30.68  ? 480 HOH A O   1 
HETATM 1502 O  O   . HOH C 3 .   ? -2.626  -9.674  14.967  1.00 36.40  ? 481 HOH A O   1 
HETATM 1503 O  O   . HOH C 3 .   ? -18.619 -2.165  -4.292  1.00 36.89  ? 482 HOH A O   1 
HETATM 1504 O  O   . HOH C 3 .   ? -8.903  7.941   -3.641  1.00 37.33  ? 483 HOH A O   1 
HETATM 1505 O  O   . HOH C 3 .   ? -14.915 -14.664 -6.136  1.00 35.59  ? 484 HOH A O   1 
HETATM 1506 O  O   . HOH C 3 .   ? -19.626 -3.385  5.518   1.00 27.16  ? 485 HOH A O   1 
HETATM 1507 O  O   . HOH C 3 .   ? 2.653   0.144   -14.183 1.00 31.32  ? 486 HOH A O   1 
HETATM 1508 O  O   . HOH C 3 .   ? -19.256 -6.713  2.620   1.00 28.81  ? 487 HOH A O   1 
HETATM 1509 O  O   . HOH C 3 .   ? 0.557   -5.832  12.248  1.00 34.22  ? 488 HOH A O   1 
HETATM 1510 O  O   . HOH C 3 .   ? -15.811 -1.672  -12.836 1.00 36.77  ? 489 HOH A O   1 
HETATM 1511 O  O   . HOH C 3 .   ? 7.151   14.039  -8.973  1.00 22.58  ? 490 HOH A O   1 
HETATM 1512 O  O   . HOH C 3 .   ? -18.774 -9.608  8.187   1.00 25.47  ? 491 HOH A O   1 
HETATM 1513 O  O   . HOH C 3 .   ? 2.283   20.032  0.340   1.00 43.53  ? 492 HOH A O   1 
HETATM 1514 O  O   . HOH C 3 .   ? 7.423   -0.765  -15.103 1.00 35.71  ? 493 HOH A O   1 
HETATM 1515 O  O   . HOH C 3 .   ? 12.650  14.788  -11.490 1.00 35.19  ? 494 HOH A O   1 
HETATM 1516 O  O   . HOH C 3 .   ? -17.656 4.458   6.306   1.00 37.44  ? 495 HOH A O   1 
HETATM 1517 O  O   . HOH C 3 .   ? 8.101   20.375  -4.700  1.00 25.94  ? 496 HOH A O   1 
HETATM 1518 O  O   . HOH C 3 .   ? -1.176  -7.591  15.705  1.00 34.25  ? 497 HOH A O   1 
HETATM 1519 O  O   . HOH C 3 .   ? -4.979  -2.519  14.566  1.00 31.84  ? 498 HOH A O   1 
HETATM 1520 O  O   . HOH C 3 .   ? 0.978   19.600  3.272   1.00 36.88  ? 499 HOH A O   1 
HETATM 1521 O  O   . HOH C 3 .   ? 11.040  15.751  -9.235  1.00 21.12  ? 500 HOH A O   1 
HETATM 1522 O  O   . HOH C 3 .   ? -19.876 1.496   10.078  1.00 25.41  ? 501 HOH A O   1 
HETATM 1523 O  O   . HOH C 3 .   ? -19.530 -13.915 3.027   1.00 38.03  ? 502 HOH A O   1 
HETATM 1524 O  O   . HOH C 3 .   ? 12.600  17.301  -7.497  1.00 26.93  ? 503 HOH A O   1 
HETATM 1525 O  O   . HOH C 3 .   ? -16.517 -4.748  12.785  1.00 20.82  ? 504 HOH A O   1 
HETATM 1526 O  O   . HOH C 3 .   ? 20.127  12.023  6.224   1.00 31.76  ? 505 HOH A O   1 
HETATM 1527 O  O   . HOH C 3 .   ? -1.665  14.166  9.093   1.00 39.09  ? 506 HOH A O   1 
HETATM 1528 O  O   . HOH C 3 .   ? -13.174 9.497   7.458   1.00 36.57  ? 507 HOH A O   1 
HETATM 1529 O  O   . HOH C 3 .   ? 8.533   -10.715 12.432  1.00 42.18  ? 508 HOH A O   1 
HETATM 1530 O  O   . HOH C 3 .   ? 22.017  9.311   -9.427  1.00 38.80  ? 509 HOH A O   1 
HETATM 1531 O  O   . HOH C 3 .   ? 2.865   19.370  -9.189  1.00 25.60  ? 510 HOH A O   1 
HETATM 1532 O  O   . HOH C 3 .   ? -16.499 -19.802 5.042   1.00 41.91  ? 511 HOH A O   1 
HETATM 1533 O  O   . HOH C 3 .   ? -13.853 0.027   15.766  1.00 40.68  ? 512 HOH A O   1 
HETATM 1534 O  O   . HOH C 3 .   ? -10.779 -20.955 -0.153  1.00 29.66  ? 513 HOH A O   1 
HETATM 1535 O  O   . HOH C 3 .   ? -17.232 6.710   12.997  1.00 24.35  ? 514 HOH A O   1 
HETATM 1536 O  O   . HOH C 3 .   ? 14.888  23.062  -3.998  1.00 36.01  ? 515 HOH A O   1 
HETATM 1537 O  O   . HOH C 3 .   ? -19.393 -11.495 -11.728 1.00 39.58  ? 516 HOH A O   1 
HETATM 1538 O  O   . HOH C 3 .   ? 6.587   16.704  -10.302 1.00 26.83  ? 517 HOH A O   1 
HETATM 1539 O  O   . HOH C 3 .   ? -13.170 8.900   9.868   1.00 29.47  ? 518 HOH A O   1 
HETATM 1540 O  O   . HOH C 3 .   ? -3.555  5.571   -12.700 1.00 37.59  ? 519 HOH A O   1 
HETATM 1541 O  O   . HOH C 3 .   ? -13.610 -7.871  12.901  1.00 33.56  ? 520 HOH A O   1 
HETATM 1542 O  O   . HOH C 3 .   ? 2.874   2.394   11.783  1.00 38.54  ? 521 HOH A O   1 
HETATM 1543 O  O   . HOH C 3 .   ? -0.687  16.846  6.015   1.00 34.69  ? 522 HOH A O   1 
HETATM 1544 O  O   . HOH C 3 .   ? 22.831  18.778  -0.759  1.00 29.65  ? 523 HOH A O   1 
HETATM 1545 O  O   . HOH C 3 .   ? 11.593  11.902  1.497   1.00 346.22 ? 524 HOH A O   1 
HETATM 1546 O  O   . HOH C 3 .   ? -15.241 3.293   3.016   1.00 22.49  ? 525 HOH A O   1 
HETATM 1547 O  O   . HOH C 3 .   ? -23.229 -3.049  11.621  1.00 36.54  ? 526 HOH A O   1 
HETATM 1548 O  O   . HOH C 3 .   ? -16.314 0.938   -8.445  1.00 25.49  ? 527 HOH A O   1 
HETATM 1549 O  O   . HOH C 3 .   ? 0.251   10.704  9.979   1.00 43.79  ? 528 HOH A O   1 
HETATM 1550 O  O   . HOH C 3 .   ? -6.793  -20.932 -4.583  1.00 44.56  ? 529 HOH A O   1 
HETATM 1551 O  O   . HOH C 3 .   ? -16.393 -21.672 3.428   1.00 33.41  ? 530 HOH A O   1 
HETATM 1552 O  O   . HOH C 3 .   ? 11.065  -15.726 1.065   1.00 31.74  ? 531 HOH A O   1 
HETATM 1553 O  O   . HOH C 3 .   ? -20.707 -1.850  7.567   1.00 28.70  ? 532 HOH A O   1 
HETATM 1554 O  O   . HOH C 3 .   ? 16.409  9.001   10.674  1.00 17.98  ? 533 HOH A O   1 
HETATM 1555 O  O   . HOH C 3 .   ? -5.820  3.972   13.159  1.00 28.25  ? 534 HOH A O   1 
HETATM 1556 O  O   . HOH C 3 .   ? -9.540  -3.184  11.049  1.00 23.63  ? 535 HOH A O   1 
HETATM 1557 O  O   . HOH C 3 .   ? 8.706   7.405   12.787  1.00 24.53  ? 536 HOH A O   1 
HETATM 1558 O  O   . HOH C 3 .   ? 18.973  8.951   9.649   1.00 21.78  ? 537 HOH A O   1 
HETATM 1559 O  O   . HOH C 3 .   ? -25.364 -1.913  -10.996 1.00 31.99  ? 538 HOH A O   1 
HETATM 1560 O  O   . HOH C 3 .   ? -10.880 12.791  4.898   1.00 27.21  ? 539 HOH A O   1 
HETATM 1561 O  O   . HOH C 3 .   ? 18.542  3.551   5.878   1.00 31.16  ? 540 HOH A O   1 
HETATM 1562 O  O   . HOH C 3 .   ? -0.641  21.154  -3.680  1.00 39.53  ? 541 HOH A O   1 
HETATM 1563 O  O   . HOH C 3 .   ? -4.383  11.768  11.061  1.00 38.56  ? 542 HOH A O   1 
HETATM 1564 O  O   . HOH C 3 .   ? -17.450 -9.012  11.063  1.00 31.66  ? 543 HOH A O   1 
HETATM 1565 O  O   . HOH C 3 .   ? -18.916 -3.913  13.598  1.00 28.72  ? 544 HOH A O   1 
HETATM 1566 O  O   . HOH C 3 .   ? -20.073 -12.636 5.280   1.00 30.65  ? 545 HOH A O   1 
HETATM 1567 O  O   . HOH C 3 .   ? -14.486 -3.731  14.372  1.00 21.00  ? 546 HOH A O   1 
HETATM 1568 O  O   . HOH C 3 .   ? -8.485  13.774  4.285   1.00 24.46  ? 547 HOH A O   1 
HETATM 1569 O  O   . HOH C 3 .   ? 0.484   20.039  -1.709  1.00 36.32  ? 548 HOH A O   1 
HETATM 1570 O  O   . HOH C 3 .   ? -3.548  -0.751  13.131  1.00 29.19  ? 549 HOH A O   1 
HETATM 1571 O  O   . HOH C 3 .   ? 19.584  11.771  8.898   1.00 23.62  ? 550 HOH A O   1 
HETATM 1572 O  O   . HOH C 3 .   ? -18.182 2.239   -4.571  1.00 32.99  ? 551 HOH A O   1 
HETATM 1573 O  O   . HOH C 3 .   ? 5.283   -3.457  7.889   1.00 19.37  ? 552 HOH A O   1 
HETATM 1574 O  O   . HOH C 3 .   ? -0.046  -16.649 11.999  1.00 14.07  ? 553 HOH A O   1 
HETATM 1575 O  O   . HOH C 3 .   ? 7.228   20.600  -7.644  1.00 22.78  ? 554 HOH A O   1 
HETATM 1576 O  O   . HOH C 3 .   ? -5.874  13.850  5.401   1.00 25.22  ? 555 HOH A O   1 
HETATM 1577 O  O   . HOH C 3 .   ? 6.251   -0.045  10.178  1.00 27.20  ? 556 HOH A O   1 
HETATM 1578 O  O   . HOH C 3 .   ? -0.975  -1.049  12.683  1.00 24.57  ? 557 HOH A O   1 
HETATM 1579 O  O   . HOH C 3 .   ? 1.861   4.738   12.176  1.00 37.65  ? 558 HOH A O   1 
HETATM 1580 O  O   . HOH C 3 .   ? -20.648 -2.129  12.046  1.00 20.44  ? 559 HOH A O   1 
HETATM 1581 O  O   . HOH C 3 .   ? -10.564 -6.411  12.014  1.00 29.66  ? 560 HOH A O   1 
HETATM 1582 O  O   . HOH C 3 .   ? -3.356  7.475   11.312  1.00 29.27  ? 561 HOH A O   1 
HETATM 1583 O  O   . HOH C 3 .   ? 14.323  0.368   -13.147 1.00 34.27  ? 562 HOH A O   1 
HETATM 1584 O  O   . HOH C 3 .   ? 2.219   17.846  -11.675 1.00 38.31  ? 563 HOH A O   1 
HETATM 1585 O  O   . HOH C 3 .   ? -3.040  10.040  -10.712 1.00 36.68  ? 564 HOH A O   1 
HETATM 1586 O  O   . HOH C 3 .   ? -4.925  -24.001 -2.060  1.00 41.71  ? 565 HOH A O   1 
HETATM 1587 O  O   . HOH C 3 .   ? -8.415  13.257  -4.671  1.00 36.00  ? 566 HOH A O   1 
HETATM 1588 O  O   . HOH C 3 .   ? -14.607 -10.136 -14.811 1.00 40.60  ? 567 HOH A O   1 
HETATM 1589 O  O   . HOH C 3 .   ? 3.935   -3.852  10.157  1.00 33.73  ? 568 HOH A O   1 
HETATM 1590 O  O   . HOH C 3 .   ? -20.212 -9.104  1.741   1.00 28.88  ? 569 HOH A O   1 
HETATM 1591 O  O   . HOH C 3 .   ? -9.856  11.048  -0.628  1.00 43.99  ? 570 HOH A O   1 
HETATM 1592 O  O   . HOH C 3 .   ? -21.272 -0.044  13.692  1.00 36.19  ? 571 HOH A O   1 
HETATM 1593 O  O   . HOH C 3 .   ? 0.515   1.280   13.293  1.00 36.80  ? 572 HOH A O   1 
HETATM 1594 O  O   . HOH C 3 .   ? -16.726 4.686   1.023   1.00 37.01  ? 573 HOH A O   1 
# 
loop_
_pdbx_poly_seq_scheme.asym_id 
_pdbx_poly_seq_scheme.entity_id 
_pdbx_poly_seq_scheme.seq_id 
_pdbx_poly_seq_scheme.mon_id 
_pdbx_poly_seq_scheme.ndb_seq_num 
_pdbx_poly_seq_scheme.pdb_seq_num 
_pdbx_poly_seq_scheme.auth_seq_num 
_pdbx_poly_seq_scheme.pdb_mon_id 
_pdbx_poly_seq_scheme.auth_mon_id 
_pdbx_poly_seq_scheme.pdb_strand_id 
_pdbx_poly_seq_scheme.pdb_ins_code 
_pdbx_poly_seq_scheme.hetero 
A 1 1   SER 1   2   2   SER SER A . n 
A 1 2   GLY 2   3   3   GLY GLY A . n 
A 1 3   ILE 3   4   4   ILE ILE A . n 
A 1 4   ALA 4   5   5   ALA ALA A . n 
A 1 5   LEU 5   6   6   LEU LEU A . n 
A 1 6   SER 6   7   7   SER SER A . n 
A 1 7   ARG 7   8   8   ARG ARG A . n 
A 1 8   LEU 8   9   9   LEU LEU A . n 
A 1 9   ALA 9   10  10  ALA ALA A . n 
A 1 10  GLN 10  11  11  GLN GLN A . n 
A 1 11  GLU 11  12  12  GLU GLU A . n 
A 1 12  ARG 12  13  13  ARG ARG A . n 
A 1 13  LYS 13  14  14  LYS LYS A . n 
A 1 14  ALA 14  15  15  ALA ALA A . n 
A 1 15  TRP 15  16  16  TRP TRP A . n 
A 1 16  ARG 16  17  17  ARG ARG A . n 
A 1 17  LYS 17  18  18  LYS LYS A . n 
A 1 18  ASP 18  19  19  ASP ASP A . n 
A 1 19  HIS 19  20  20  HIS HIS A . n 
A 1 20  PRO 20  21  21  PRO PRO A . n 
A 1 21  PHE 21  22  22  PHE PHE A . n 
A 1 22  GLY 22  23  23  GLY GLY A . n 
A 1 23  PHE 23  24  24  PHE PHE A . n 
A 1 24  VAL 24  25  25  VAL VAL A . n 
A 1 25  ALA 25  26  26  ALA ALA A . n 
A 1 26  VAL 26  27  27  VAL VAL A . n 
A 1 27  PRO 27  28  28  PRO PRO A . n 
A 1 28  THR 28  29  29  THR THR A . n 
A 1 29  LYS 29  30  30  LYS LYS A . n 
A 1 30  ASN 30  31  31  ASN ASN A . n 
A 1 31  PRO 31  32  32  PRO PRO A . n 
A 1 32  ASP 32  33  33  ASP ASP A . n 
A 1 33  GLY 33  34  34  GLY GLY A . n 
A 1 34  THR 34  35  35  THR THR A . n 
A 1 35  MET 35  36  36  MET MET A . n 
A 1 36  ASN 36  37  37  ASN ASN A . n 
A 1 37  LEU 37  38  38  LEU LEU A . n 
A 1 38  MET 38  39  39  MET MET A . n 
A 1 39  ASN 39  40  40  ASN ASN A . n 
A 1 40  TRP 40  41  41  TRP TRP A . n 
A 1 41  GLU 41  42  42  GLU GLU A . n 
A 1 42  CYS 42  43  43  CYS CYS A . n 
A 1 43  ALA 43  44  44  ALA ALA A . n 
A 1 44  ILE 44  45  45  ILE ILE A . n 
A 1 45  PRO 45  46  46  PRO PRO A . n 
A 1 46  GLY 46  47  47  GLY GLY A . n 
A 1 47  ALA 47  48  48  ALA ALA A . n 
A 1 48  ALA 48  49  49  ALA ALA A . n 
A 1 49  GLY 49  50  50  GLY GLY A . n 
A 1 50  THR 50  51  51  THR THR A . n 
A 1 51  PRO 51  52  52  PRO PRO A . n 
A 1 52  TRP 52  53  53  TRP TRP A . n 
A 1 53  ALA 53  54  54  ALA ALA A . n 
A 1 54  GLY 54  55  55  GLY GLY A . n 
A 1 55  GLY 55  56  56  GLY GLY A . n 
A 1 56  LEU 56  57  57  LEU LEU A . n 
A 1 57  PHE 57  58  58  PHE PHE A . n 
A 1 58  LYS 58  59  59  LYS LYS A . n 
A 1 59  LEU 59  60  60  LEU LEU A . n 
A 1 60  ARG 60  61  61  ARG ARG A . n 
A 1 61  MET 61  62  62  MET MET A . n 
A 1 62  LEU 62  63  63  LEU LEU A . n 
A 1 63  PHE 63  64  64  PHE PHE A . n 
A 1 64  LYS 64  65  65  LYS LYS A . n 
A 1 65  ASP 65  66  66  ASP ASP A . n 
A 1 66  ASP 66  67  67  ASP ASP A . n 
A 1 67  TYR 67  68  68  TYR TYR A . n 
A 1 68  PRO 68  69  69  PRO PRO A . n 
A 1 69  SER 69  70  70  SER SER A . n 
A 1 70  SER 70  71  71  SER SER A . n 
A 1 71  PRO 71  72  72  PRO PRO A . n 
A 1 72  PRO 72  73  73  PRO PRO A . n 
A 1 73  LYS 73  74  74  LYS LYS A . n 
A 1 74  CYS 74  75  75  CYS CYS A . n 
A 1 75  LYS 75  76  76  LYS LYS A . n 
A 1 76  PHE 76  77  77  PHE PHE A . n 
A 1 77  GLU 77  78  78  GLU GLU A . n 
A 1 78  PRO 78  79  79  PRO PRO A . n 
A 1 79  PRO 79  80  80  PRO PRO A . n 
A 1 80  LEU 80  81  81  LEU LEU A . n 
A 1 81  PHE 81  82  82  PHE PHE A . n 
A 1 82  HIS 82  83  83  HIS HIS A . n 
A 1 83  PRO 83  84  84  PRO PRO A . n 
A 1 84  ASN 84  85  85  ASN ASN A . n 
A 1 85  VAL 85  86  86  VAL VAL A . n 
A 1 86  TYR 86  87  87  TYR TYR A . n 
A 1 87  PRO 87  88  88  PRO PRO A . n 
A 1 88  SER 88  89  89  SER SER A . n 
A 1 89  GLY 89  90  90  GLY GLY A . n 
A 1 90  THR 90  91  91  THR THR A . n 
A 1 91  VAL 91  92  92  VAL VAL A . n 
A 1 92  CYS 92  93  93  CYS CYS A . n 
A 1 93  LEU 93  94  94  LEU LEU A . n 
A 1 94  SER 94  95  95  SER SER A . n 
A 1 95  ILE 95  96  96  ILE ILE A . n 
A 1 96  LEU 96  97  97  LEU LEU A . n 
A 1 97  GLU 97  98  98  GLU GLU A . n 
A 1 98  GLU 98  99  99  GLU GLU A . n 
A 1 99  ASP 99  100 100 ASP ASP A . n 
A 1 100 LYS 100 101 101 LYS LYS A . n 
A 1 101 ASP 101 102 102 ASP ASP A . n 
A 1 102 TRP 102 103 103 TRP TRP A . n 
A 1 103 ARG 103 104 104 ARG ARG A . n 
A 1 104 PRO 104 105 105 PRO PRO A . n 
A 1 105 ALA 105 106 106 ALA ALA A . n 
A 1 106 ILE 106 107 107 ILE ILE A . n 
A 1 107 THR 107 108 108 THR THR A . n 
A 1 108 ILE 108 109 109 ILE ILE A . n 
A 1 109 LYS 109 110 110 LYS LYS A . n 
A 1 110 GLN 110 111 111 GLN GLN A . n 
A 1 111 ILE 111 112 112 ILE ILE A . n 
A 1 112 LEU 112 113 113 LEU LEU A . n 
A 1 113 LEU 113 114 114 LEU LEU A . n 
A 1 114 GLY 114 115 115 GLY GLY A . n 
A 1 115 ILE 115 116 116 ILE ILE A . n 
A 1 116 GLN 116 117 117 GLN GLN A . n 
A 1 117 GLU 117 118 118 GLU GLU A . n 
A 1 118 LEU 118 119 119 LEU LEU A . n 
A 1 119 LEU 119 120 120 LEU LEU A . n 
A 1 120 ASN 120 121 121 ASN ASN A . n 
A 1 121 GLU 121 122 122 GLU GLU A . n 
A 1 122 PRO 122 123 123 PRO PRO A . n 
A 1 123 ASN 123 124 124 ASN ASN A . n 
A 1 124 ILE 124 125 125 ILE ILE A . n 
A 1 125 GLN 125 126 126 GLN GLN A . n 
A 1 126 ASP 126 127 127 ASP ASP A . n 
A 1 127 PRO 127 128 128 PRO PRO A . n 
A 1 128 ALA 128 129 129 ALA ALA A . n 
A 1 129 GLN 129 130 130 GLN GLN A . n 
A 1 130 ALA 130 131 131 ALA ALA A . n 
A 1 131 GLU 131 132 132 GLU GLU A . n 
A 1 132 ALA 132 133 133 ALA ALA A . n 
A 1 133 TYR 133 134 134 TYR TYR A . n 
A 1 134 THR 134 135 135 THR THR A . n 
A 1 135 ILE 135 136 136 ILE ILE A . n 
A 1 136 TYR 136 137 137 TYR TYR A . n 
A 1 137 CYS 137 138 138 CYS CYS A . n 
A 1 138 GLN 138 139 139 GLN GLN A . n 
A 1 139 ASN 139 140 140 ASN ASN A . n 
A 1 140 ARG 140 141 141 ARG ARG A . n 
A 1 141 VAL 141 142 142 VAL VAL A . n 
A 1 142 GLU 142 143 143 GLU GLU A . n 
A 1 143 TYR 143 144 144 TYR TYR A . n 
A 1 144 GLU 144 145 145 GLU GLU A . n 
A 1 145 LYS 145 146 146 LYS LYS A . n 
A 1 146 ARG 146 147 147 ARG ARG A . n 
A 1 147 VAL 147 148 148 VAL VAL A . n 
A 1 148 ARG 148 149 149 ARG ARG A . n 
A 1 149 ALA 149 150 150 ALA ALA A . n 
A 1 150 GLN 150 151 151 GLN GLN A . n 
A 1 151 ALA 151 152 152 ALA ALA A . n 
A 1 152 LYS 152 153 153 LYS LYS A . n 
A 1 153 LYS 153 154 154 LYS LYS A . n 
A 1 154 PHE 154 155 155 PHE PHE A . n 
A 1 155 ALA 155 156 156 ALA ALA A . n 
A 1 156 PRO 156 157 157 PRO PRO A . n 
A 1 157 SER 157 158 ?   ?   ?   A . n 
# 
loop_
_pdbx_nonpoly_scheme.asym_id 
_pdbx_nonpoly_scheme.entity_id 
_pdbx_nonpoly_scheme.mon_id 
_pdbx_nonpoly_scheme.ndb_seq_num 
_pdbx_nonpoly_scheme.pdb_seq_num 
_pdbx_nonpoly_scheme.auth_seq_num 
_pdbx_nonpoly_scheme.pdb_mon_id 
_pdbx_nonpoly_scheme.auth_mon_id 
_pdbx_nonpoly_scheme.pdb_strand_id 
_pdbx_nonpoly_scheme.pdb_ins_code 
B 2 5VM 1   201 1   5VM DRG A . 
C 3 HOH 1   301 270 HOH HOH A . 
C 3 HOH 2   302 235 HOH HOH A . 
C 3 HOH 3   303 204 HOH HOH A . 
C 3 HOH 4   304 228 HOH HOH A . 
C 3 HOH 5   305 226 HOH HOH A . 
C 3 HOH 6   306 91  HOH HOH A . 
C 3 HOH 7   307 104 HOH HOH A . 
C 3 HOH 8   308 215 HOH HOH A . 
C 3 HOH 9   309 208 HOH HOH A . 
C 3 HOH 10  310 186 HOH HOH A . 
C 3 HOH 11  311 185 HOH HOH A . 
C 3 HOH 12  312 21  HOH HOH A . 
C 3 HOH 13  313 30  HOH HOH A . 
C 3 HOH 14  314 111 HOH HOH A . 
C 3 HOH 15  315 198 HOH HOH A . 
C 3 HOH 16  316 229 HOH HOH A . 
C 3 HOH 17  317 92  HOH HOH A . 
C 3 HOH 18  318 242 HOH HOH A . 
C 3 HOH 19  319 137 HOH HOH A . 
C 3 HOH 20  320 100 HOH HOH A . 
C 3 HOH 21  321 131 HOH HOH A . 
C 3 HOH 22  322 192 HOH HOH A . 
C 3 HOH 23  323 17  HOH HOH A . 
C 3 HOH 24  324 269 HOH HOH A . 
C 3 HOH 25  325 22  HOH HOH A . 
C 3 HOH 26  326 273 HOH HOH A . 
C 3 HOH 27  327 71  HOH HOH A . 
C 3 HOH 28  328 19  HOH HOH A . 
C 3 HOH 29  329 211 HOH HOH A . 
C 3 HOH 30  330 5   HOH HOH A . 
C 3 HOH 31  331 158 HOH HOH A . 
C 3 HOH 32  332 7   HOH HOH A . 
C 3 HOH 33  333 169 HOH HOH A . 
C 3 HOH 34  334 58  HOH HOH A . 
C 3 HOH 35  335 109 HOH HOH A . 
C 3 HOH 36  336 190 HOH HOH A . 
C 3 HOH 37  337 1   HOH HOH A . 
C 3 HOH 38  338 63  HOH HOH A . 
C 3 HOH 39  339 200 HOH HOH A . 
C 3 HOH 40  340 152 HOH HOH A . 
C 3 HOH 41  341 171 HOH HOH A . 
C 3 HOH 42  342 64  HOH HOH A . 
C 3 HOH 43  343 239 HOH HOH A . 
C 3 HOH 44  344 112 HOH HOH A . 
C 3 HOH 45  345 133 HOH HOH A . 
C 3 HOH 46  346 62  HOH HOH A . 
C 3 HOH 47  347 121 HOH HOH A . 
C 3 HOH 48  348 88  HOH HOH A . 
C 3 HOH 49  349 72  HOH HOH A . 
C 3 HOH 50  350 9   HOH HOH A . 
C 3 HOH 51  351 144 HOH HOH A . 
C 3 HOH 52  352 245 HOH HOH A . 
C 3 HOH 53  353 132 HOH HOH A . 
C 3 HOH 54  354 26  HOH HOH A . 
C 3 HOH 55  355 27  HOH HOH A . 
C 3 HOH 56  356 47  HOH HOH A . 
C 3 HOH 57  357 29  HOH HOH A . 
C 3 HOH 58  358 35  HOH HOH A . 
C 3 HOH 59  359 43  HOH HOH A . 
C 3 HOH 60  360 61  HOH HOH A . 
C 3 HOH 61  361 42  HOH HOH A . 
C 3 HOH 62  362 241 HOH HOH A . 
C 3 HOH 63  363 48  HOH HOH A . 
C 3 HOH 64  364 163 HOH HOH A . 
C 3 HOH 65  365 129 HOH HOH A . 
C 3 HOH 66  366 20  HOH HOH A . 
C 3 HOH 67  367 40  HOH HOH A . 
C 3 HOH 68  368 44  HOH HOH A . 
C 3 HOH 69  369 57  HOH HOH A . 
C 3 HOH 70  370 79  HOH HOH A . 
C 3 HOH 71  371 24  HOH HOH A . 
C 3 HOH 72  372 15  HOH HOH A . 
C 3 HOH 73  373 218 HOH HOH A . 
C 3 HOH 74  374 110 HOH HOH A . 
C 3 HOH 75  375 38  HOH HOH A . 
C 3 HOH 76  376 11  HOH HOH A . 
C 3 HOH 77  377 212 HOH HOH A . 
C 3 HOH 78  378 31  HOH HOH A . 
C 3 HOH 79  379 146 HOH HOH A . 
C 3 HOH 80  380 18  HOH HOH A . 
C 3 HOH 81  381 263 HOH HOH A . 
C 3 HOH 82  382 83  HOH HOH A . 
C 3 HOH 83  383 52  HOH HOH A . 
C 3 HOH 84  384 66  HOH HOH A . 
C 3 HOH 85  385 206 HOH HOH A . 
C 3 HOH 86  386 114 HOH HOH A . 
C 3 HOH 87  387 14  HOH HOH A . 
C 3 HOH 88  388 155 HOH HOH A . 
C 3 HOH 89  389 255 HOH HOH A . 
C 3 HOH 90  390 102 HOH HOH A . 
C 3 HOH 91  391 257 HOH HOH A . 
C 3 HOH 92  392 3   HOH HOH A . 
C 3 HOH 93  393 34  HOH HOH A . 
C 3 HOH 94  394 60  HOH HOH A . 
C 3 HOH 95  395 142 HOH HOH A . 
C 3 HOH 96  396 74  HOH HOH A . 
C 3 HOH 97  397 37  HOH HOH A . 
C 3 HOH 98  398 151 HOH HOH A . 
C 3 HOH 99  399 101 HOH HOH A . 
C 3 HOH 100 400 221 HOH HOH A . 
C 3 HOH 101 401 8   HOH HOH A . 
C 3 HOH 102 402 123 HOH HOH A . 
C 3 HOH 103 403 65  HOH HOH A . 
C 3 HOH 104 404 254 HOH HOH A . 
C 3 HOH 105 405 138 HOH HOH A . 
C 3 HOH 106 406 147 HOH HOH A . 
C 3 HOH 107 407 105 HOH HOH A . 
C 3 HOH 108 408 4   HOH HOH A . 
C 3 HOH 109 409 41  HOH HOH A . 
C 3 HOH 110 410 277 HOH HOH A . 
C 3 HOH 111 411 81  HOH HOH A . 
C 3 HOH 112 412 193 HOH HOH A . 
C 3 HOH 113 413 82  HOH HOH A . 
C 3 HOH 114 414 175 HOH HOH A . 
C 3 HOH 115 415 16  HOH HOH A . 
C 3 HOH 116 416 213 HOH HOH A . 
C 3 HOH 117 417 170 HOH HOH A . 
C 3 HOH 118 418 122 HOH HOH A . 
C 3 HOH 119 419 113 HOH HOH A . 
C 3 HOH 120 420 125 HOH HOH A . 
C 3 HOH 121 421 143 HOH HOH A . 
C 3 HOH 122 422 243 HOH HOH A . 
C 3 HOH 123 423 13  HOH HOH A . 
C 3 HOH 124 424 10  HOH HOH A . 
C 3 HOH 125 425 272 HOH HOH A . 
C 3 HOH 126 426 51  HOH HOH A . 
C 3 HOH 127 427 78  HOH HOH A . 
C 3 HOH 128 428 69  HOH HOH A . 
C 3 HOH 129 429 103 HOH HOH A . 
C 3 HOH 130 430 67  HOH HOH A . 
C 3 HOH 131 431 126 HOH HOH A . 
C 3 HOH 132 432 168 HOH HOH A . 
C 3 HOH 133 433 156 HOH HOH A . 
C 3 HOH 134 434 73  HOH HOH A . 
C 3 HOH 135 435 49  HOH HOH A . 
C 3 HOH 136 436 127 HOH HOH A . 
C 3 HOH 137 437 128 HOH HOH A . 
C 3 HOH 138 438 115 HOH HOH A . 
C 3 HOH 139 439 230 HOH HOH A . 
C 3 HOH 140 440 96  HOH HOH A . 
C 3 HOH 141 441 181 HOH HOH A . 
C 3 HOH 142 442 32  HOH HOH A . 
C 3 HOH 143 443 267 HOH HOH A . 
C 3 HOH 144 444 166 HOH HOH A . 
C 3 HOH 145 445 25  HOH HOH A . 
C 3 HOH 146 446 28  HOH HOH A . 
C 3 HOH 147 447 70  HOH HOH A . 
C 3 HOH 148 448 117 HOH HOH A . 
C 3 HOH 149 449 90  HOH HOH A . 
C 3 HOH 150 450 59  HOH HOH A . 
C 3 HOH 151 451 33  HOH HOH A . 
C 3 HOH 152 452 12  HOH HOH A . 
C 3 HOH 153 453 2   HOH HOH A . 
C 3 HOH 154 454 116 HOH HOH A . 
C 3 HOH 155 455 183 HOH HOH A . 
C 3 HOH 156 456 89  HOH HOH A . 
C 3 HOH 157 457 130 HOH HOH A . 
C 3 HOH 158 458 6   HOH HOH A . 
C 3 HOH 159 459 120 HOH HOH A . 
C 3 HOH 160 460 23  HOH HOH A . 
C 3 HOH 161 461 256 HOH HOH A . 
C 3 HOH 162 462 86  HOH HOH A . 
C 3 HOH 163 463 98  HOH HOH A . 
C 3 HOH 164 464 268 HOH HOH A . 
C 3 HOH 165 465 106 HOH HOH A . 
C 3 HOH 166 466 172 HOH HOH A . 
C 3 HOH 167 467 199 HOH HOH A . 
C 3 HOH 168 468 219 HOH HOH A . 
C 3 HOH 169 469 150 HOH HOH A . 
C 3 HOH 170 470 50  HOH HOH A . 
C 3 HOH 171 471 177 HOH HOH A . 
C 3 HOH 172 472 180 HOH HOH A . 
C 3 HOH 173 473 107 HOH HOH A . 
C 3 HOH 174 474 36  HOH HOH A . 
C 3 HOH 175 475 210 HOH HOH A . 
C 3 HOH 176 476 46  HOH HOH A . 
C 3 HOH 177 477 195 HOH HOH A . 
C 3 HOH 178 478 227 HOH HOH A . 
C 3 HOH 179 479 238 HOH HOH A . 
C 3 HOH 180 480 236 HOH HOH A . 
C 3 HOH 181 481 201 HOH HOH A . 
C 3 HOH 182 482 220 HOH HOH A . 
C 3 HOH 183 483 176 HOH HOH A . 
C 3 HOH 184 484 237 HOH HOH A . 
C 3 HOH 185 485 153 HOH HOH A . 
C 3 HOH 186 486 196 HOH HOH A . 
C 3 HOH 187 487 145 HOH HOH A . 
C 3 HOH 188 488 174 HOH HOH A . 
C 3 HOH 189 489 232 HOH HOH A . 
C 3 HOH 190 490 85  HOH HOH A . 
C 3 HOH 191 491 77  HOH HOH A . 
C 3 HOH 192 492 194 HOH HOH A . 
C 3 HOH 193 493 118 HOH HOH A . 
C 3 HOH 194 494 216 HOH HOH A . 
C 3 HOH 195 495 160 HOH HOH A . 
C 3 HOH 196 496 141 HOH HOH A . 
C 3 HOH 197 497 244 HOH HOH A . 
C 3 HOH 198 498 159 HOH HOH A . 
C 3 HOH 199 499 223 HOH HOH A . 
C 3 HOH 200 500 54  HOH HOH A . 
C 3 HOH 201 501 124 HOH HOH A . 
C 3 HOH 202 502 217 HOH HOH A . 
C 3 HOH 203 503 108 HOH HOH A . 
C 3 HOH 204 504 56  HOH HOH A . 
C 3 HOH 205 505 187 HOH HOH A . 
C 3 HOH 206 506 189 HOH HOH A . 
C 3 HOH 207 507 247 HOH HOH A . 
C 3 HOH 208 508 275 HOH HOH A . 
C 3 HOH 209 509 252 HOH HOH A . 
C 3 HOH 210 510 95  HOH HOH A . 
C 3 HOH 211 511 250 HOH HOH A . 
C 3 HOH 212 512 260 HOH HOH A . 
C 3 HOH 213 513 167 HOH HOH A . 
C 3 HOH 214 514 184 HOH HOH A . 
C 3 HOH 215 515 231 HOH HOH A . 
C 3 HOH 216 516 197 HOH HOH A . 
C 3 HOH 217 517 84  HOH HOH A . 
C 3 HOH 218 518 188 HOH HOH A . 
C 3 HOH 219 519 251 HOH HOH A . 
C 3 HOH 220 520 182 HOH HOH A . 
C 3 HOH 221 521 265 HOH HOH A . 
C 3 HOH 222 522 209 HOH HOH A . 
C 3 HOH 223 523 234 HOH HOH A . 
C 3 HOH 224 524 248 HOH HOH A . 
C 3 HOH 225 525 80  HOH HOH A . 
C 3 HOH 226 526 191 HOH HOH A . 
C 3 HOH 227 527 94  HOH HOH A . 
C 3 HOH 228 528 279 HOH HOH A . 
C 3 HOH 229 529 249 HOH HOH A . 
C 3 HOH 230 530 222 HOH HOH A . 
C 3 HOH 231 531 161 HOH HOH A . 
C 3 HOH 232 532 173 HOH HOH A . 
C 3 HOH 233 533 53  HOH HOH A . 
C 3 HOH 234 534 162 HOH HOH A . 
C 3 HOH 235 535 99  HOH HOH A . 
C 3 HOH 236 536 93  HOH HOH A . 
C 3 HOH 237 537 76  HOH HOH A . 
C 3 HOH 238 538 202 HOH HOH A . 
C 3 HOH 239 539 148 HOH HOH A . 
C 3 HOH 240 540 165 HOH HOH A . 
C 3 HOH 241 541 259 HOH HOH A . 
C 3 HOH 242 542 225 HOH HOH A . 
C 3 HOH 243 543 214 HOH HOH A . 
C 3 HOH 244 544 140 HOH HOH A . 
C 3 HOH 245 545 149 HOH HOH A . 
C 3 HOH 246 546 55  HOH HOH A . 
C 3 HOH 247 547 157 HOH HOH A . 
C 3 HOH 248 548 224 HOH HOH A . 
C 3 HOH 249 549 154 HOH HOH A . 
C 3 HOH 250 550 139 HOH HOH A . 
C 3 HOH 251 551 240 HOH HOH A . 
C 3 HOH 252 552 45  HOH HOH A . 
C 3 HOH 253 553 39  HOH HOH A . 
C 3 HOH 254 554 75  HOH HOH A . 
C 3 HOH 255 555 97  HOH HOH A . 
C 3 HOH 256 556 135 HOH HOH A . 
C 3 HOH 257 557 68  HOH HOH A . 
C 3 HOH 258 558 207 HOH HOH A . 
C 3 HOH 259 559 87  HOH HOH A . 
C 3 HOH 260 560 119 HOH HOH A . 
C 3 HOH 261 561 179 HOH HOH A . 
C 3 HOH 262 562 266 HOH HOH A . 
C 3 HOH 263 563 261 HOH HOH A . 
C 3 HOH 264 564 262 HOH HOH A . 
C 3 HOH 265 565 271 HOH HOH A . 
C 3 HOH 266 566 276 HOH HOH A . 
C 3 HOH 267 567 278 HOH HOH A . 
C 3 HOH 268 568 253 HOH HOH A . 
C 3 HOH 269 569 164 HOH HOH A . 
C 3 HOH 270 570 233 HOH HOH A . 
C 3 HOH 271 571 274 HOH HOH A . 
C 3 HOH 272 572 258 HOH HOH A . 
C 3 HOH 273 573 246 HOH HOH A . 
# 
_pdbx_struct_assembly.id                   1 
_pdbx_struct_assembly.details              author_and_software_defined_assembly 
_pdbx_struct_assembly.method_details       PISA 
_pdbx_struct_assembly.oligomeric_details   monomeric 
_pdbx_struct_assembly.oligomeric_count     1 
# 
_pdbx_struct_assembly_gen.assembly_id       1 
_pdbx_struct_assembly_gen.oper_expression   1 
_pdbx_struct_assembly_gen.asym_id_list      A,B,C 
# 
_pdbx_struct_oper_list.id                   1 
_pdbx_struct_oper_list.type                 'identity operation' 
_pdbx_struct_oper_list.name                 1_555 
_pdbx_struct_oper_list.symmetry_operation   x,y,z 
_pdbx_struct_oper_list.matrix[1][1]         1.0000000000 
_pdbx_struct_oper_list.matrix[1][2]         0.0000000000 
_pdbx_struct_oper_list.matrix[1][3]         0.0000000000 
_pdbx_struct_oper_list.vector[1]            0.0000000000 
_pdbx_struct_oper_list.matrix[2][1]         0.0000000000 
_pdbx_struct_oper_list.matrix[2][2]         1.0000000000 
_pdbx_struct_oper_list.matrix[2][3]         0.0000000000 
_pdbx_struct_oper_list.vector[2]            0.0000000000 
_pdbx_struct_oper_list.matrix[3][1]         0.0000000000 
_pdbx_struct_oper_list.matrix[3][2]         0.0000000000 
_pdbx_struct_oper_list.matrix[3][3]         1.0000000000 
_pdbx_struct_oper_list.vector[3]            0.0000000000 
# 
loop_
_pdbx_audit_revision_history.ordinal 
_pdbx_audit_revision_history.data_content_type 
_pdbx_audit_revision_history.major_revision 
_pdbx_audit_revision_history.minor_revision 
_pdbx_audit_revision_history.revision_date 
1 'Structure model' 1 0 2016-04-27 
2 'Structure model' 1 1 2016-05-04 
3 'Structure model' 1 2 2023-09-27 
# 
_pdbx_audit_revision_details.ordinal             1 
_pdbx_audit_revision_details.revision_ordinal    1 
_pdbx_audit_revision_details.data_content_type   'Structure model' 
_pdbx_audit_revision_details.provider            repository 
_pdbx_audit_revision_details.type                'Initial release' 
_pdbx_audit_revision_details.description         ? 
_pdbx_audit_revision_details.details             ? 
# 
loop_
_pdbx_audit_revision_group.ordinal 
_pdbx_audit_revision_group.revision_ordinal 
_pdbx_audit_revision_group.data_content_type 
_pdbx_audit_revision_group.group 
1 2 'Structure model' 'Database references'    
2 3 'Structure model' 'Data collection'        
3 3 'Structure model' 'Database references'    
4 3 'Structure model' 'Derived calculations'   
5 3 'Structure model' 'Refinement description' 
# 
loop_
_pdbx_audit_revision_category.ordinal 
_pdbx_audit_revision_category.revision_ordinal 
_pdbx_audit_revision_category.data_content_type 
_pdbx_audit_revision_category.category 
1 3 'Structure model' chem_comp_atom                
2 3 'Structure model' chem_comp_bond                
3 3 'Structure model' citation                      
4 3 'Structure model' database_2                    
5 3 'Structure model' pdbx_initial_refinement_model 
6 3 'Structure model' pdbx_struct_oper_list         
# 
loop_
_pdbx_audit_revision_item.ordinal 
_pdbx_audit_revision_item.revision_ordinal 
_pdbx_audit_revision_item.data_content_type 
_pdbx_audit_revision_item.item 
1 3 'Structure model' '_citation.journal_id_CSD'                  
2 3 'Structure model' '_database_2.pdbx_DOI'                      
3 3 'Structure model' '_database_2.pdbx_database_accession'       
4 3 'Structure model' '_pdbx_struct_oper_list.symmetry_operation' 
# 
loop_
_software.citation_id 
_software.classification 
_software.compiler_name 
_software.compiler_version 
_software.contact_author 
_software.contact_author_email 
_software.date 
_software.description 
_software.dependencies 
_software.hardware 
_software.language 
_software.location 
_software.mods 
_software.name 
_software.os 
_software.os_version 
_software.type 
_software.version 
_software.pdbx_ordinal 
? refinement       ? ? ? ? ? ? ? ? ? ? ? REFMAC   ? ? ? 5.5.0104 1 
? 'data reduction' ? ? ? ? ? ? ? ? ? ? ? HKL-3000 ? ? ? .        2 
? 'data scaling'   ? ? ? ? ? ? ? ? ? ? ? HKL-3000 ? ? ? .        3 
? phasing          ? ? ? ? ? ? ? ? ? ? ? PHASER   ? ? ? .        4 
# 
_pdbx_validate_close_contact.id               1 
_pdbx_validate_close_contact.PDB_model_num    1 
_pdbx_validate_close_contact.auth_atom_id_1   O 
_pdbx_validate_close_contact.auth_asym_id_1   A 
_pdbx_validate_close_contact.auth_comp_id_1   HOH 
_pdbx_validate_close_contact.auth_seq_id_1    425 
_pdbx_validate_close_contact.PDB_ins_code_1   ? 
_pdbx_validate_close_contact.label_alt_id_1   ? 
_pdbx_validate_close_contact.auth_atom_id_2   O 
_pdbx_validate_close_contact.auth_asym_id_2   A 
_pdbx_validate_close_contact.auth_comp_id_2   HOH 
_pdbx_validate_close_contact.auth_seq_id_2    469 
_pdbx_validate_close_contact.PDB_ins_code_2   ? 
_pdbx_validate_close_contact.label_alt_id_2   ? 
_pdbx_validate_close_contact.dist             1.89 
# 
loop_
_pdbx_validate_torsion.id 
_pdbx_validate_torsion.PDB_model_num 
_pdbx_validate_torsion.auth_comp_id 
_pdbx_validate_torsion.auth_asym_id 
_pdbx_validate_torsion.auth_seq_id 
_pdbx_validate_torsion.PDB_ins_code 
_pdbx_validate_torsion.label_alt_id 
_pdbx_validate_torsion.phi 
_pdbx_validate_torsion.psi 
1 1 HIS A 83  ? ? -171.48 140.47  
2 1 LYS A 101 ? ? -110.33 -110.36 
# 
_pdbx_unobs_or_zero_occ_residues.id               1 
_pdbx_unobs_or_zero_occ_residues.PDB_model_num    1 
_pdbx_unobs_or_zero_occ_residues.polymer_flag     Y 
_pdbx_unobs_or_zero_occ_residues.occupancy_flag   1 
_pdbx_unobs_or_zero_occ_residues.auth_asym_id     A 
_pdbx_unobs_or_zero_occ_residues.auth_comp_id     SER 
_pdbx_unobs_or_zero_occ_residues.auth_seq_id      158 
_pdbx_unobs_or_zero_occ_residues.PDB_ins_code     ? 
_pdbx_unobs_or_zero_occ_residues.label_asym_id    A 
_pdbx_unobs_or_zero_occ_residues.label_comp_id    SER 
_pdbx_unobs_or_zero_occ_residues.label_seq_id     157 
# 
loop_
_chem_comp_atom.comp_id 
_chem_comp_atom.atom_id 
_chem_comp_atom.type_symbol 
_chem_comp_atom.pdbx_aromatic_flag 
_chem_comp_atom.pdbx_stereo_config 
_chem_comp_atom.pdbx_ordinal 
5VM OAG  O  N N 1   
5VM CAK  C  Y N 2   
5VM CAD  C  Y N 3   
5VM CAC  C  Y N 4   
5VM CAH  C  Y N 5   
5VM CLB  CL N N 6   
5VM CAE  C  Y N 7   
5VM CAJ  C  Y N 8   
5VM NAF  N  N N 9   
5VM CAI  C  N N 10  
5VM SAA  S  N N 11  
5VM H1   H  N N 12  
5VM H2   H  N N 13  
5VM H3   H  N N 14  
5VM H4   H  N N 15  
ALA N    N  N N 16  
ALA CA   C  N S 17  
ALA C    C  N N 18  
ALA O    O  N N 19  
ALA CB   C  N N 20  
ALA OXT  O  N N 21  
ALA H    H  N N 22  
ALA H2   H  N N 23  
ALA HA   H  N N 24  
ALA HB1  H  N N 25  
ALA HB2  H  N N 26  
ALA HB3  H  N N 27  
ALA HXT  H  N N 28  
ARG N    N  N N 29  
ARG CA   C  N S 30  
ARG C    C  N N 31  
ARG O    O  N N 32  
ARG CB   C  N N 33  
ARG CG   C  N N 34  
ARG CD   C  N N 35  
ARG NE   N  N N 36  
ARG CZ   C  N N 37  
ARG NH1  N  N N 38  
ARG NH2  N  N N 39  
ARG OXT  O  N N 40  
ARG H    H  N N 41  
ARG H2   H  N N 42  
ARG HA   H  N N 43  
ARG HB2  H  N N 44  
ARG HB3  H  N N 45  
ARG HG2  H  N N 46  
ARG HG3  H  N N 47  
ARG HD2  H  N N 48  
ARG HD3  H  N N 49  
ARG HE   H  N N 50  
ARG HH11 H  N N 51  
ARG HH12 H  N N 52  
ARG HH21 H  N N 53  
ARG HH22 H  N N 54  
ARG HXT  H  N N 55  
ASN N    N  N N 56  
ASN CA   C  N S 57  
ASN C    C  N N 58  
ASN O    O  N N 59  
ASN CB   C  N N 60  
ASN CG   C  N N 61  
ASN OD1  O  N N 62  
ASN ND2  N  N N 63  
ASN OXT  O  N N 64  
ASN H    H  N N 65  
ASN H2   H  N N 66  
ASN HA   H  N N 67  
ASN HB2  H  N N 68  
ASN HB3  H  N N 69  
ASN HD21 H  N N 70  
ASN HD22 H  N N 71  
ASN HXT  H  N N 72  
ASP N    N  N N 73  
ASP CA   C  N S 74  
ASP C    C  N N 75  
ASP O    O  N N 76  
ASP CB   C  N N 77  
ASP CG   C  N N 78  
ASP OD1  O  N N 79  
ASP OD2  O  N N 80  
ASP OXT  O  N N 81  
ASP H    H  N N 82  
ASP H2   H  N N 83  
ASP HA   H  N N 84  
ASP HB2  H  N N 85  
ASP HB3  H  N N 86  
ASP HD2  H  N N 87  
ASP HXT  H  N N 88  
CYS N    N  N N 89  
CYS CA   C  N R 90  
CYS C    C  N N 91  
CYS O    O  N N 92  
CYS CB   C  N N 93  
CYS SG   S  N N 94  
CYS OXT  O  N N 95  
CYS H    H  N N 96  
CYS H2   H  N N 97  
CYS HA   H  N N 98  
CYS HB2  H  N N 99  
CYS HB3  H  N N 100 
CYS HG   H  N N 101 
CYS HXT  H  N N 102 
GLN N    N  N N 103 
GLN CA   C  N S 104 
GLN C    C  N N 105 
GLN O    O  N N 106 
GLN CB   C  N N 107 
GLN CG   C  N N 108 
GLN CD   C  N N 109 
GLN OE1  O  N N 110 
GLN NE2  N  N N 111 
GLN OXT  O  N N 112 
GLN H    H  N N 113 
GLN H2   H  N N 114 
GLN HA   H  N N 115 
GLN HB2  H  N N 116 
GLN HB3  H  N N 117 
GLN HG2  H  N N 118 
GLN HG3  H  N N 119 
GLN HE21 H  N N 120 
GLN HE22 H  N N 121 
GLN HXT  H  N N 122 
GLU N    N  N N 123 
GLU CA   C  N S 124 
GLU C    C  N N 125 
GLU O    O  N N 126 
GLU CB   C  N N 127 
GLU CG   C  N N 128 
GLU CD   C  N N 129 
GLU OE1  O  N N 130 
GLU OE2  O  N N 131 
GLU OXT  O  N N 132 
GLU H    H  N N 133 
GLU H2   H  N N 134 
GLU HA   H  N N 135 
GLU HB2  H  N N 136 
GLU HB3  H  N N 137 
GLU HG2  H  N N 138 
GLU HG3  H  N N 139 
GLU HE2  H  N N 140 
GLU HXT  H  N N 141 
GLY N    N  N N 142 
GLY CA   C  N N 143 
GLY C    C  N N 144 
GLY O    O  N N 145 
GLY OXT  O  N N 146 
GLY H    H  N N 147 
GLY H2   H  N N 148 
GLY HA2  H  N N 149 
GLY HA3  H  N N 150 
GLY HXT  H  N N 151 
HIS N    N  N N 152 
HIS CA   C  N S 153 
HIS C    C  N N 154 
HIS O    O  N N 155 
HIS CB   C  N N 156 
HIS CG   C  Y N 157 
HIS ND1  N  Y N 158 
HIS CD2  C  Y N 159 
HIS CE1  C  Y N 160 
HIS NE2  N  Y N 161 
HIS OXT  O  N N 162 
HIS H    H  N N 163 
HIS H2   H  N N 164 
HIS HA   H  N N 165 
HIS HB2  H  N N 166 
HIS HB3  H  N N 167 
HIS HD1  H  N N 168 
HIS HD2  H  N N 169 
HIS HE1  H  N N 170 
HIS HE2  H  N N 171 
HIS HXT  H  N N 172 
HOH O    O  N N 173 
HOH H1   H  N N 174 
HOH H2   H  N N 175 
ILE N    N  N N 176 
ILE CA   C  N S 177 
ILE C    C  N N 178 
ILE O    O  N N 179 
ILE CB   C  N S 180 
ILE CG1  C  N N 181 
ILE CG2  C  N N 182 
ILE CD1  C  N N 183 
ILE OXT  O  N N 184 
ILE H    H  N N 185 
ILE H2   H  N N 186 
ILE HA   H  N N 187 
ILE HB   H  N N 188 
ILE HG12 H  N N 189 
ILE HG13 H  N N 190 
ILE HG21 H  N N 191 
ILE HG22 H  N N 192 
ILE HG23 H  N N 193 
ILE HD11 H  N N 194 
ILE HD12 H  N N 195 
ILE HD13 H  N N 196 
ILE HXT  H  N N 197 
LEU N    N  N N 198 
LEU CA   C  N S 199 
LEU C    C  N N 200 
LEU O    O  N N 201 
LEU CB   C  N N 202 
LEU CG   C  N N 203 
LEU CD1  C  N N 204 
LEU CD2  C  N N 205 
LEU OXT  O  N N 206 
LEU H    H  N N 207 
LEU H2   H  N N 208 
LEU HA   H  N N 209 
LEU HB2  H  N N 210 
LEU HB3  H  N N 211 
LEU HG   H  N N 212 
LEU HD11 H  N N 213 
LEU HD12 H  N N 214 
LEU HD13 H  N N 215 
LEU HD21 H  N N 216 
LEU HD22 H  N N 217 
LEU HD23 H  N N 218 
LEU HXT  H  N N 219 
LYS N    N  N N 220 
LYS CA   C  N S 221 
LYS C    C  N N 222 
LYS O    O  N N 223 
LYS CB   C  N N 224 
LYS CG   C  N N 225 
LYS CD   C  N N 226 
LYS CE   C  N N 227 
LYS NZ   N  N N 228 
LYS OXT  O  N N 229 
LYS H    H  N N 230 
LYS H2   H  N N 231 
LYS HA   H  N N 232 
LYS HB2  H  N N 233 
LYS HB3  H  N N 234 
LYS HG2  H  N N 235 
LYS HG3  H  N N 236 
LYS HD2  H  N N 237 
LYS HD3  H  N N 238 
LYS HE2  H  N N 239 
LYS HE3  H  N N 240 
LYS HZ1  H  N N 241 
LYS HZ2  H  N N 242 
LYS HZ3  H  N N 243 
LYS HXT  H  N N 244 
MET N    N  N N 245 
MET CA   C  N S 246 
MET C    C  N N 247 
MET O    O  N N 248 
MET CB   C  N N 249 
MET CG   C  N N 250 
MET SD   S  N N 251 
MET CE   C  N N 252 
MET OXT  O  N N 253 
MET H    H  N N 254 
MET H2   H  N N 255 
MET HA   H  N N 256 
MET HB2  H  N N 257 
MET HB3  H  N N 258 
MET HG2  H  N N 259 
MET HG3  H  N N 260 
MET HE1  H  N N 261 
MET HE2  H  N N 262 
MET HE3  H  N N 263 
MET HXT  H  N N 264 
PHE N    N  N N 265 
PHE CA   C  N S 266 
PHE C    C  N N 267 
PHE O    O  N N 268 
PHE CB   C  N N 269 
PHE CG   C  Y N 270 
PHE CD1  C  Y N 271 
PHE CD2  C  Y N 272 
PHE CE1  C  Y N 273 
PHE CE2  C  Y N 274 
PHE CZ   C  Y N 275 
PHE OXT  O  N N 276 
PHE H    H  N N 277 
PHE H2   H  N N 278 
PHE HA   H  N N 279 
PHE HB2  H  N N 280 
PHE HB3  H  N N 281 
PHE HD1  H  N N 282 
PHE HD2  H  N N 283 
PHE HE1  H  N N 284 
PHE HE2  H  N N 285 
PHE HZ   H  N N 286 
PHE HXT  H  N N 287 
PRO N    N  N N 288 
PRO CA   C  N S 289 
PRO C    C  N N 290 
PRO O    O  N N 291 
PRO CB   C  N N 292 
PRO CG   C  N N 293 
PRO CD   C  N N 294 
PRO OXT  O  N N 295 
PRO H    H  N N 296 
PRO HA   H  N N 297 
PRO HB2  H  N N 298 
PRO HB3  H  N N 299 
PRO HG2  H  N N 300 
PRO HG3  H  N N 301 
PRO HD2  H  N N 302 
PRO HD3  H  N N 303 
PRO HXT  H  N N 304 
SER N    N  N N 305 
SER CA   C  N S 306 
SER C    C  N N 307 
SER O    O  N N 308 
SER CB   C  N N 309 
SER OG   O  N N 310 
SER OXT  O  N N 311 
SER H    H  N N 312 
SER H2   H  N N 313 
SER HA   H  N N 314 
SER HB2  H  N N 315 
SER HB3  H  N N 316 
SER HG   H  N N 317 
SER HXT  H  N N 318 
THR N    N  N N 319 
THR CA   C  N S 320 
THR C    C  N N 321 
THR O    O  N N 322 
THR CB   C  N R 323 
THR OG1  O  N N 324 
THR CG2  C  N N 325 
THR OXT  O  N N 326 
THR H    H  N N 327 
THR H2   H  N N 328 
THR HA   H  N N 329 
THR HB   H  N N 330 
THR HG1  H  N N 331 
THR HG21 H  N N 332 
THR HG22 H  N N 333 
THR HG23 H  N N 334 
THR HXT  H  N N 335 
TRP N    N  N N 336 
TRP CA   C  N S 337 
TRP C    C  N N 338 
TRP O    O  N N 339 
TRP CB   C  N N 340 
TRP CG   C  Y N 341 
TRP CD1  C  Y N 342 
TRP CD2  C  Y N 343 
TRP NE1  N  Y N 344 
TRP CE2  C  Y N 345 
TRP CE3  C  Y N 346 
TRP CZ2  C  Y N 347 
TRP CZ3  C  Y N 348 
TRP CH2  C  Y N 349 
TRP OXT  O  N N 350 
TRP H    H  N N 351 
TRP H2   H  N N 352 
TRP HA   H  N N 353 
TRP HB2  H  N N 354 
TRP HB3  H  N N 355 
TRP HD1  H  N N 356 
TRP HE1  H  N N 357 
TRP HE3  H  N N 358 
TRP HZ2  H  N N 359 
TRP HZ3  H  N N 360 
TRP HH2  H  N N 361 
TRP HXT  H  N N 362 
TYR N    N  N N 363 
TYR CA   C  N S 364 
TYR C    C  N N 365 
TYR O    O  N N 366 
TYR CB   C  N N 367 
TYR CG   C  Y N 368 
TYR CD1  C  Y N 369 
TYR CD2  C  Y N 370 
TYR CE1  C  Y N 371 
TYR CE2  C  Y N 372 
TYR CZ   C  Y N 373 
TYR OH   O  N N 374 
TYR OXT  O  N N 375 
TYR H    H  N N 376 
TYR H2   H  N N 377 
TYR HA   H  N N 378 
TYR HB2  H  N N 379 
TYR HB3  H  N N 380 
TYR HD1  H  N N 381 
TYR HD2  H  N N 382 
TYR HE1  H  N N 383 
TYR HE2  H  N N 384 
TYR HH   H  N N 385 
TYR HXT  H  N N 386 
VAL N    N  N N 387 
VAL CA   C  N S 388 
VAL C    C  N N 389 
VAL O    O  N N 390 
VAL CB   C  N N 391 
VAL CG1  C  N N 392 
VAL CG2  C  N N 393 
VAL OXT  O  N N 394 
VAL H    H  N N 395 
VAL H2   H  N N 396 
VAL HA   H  N N 397 
VAL HB   H  N N 398 
VAL HG11 H  N N 399 
VAL HG12 H  N N 400 
VAL HG13 H  N N 401 
VAL HG21 H  N N 402 
VAL HG22 H  N N 403 
VAL HG23 H  N N 404 
VAL HXT  H  N N 405 
# 
loop_
_chem_comp_bond.comp_id 
_chem_comp_bond.atom_id_1 
_chem_comp_bond.atom_id_2 
_chem_comp_bond.value_order 
_chem_comp_bond.pdbx_aromatic_flag 
_chem_comp_bond.pdbx_stereo_config 
_chem_comp_bond.pdbx_ordinal 
5VM CLB CAH  sing N N 1   
5VM CAE CAH  doub Y N 2   
5VM CAE CAJ  sing Y N 3   
5VM NAF CAJ  sing N N 4   
5VM NAF CAI  sing N N 5   
5VM CAH CAC  sing Y N 6   
5VM CAJ CAK  doub Y N 7   
5VM CAI SAA  doub N N 8   
5VM CAI OAG  sing N N 9   
5VM CAC CAD  doub Y N 10  
5VM CAK OAG  sing N N 11  
5VM CAK CAD  sing Y N 12  
5VM CAD H1   sing N N 13  
5VM CAC H2   sing N N 14  
5VM CAE H3   sing N N 15  
5VM NAF H4   sing N N 16  
ALA N   CA   sing N N 17  
ALA N   H    sing N N 18  
ALA N   H2   sing N N 19  
ALA CA  C    sing N N 20  
ALA CA  CB   sing N N 21  
ALA CA  HA   sing N N 22  
ALA C   O    doub N N 23  
ALA C   OXT  sing N N 24  
ALA CB  HB1  sing N N 25  
ALA CB  HB2  sing N N 26  
ALA CB  HB3  sing N N 27  
ALA OXT HXT  sing N N 28  
ARG N   CA   sing N N 29  
ARG N   H    sing N N 30  
ARG N   H2   sing N N 31  
ARG CA  C    sing N N 32  
ARG CA  CB   sing N N 33  
ARG CA  HA   sing N N 34  
ARG C   O    doub N N 35  
ARG C   OXT  sing N N 36  
ARG CB  CG   sing N N 37  
ARG CB  HB2  sing N N 38  
ARG CB  HB3  sing N N 39  
ARG CG  CD   sing N N 40  
ARG CG  HG2  sing N N 41  
ARG CG  HG3  sing N N 42  
ARG CD  NE   sing N N 43  
ARG CD  HD2  sing N N 44  
ARG CD  HD3  sing N N 45  
ARG NE  CZ   sing N N 46  
ARG NE  HE   sing N N 47  
ARG CZ  NH1  sing N N 48  
ARG CZ  NH2  doub N N 49  
ARG NH1 HH11 sing N N 50  
ARG NH1 HH12 sing N N 51  
ARG NH2 HH21 sing N N 52  
ARG NH2 HH22 sing N N 53  
ARG OXT HXT  sing N N 54  
ASN N   CA   sing N N 55  
ASN N   H    sing N N 56  
ASN N   H2   sing N N 57  
ASN CA  C    sing N N 58  
ASN CA  CB   sing N N 59  
ASN CA  HA   sing N N 60  
ASN C   O    doub N N 61  
ASN C   OXT  sing N N 62  
ASN CB  CG   sing N N 63  
ASN CB  HB2  sing N N 64  
ASN CB  HB3  sing N N 65  
ASN CG  OD1  doub N N 66  
ASN CG  ND2  sing N N 67  
ASN ND2 HD21 sing N N 68  
ASN ND2 HD22 sing N N 69  
ASN OXT HXT  sing N N 70  
ASP N   CA   sing N N 71  
ASP N   H    sing N N 72  
ASP N   H2   sing N N 73  
ASP CA  C    sing N N 74  
ASP CA  CB   sing N N 75  
ASP CA  HA   sing N N 76  
ASP C   O    doub N N 77  
ASP C   OXT  sing N N 78  
ASP CB  CG   sing N N 79  
ASP CB  HB2  sing N N 80  
ASP CB  HB3  sing N N 81  
ASP CG  OD1  doub N N 82  
ASP CG  OD2  sing N N 83  
ASP OD2 HD2  sing N N 84  
ASP OXT HXT  sing N N 85  
CYS N   CA   sing N N 86  
CYS N   H    sing N N 87  
CYS N   H2   sing N N 88  
CYS CA  C    sing N N 89  
CYS CA  CB   sing N N 90  
CYS CA  HA   sing N N 91  
CYS C   O    doub N N 92  
CYS C   OXT  sing N N 93  
CYS CB  SG   sing N N 94  
CYS CB  HB2  sing N N 95  
CYS CB  HB3  sing N N 96  
CYS SG  HG   sing N N 97  
CYS OXT HXT  sing N N 98  
GLN N   CA   sing N N 99  
GLN N   H    sing N N 100 
GLN N   H2   sing N N 101 
GLN CA  C    sing N N 102 
GLN CA  CB   sing N N 103 
GLN CA  HA   sing N N 104 
GLN C   O    doub N N 105 
GLN C   OXT  sing N N 106 
GLN CB  CG   sing N N 107 
GLN CB  HB2  sing N N 108 
GLN CB  HB3  sing N N 109 
GLN CG  CD   sing N N 110 
GLN CG  HG2  sing N N 111 
GLN CG  HG3  sing N N 112 
GLN CD  OE1  doub N N 113 
GLN CD  NE2  sing N N 114 
GLN NE2 HE21 sing N N 115 
GLN NE2 HE22 sing N N 116 
GLN OXT HXT  sing N N 117 
GLU N   CA   sing N N 118 
GLU N   H    sing N N 119 
GLU N   H2   sing N N 120 
GLU CA  C    sing N N 121 
GLU CA  CB   sing N N 122 
GLU CA  HA   sing N N 123 
GLU C   O    doub N N 124 
GLU C   OXT  sing N N 125 
GLU CB  CG   sing N N 126 
GLU CB  HB2  sing N N 127 
GLU CB  HB3  sing N N 128 
GLU CG  CD   sing N N 129 
GLU CG  HG2  sing N N 130 
GLU CG  HG3  sing N N 131 
GLU CD  OE1  doub N N 132 
GLU CD  OE2  sing N N 133 
GLU OE2 HE2  sing N N 134 
GLU OXT HXT  sing N N 135 
GLY N   CA   sing N N 136 
GLY N   H    sing N N 137 
GLY N   H2   sing N N 138 
GLY CA  C    sing N N 139 
GLY CA  HA2  sing N N 140 
GLY CA  HA3  sing N N 141 
GLY C   O    doub N N 142 
GLY C   OXT  sing N N 143 
GLY OXT HXT  sing N N 144 
HIS N   CA   sing N N 145 
HIS N   H    sing N N 146 
HIS N   H2   sing N N 147 
HIS CA  C    sing N N 148 
HIS CA  CB   sing N N 149 
HIS CA  HA   sing N N 150 
HIS C   O    doub N N 151 
HIS C   OXT  sing N N 152 
HIS CB  CG   sing N N 153 
HIS CB  HB2  sing N N 154 
HIS CB  HB3  sing N N 155 
HIS CG  ND1  sing Y N 156 
HIS CG  CD2  doub Y N 157 
HIS ND1 CE1  doub Y N 158 
HIS ND1 HD1  sing N N 159 
HIS CD2 NE2  sing Y N 160 
HIS CD2 HD2  sing N N 161 
HIS CE1 NE2  sing Y N 162 
HIS CE1 HE1  sing N N 163 
HIS NE2 HE2  sing N N 164 
HIS OXT HXT  sing N N 165 
HOH O   H1   sing N N 166 
HOH O   H2   sing N N 167 
ILE N   CA   sing N N 168 
ILE N   H    sing N N 169 
ILE N   H2   sing N N 170 
ILE CA  C    sing N N 171 
ILE CA  CB   sing N N 172 
ILE CA  HA   sing N N 173 
ILE C   O    doub N N 174 
ILE C   OXT  sing N N 175 
ILE CB  CG1  sing N N 176 
ILE CB  CG2  sing N N 177 
ILE CB  HB   sing N N 178 
ILE CG1 CD1  sing N N 179 
ILE CG1 HG12 sing N N 180 
ILE CG1 HG13 sing N N 181 
ILE CG2 HG21 sing N N 182 
ILE CG2 HG22 sing N N 183 
ILE CG2 HG23 sing N N 184 
ILE CD1 HD11 sing N N 185 
ILE CD1 HD12 sing N N 186 
ILE CD1 HD13 sing N N 187 
ILE OXT HXT  sing N N 188 
LEU N   CA   sing N N 189 
LEU N   H    sing N N 190 
LEU N   H2   sing N N 191 
LEU CA  C    sing N N 192 
LEU CA  CB   sing N N 193 
LEU CA  HA   sing N N 194 
LEU C   O    doub N N 195 
LEU C   OXT  sing N N 196 
LEU CB  CG   sing N N 197 
LEU CB  HB2  sing N N 198 
LEU CB  HB3  sing N N 199 
LEU CG  CD1  sing N N 200 
LEU CG  CD2  sing N N 201 
LEU CG  HG   sing N N 202 
LEU CD1 HD11 sing N N 203 
LEU CD1 HD12 sing N N 204 
LEU CD1 HD13 sing N N 205 
LEU CD2 HD21 sing N N 206 
LEU CD2 HD22 sing N N 207 
LEU CD2 HD23 sing N N 208 
LEU OXT HXT  sing N N 209 
LYS N   CA   sing N N 210 
LYS N   H    sing N N 211 
LYS N   H2   sing N N 212 
LYS CA  C    sing N N 213 
LYS CA  CB   sing N N 214 
LYS CA  HA   sing N N 215 
LYS C   O    doub N N 216 
LYS C   OXT  sing N N 217 
LYS CB  CG   sing N N 218 
LYS CB  HB2  sing N N 219 
LYS CB  HB3  sing N N 220 
LYS CG  CD   sing N N 221 
LYS CG  HG2  sing N N 222 
LYS CG  HG3  sing N N 223 
LYS CD  CE   sing N N 224 
LYS CD  HD2  sing N N 225 
LYS CD  HD3  sing N N 226 
LYS CE  NZ   sing N N 227 
LYS CE  HE2  sing N N 228 
LYS CE  HE3  sing N N 229 
LYS NZ  HZ1  sing N N 230 
LYS NZ  HZ2  sing N N 231 
LYS NZ  HZ3  sing N N 232 
LYS OXT HXT  sing N N 233 
MET N   CA   sing N N 234 
MET N   H    sing N N 235 
MET N   H2   sing N N 236 
MET CA  C    sing N N 237 
MET CA  CB   sing N N 238 
MET CA  HA   sing N N 239 
MET C   O    doub N N 240 
MET C   OXT  sing N N 241 
MET CB  CG   sing N N 242 
MET CB  HB2  sing N N 243 
MET CB  HB3  sing N N 244 
MET CG  SD   sing N N 245 
MET CG  HG2  sing N N 246 
MET CG  HG3  sing N N 247 
MET SD  CE   sing N N 248 
MET CE  HE1  sing N N 249 
MET CE  HE2  sing N N 250 
MET CE  HE3  sing N N 251 
MET OXT HXT  sing N N 252 
PHE N   CA   sing N N 253 
PHE N   H    sing N N 254 
PHE N   H2   sing N N 255 
PHE CA  C    sing N N 256 
PHE CA  CB   sing N N 257 
PHE CA  HA   sing N N 258 
PHE C   O    doub N N 259 
PHE C   OXT  sing N N 260 
PHE CB  CG   sing N N 261 
PHE CB  HB2  sing N N 262 
PHE CB  HB3  sing N N 263 
PHE CG  CD1  doub Y N 264 
PHE CG  CD2  sing Y N 265 
PHE CD1 CE1  sing Y N 266 
PHE CD1 HD1  sing N N 267 
PHE CD2 CE2  doub Y N 268 
PHE CD2 HD2  sing N N 269 
PHE CE1 CZ   doub Y N 270 
PHE CE1 HE1  sing N N 271 
PHE CE2 CZ   sing Y N 272 
PHE CE2 HE2  sing N N 273 
PHE CZ  HZ   sing N N 274 
PHE OXT HXT  sing N N 275 
PRO N   CA   sing N N 276 
PRO N   CD   sing N N 277 
PRO N   H    sing N N 278 
PRO CA  C    sing N N 279 
PRO CA  CB   sing N N 280 
PRO CA  HA   sing N N 281 
PRO C   O    doub N N 282 
PRO C   OXT  sing N N 283 
PRO CB  CG   sing N N 284 
PRO CB  HB2  sing N N 285 
PRO CB  HB3  sing N N 286 
PRO CG  CD   sing N N 287 
PRO CG  HG2  sing N N 288 
PRO CG  HG3  sing N N 289 
PRO CD  HD2  sing N N 290 
PRO CD  HD3  sing N N 291 
PRO OXT HXT  sing N N 292 
SER N   CA   sing N N 293 
SER N   H    sing N N 294 
SER N   H2   sing N N 295 
SER CA  C    sing N N 296 
SER CA  CB   sing N N 297 
SER CA  HA   sing N N 298 
SER C   O    doub N N 299 
SER C   OXT  sing N N 300 
SER CB  OG   sing N N 301 
SER CB  HB2  sing N N 302 
SER CB  HB3  sing N N 303 
SER OG  HG   sing N N 304 
SER OXT HXT  sing N N 305 
THR N   CA   sing N N 306 
THR N   H    sing N N 307 
THR N   H2   sing N N 308 
THR CA  C    sing N N 309 
THR CA  CB   sing N N 310 
THR CA  HA   sing N N 311 
THR C   O    doub N N 312 
THR C   OXT  sing N N 313 
THR CB  OG1  sing N N 314 
THR CB  CG2  sing N N 315 
THR CB  HB   sing N N 316 
THR OG1 HG1  sing N N 317 
THR CG2 HG21 sing N N 318 
THR CG2 HG22 sing N N 319 
THR CG2 HG23 sing N N 320 
THR OXT HXT  sing N N 321 
TRP N   CA   sing N N 322 
TRP N   H    sing N N 323 
TRP N   H2   sing N N 324 
TRP CA  C    sing N N 325 
TRP CA  CB   sing N N 326 
TRP CA  HA   sing N N 327 
TRP C   O    doub N N 328 
TRP C   OXT  sing N N 329 
TRP CB  CG   sing N N 330 
TRP CB  HB2  sing N N 331 
TRP CB  HB3  sing N N 332 
TRP CG  CD1  doub Y N 333 
TRP CG  CD2  sing Y N 334 
TRP CD1 NE1  sing Y N 335 
TRP CD1 HD1  sing N N 336 
TRP CD2 CE2  doub Y N 337 
TRP CD2 CE3  sing Y N 338 
TRP NE1 CE2  sing Y N 339 
TRP NE1 HE1  sing N N 340 
TRP CE2 CZ2  sing Y N 341 
TRP CE3 CZ3  doub Y N 342 
TRP CE3 HE3  sing N N 343 
TRP CZ2 CH2  doub Y N 344 
TRP CZ2 HZ2  sing N N 345 
TRP CZ3 CH2  sing Y N 346 
TRP CZ3 HZ3  sing N N 347 
TRP CH2 HH2  sing N N 348 
TRP OXT HXT  sing N N 349 
TYR N   CA   sing N N 350 
TYR N   H    sing N N 351 
TYR N   H2   sing N N 352 
TYR CA  C    sing N N 353 
TYR CA  CB   sing N N 354 
TYR CA  HA   sing N N 355 
TYR C   O    doub N N 356 
TYR C   OXT  sing N N 357 
TYR CB  CG   sing N N 358 
TYR CB  HB2  sing N N 359 
TYR CB  HB3  sing N N 360 
TYR CG  CD1  doub Y N 361 
TYR CG  CD2  sing Y N 362 
TYR CD1 CE1  sing Y N 363 
TYR CD1 HD1  sing N N 364 
TYR CD2 CE2  doub Y N 365 
TYR CD2 HD2  sing N N 366 
TYR CE1 CZ   doub Y N 367 
TYR CE1 HE1  sing N N 368 
TYR CE2 CZ   sing Y N 369 
TYR CE2 HE2  sing N N 370 
TYR CZ  OH   sing N N 371 
TYR OH  HH   sing N N 372 
TYR OXT HXT  sing N N 373 
VAL N   CA   sing N N 374 
VAL N   H    sing N N 375 
VAL N   H2   sing N N 376 
VAL CA  C    sing N N 377 
VAL CA  CB   sing N N 378 
VAL CA  HA   sing N N 379 
VAL C   O    doub N N 380 
VAL C   OXT  sing N N 381 
VAL CB  CG1  sing N N 382 
VAL CB  CG2  sing N N 383 
VAL CB  HB   sing N N 384 
VAL CG1 HG11 sing N N 385 
VAL CG1 HG12 sing N N 386 
VAL CG1 HG13 sing N N 387 
VAL CG2 HG21 sing N N 388 
VAL CG2 HG22 sing N N 389 
VAL CG2 HG23 sing N N 390 
VAL OXT HXT  sing N N 391 
# 
loop_
_pdbx_entity_nonpoly.entity_id 
_pdbx_entity_nonpoly.name 
_pdbx_entity_nonpoly.comp_id 
2 '5-chloranyl-3~{H}-1,3-benzoxazole-2-thione' 5VM 
3 water                                        HOH 
# 
_pdbx_initial_refinement_model.id               1 
_pdbx_initial_refinement_model.entity_id_list   ? 
_pdbx_initial_refinement_model.type             'experimental model' 
_pdbx_initial_refinement_model.source_name      PDB 
_pdbx_initial_refinement_model.accession_code   1U9B 
_pdbx_initial_refinement_model.details          ? 
# 
